data_2BS2
#
_entry.id   2BS2
#
_cell.length_a   85.104
_cell.length_b   188.766
_cell.length_c   117.817
_cell.angle_alpha   90.00
_cell.angle_beta   104.47
_cell.angle_gamma   90.00
#
_symmetry.space_group_name_H-M   'P 1 21 1'
#
loop_
_entity.id
_entity.type
_entity.pdbx_description
1 polymer 'QUINOL-FUMARATE REDUCTASE FLAVOPROTEIN SUBUNIT A'
2 polymer 'QUINOL-FUMARATE REDUCTASE IRON-SULFUR SUBUNIT B'
3 polymer 'QUINOL-FUMARATE REDUCTASE DIHEME CYTOCHROME B SUBUNIT C'
4 non-polymer 'FLAVIN-ADENINE DINUCLEOTIDE'
5 non-polymer 'FUMARIC ACID'
6 non-polymer 'SODIUM ION'
7 non-polymer 'FE2/S2 (INORGANIC) CLUSTER'
8 non-polymer 'FE3-S4 CLUSTER'
9 non-polymer 'IRON/SULFUR CLUSTER'
10 non-polymer 'PROTOPORPHYRIN IX CONTAINING FE'
11 non-polymer DODECYL-BETA-D-MALTOSIDE
12 water water
#
loop_
_entity_poly.entity_id
_entity_poly.type
_entity_poly.pdbx_seq_one_letter_code
_entity_poly.pdbx_strand_id
1 'polypeptide(L)'
;MKVQYCDSLVIGGGLAGLRAAVATQQKGLSTIVLSLIPVKRSHSAAAQGGMQASLGNSKMSDGDNEDLHFMDTVKGSDWG
CDQKVARMFVNTAPKAIRELAAWGVPWTRIHKGDRMAIINAQKTTITEEDFRHGLIHSRDFGGTKKWRTCYTADATGHTM
LFAVANECLKLGVSIQDRKEAIALIHQDGKCYGAVVRDLVTGDIIAYVAKGTLIATGGYGRIYKNTTNAVVCEGTGTAIA
LETGIAQLGNMEAVQFHPTPLFPSGILLTEGCRGDGGILRDVDGHRFMPDYEPEKKELASRDVVSRRMIEHIRKGKGVQS
PYGQHLWLDISILGRKHIETNLRDVQEICEYFAGIDPAEKWAPVLPMQHYSMGGIRTDYRGEAKLKGLFSAGEAACWDMH
GFNRLGGNSVSEAVVAGMIVGEYFAEHCANTQVDLETKTLEKFVKGQEAYMKSLVESKGTEDVFKIKNRMKDVMDDNVGI
FRDGPHLEKAVKELEELYKKSKNVGIKNKRLHANPELEEAYRVPMMLKVALCVAKGALDRTESRGAHNREDYPKRDDINW
LNRTLASWPNPEQTLPTLEYEALDVNEMEIAPGYRGYGAKGNYIENPLSVKRQEEIDKIQSELEAAGKDRHAIQEALMPY
ELPAKYKARNERLGDKQRRR
;
A,D
2 'polypeptide(L)'
;MGRMLTIRVFKYDPQSAVSKPHFQEYKIEEAPSMTIFIVLNMIRETYDPDLNFDFVCRAGICGSCGMMINGRPSLACRTL
TKDFEDGVITLLPLPAFKLIKDLSVDTGNWFNGMSQRVESWIHAQKEHDISKLEERIEPEVAQEVFELDRCIECGCCIAA
CGTKIMREDFVGAAGLNRVVRFMIDPHDERTDEDYYELIGDDDGVFGCMTLLACHDVCPKNLPLQSKIAYLRRKMVSVNM
S
;
B,E
3 'polypeptide(L)'
;MTNESILESYSGVTPERKKSRMPAKLDWWQSATGLFLGLFMIGHMFFVSTILLGDNVMLWVTKKFELDFIFEGGKPIVVS
FLAAFVFAVFIAHAFLAMRKFPINYRQYLTFKTHKDLMRHGDTTLWWIQAMTGFAMFFLGSVHLYIMMTQPQTIGPVSSS
FRMVSEWMWPLYLVLLFAVELHGSVGLYRLAVKWGWFDGETPDKTRANLKKLKTLMSAFLIVLGLLTFGAYVKKGLEQTD
PNIDYKYFDYKRTHEE
;
C,F
#
loop_
_chem_comp.id
_chem_comp.type
_chem_comp.name
_chem_comp.formula
F3S non-polymer 'FE3-S4 CLUSTER' 'Fe3 S4'
FAD non-polymer 'FLAVIN-ADENINE DINUCLEOTIDE' 'C27 H33 N9 O15 P2'
FES non-polymer 'FE2/S2 (INORGANIC) CLUSTER' 'Fe2 S2'
FUM non-polymer 'FUMARIC ACID' 'C4 H4 O4'
HEM non-polymer 'PROTOPORPHYRIN IX CONTAINING FE' 'C34 H32 Fe N4 O4'
LMT D-saccharide DODECYL-BETA-D-MALTOSIDE 'C24 H46 O11'
NA non-polymer 'SODIUM ION' 'Na 1'
SF4 non-polymer 'IRON/SULFUR CLUSTER' 'Fe4 S4'
#
# COMPACT_ATOMS: atom_id res chain seq x y z
N MET A 1 22.44 -2.79 7.69
CA MET A 1 22.41 -1.31 7.49
C MET A 1 21.38 -0.93 6.43
N LYS A 2 20.69 0.18 6.67
N LYS A 2 20.70 0.19 6.67
CA LYS A 2 19.70 0.67 5.72
CA LYS A 2 19.70 0.68 5.73
C LYS A 2 20.31 1.78 4.90
C LYS A 2 20.31 1.79 4.89
N VAL A 3 20.26 1.63 3.58
CA VAL A 3 20.80 2.61 2.67
C VAL A 3 19.82 2.91 1.56
N GLN A 4 19.69 4.20 1.24
N GLN A 4 19.70 4.20 1.25
CA GLN A 4 18.81 4.65 0.18
CA GLN A 4 18.82 4.68 0.19
C GLN A 4 19.66 5.45 -0.79
C GLN A 4 19.68 5.45 -0.79
N TYR A 5 19.51 5.17 -2.08
CA TYR A 5 20.26 5.86 -3.10
C TYR A 5 19.34 6.61 -4.04
N CYS A 6 19.83 7.77 -4.48
CA CYS A 6 19.13 8.60 -5.45
C CYS A 6 20.26 9.40 -6.08
N ASP A 7 20.02 9.94 -7.26
CA ASP A 7 21.05 10.72 -7.93
C ASP A 7 21.17 12.09 -7.28
N SER A 8 20.03 12.65 -6.90
CA SER A 8 19.99 13.98 -6.32
C SER A 8 19.21 13.98 -5.01
N LEU A 9 19.91 14.25 -3.92
CA LEU A 9 19.28 14.30 -2.61
C LEU A 9 19.01 15.76 -2.21
N VAL A 10 17.76 16.07 -1.89
CA VAL A 10 17.40 17.41 -1.48
C VAL A 10 16.90 17.36 -0.05
N ILE A 11 17.54 18.13 0.81
CA ILE A 11 17.15 18.20 2.21
C ILE A 11 16.39 19.51 2.42
N GLY A 12 15.07 19.41 2.58
CA GLY A 12 14.26 20.59 2.77
C GLY A 12 13.15 20.63 1.74
N GLY A 13 11.90 20.78 2.20
CA GLY A 13 10.79 20.81 1.28
C GLY A 13 10.06 22.14 1.15
N GLY A 14 10.82 23.23 1.20
CA GLY A 14 10.22 24.54 1.06
C GLY A 14 10.30 24.91 -0.40
N LEU A 15 10.09 26.19 -0.72
CA LEU A 15 10.13 26.63 -2.11
C LEU A 15 11.45 26.32 -2.81
N ALA A 16 12.55 26.57 -2.12
CA ALA A 16 13.87 26.32 -2.69
C ALA A 16 14.14 24.83 -2.94
N GLY A 17 13.92 24.00 -1.93
CA GLY A 17 14.16 22.58 -2.10
C GLY A 17 13.28 21.93 -3.17
N LEU A 18 11.98 22.19 -3.11
CA LEU A 18 11.06 21.61 -4.08
C LEU A 18 11.34 22.08 -5.52
N ARG A 19 11.67 23.36 -5.70
CA ARG A 19 11.94 23.86 -7.04
C ARG A 19 13.21 23.23 -7.59
N ALA A 20 14.19 23.01 -6.71
CA ALA A 20 15.44 22.41 -7.14
C ALA A 20 15.17 20.95 -7.53
N ALA A 21 14.30 20.30 -6.78
CA ALA A 21 13.93 18.91 -7.06
C ALA A 21 13.24 18.80 -8.43
N VAL A 22 12.50 19.83 -8.81
CA VAL A 22 11.83 19.83 -10.12
C VAL A 22 12.93 19.86 -11.17
N ALA A 23 13.91 20.73 -10.95
CA ALA A 23 15.04 20.87 -11.87
C ALA A 23 15.80 19.57 -12.13
N THR A 24 16.04 18.78 -11.09
CA THR A 24 16.77 17.52 -11.26
C THR A 24 15.89 16.39 -11.80
N GLN A 25 14.69 16.28 -11.26
CA GLN A 25 13.78 15.22 -11.69
C GLN A 25 13.38 15.36 -13.16
N GLN A 26 13.24 16.59 -13.66
CA GLN A 26 12.83 16.75 -15.05
C GLN A 26 13.86 16.24 -16.04
N LYS A 27 15.13 16.19 -15.64
CA LYS A 27 16.14 15.69 -16.55
C LYS A 27 16.47 14.22 -16.35
N GLY A 28 15.58 13.51 -15.66
CA GLY A 28 15.78 12.10 -15.47
C GLY A 28 16.58 11.62 -14.27
N LEU A 29 17.02 12.54 -13.43
CA LEU A 29 17.79 12.15 -12.25
C LEU A 29 16.82 11.75 -11.15
N SER A 30 17.04 10.59 -10.54
CA SER A 30 16.16 10.17 -9.46
C SER A 30 16.45 11.10 -8.28
N THR A 31 15.41 11.75 -7.78
CA THR A 31 15.63 12.65 -6.66
C THR A 31 14.66 12.41 -5.53
N ILE A 32 15.19 12.59 -4.33
CA ILE A 32 14.45 12.42 -3.10
C ILE A 32 14.46 13.76 -2.36
N VAL A 33 13.31 14.13 -1.81
CA VAL A 33 13.22 15.35 -1.03
C VAL A 33 12.90 14.88 0.39
N LEU A 34 13.77 15.24 1.34
CA LEU A 34 13.55 14.88 2.74
C LEU A 34 13.00 16.09 3.46
N SER A 35 12.09 15.88 4.40
CA SER A 35 11.50 17.01 5.12
C SER A 35 11.04 16.60 6.50
N LEU A 36 11.17 17.51 7.46
CA LEU A 36 10.72 17.23 8.82
C LEU A 36 9.21 17.05 8.82
N ILE A 37 8.56 17.79 7.95
CA ILE A 37 7.10 17.86 7.88
C ILE A 37 6.60 17.77 6.44
N PRO A 38 5.28 17.57 6.26
CA PRO A 38 4.72 17.49 4.90
C PRO A 38 5.23 18.78 4.26
N VAL A 39 5.71 18.70 3.03
CA VAL A 39 6.30 19.87 2.40
C VAL A 39 5.43 21.12 2.26
N LYS A 40 4.12 20.93 2.08
CA LYS A 40 3.24 22.08 1.92
C LYS A 40 3.00 22.83 3.23
N ARG A 41 3.65 22.38 4.31
CA ARG A 41 3.50 23.05 5.58
C ARG A 41 4.75 23.84 5.96
N SER A 42 5.72 23.88 5.05
CA SER A 42 6.98 24.60 5.24
C SER A 42 6.75 26.10 5.50
N HIS A 43 7.70 26.75 6.17
CA HIS A 43 7.53 28.17 6.48
C HIS A 43 7.18 29.06 5.30
N SER A 44 7.63 28.67 4.11
CA SER A 44 7.36 29.41 2.89
C SER A 44 5.87 29.70 2.75
N ALA A 45 5.04 28.80 3.27
CA ALA A 45 3.59 28.96 3.17
C ALA A 45 3.03 30.19 3.88
N ALA A 46 3.79 30.76 4.81
CA ALA A 46 3.34 31.92 5.57
C ALA A 46 3.55 33.29 4.92
N ALA A 47 4.27 33.34 3.80
CA ALA A 47 4.51 34.63 3.15
C ALA A 47 3.23 35.28 2.64
N GLN A 48 2.94 36.49 3.09
CA GLN A 48 1.75 37.20 2.66
C GLN A 48 2.07 38.51 1.98
N GLY A 49 3.30 38.98 2.15
CA GLY A 49 3.72 40.22 1.52
C GLY A 49 3.68 40.08 0.01
N GLY A 50 4.50 39.17 -0.51
CA GLY A 50 4.55 38.96 -1.95
C GLY A 50 5.94 38.65 -2.46
N MET A 51 6.05 38.56 -3.77
CA MET A 51 7.32 38.25 -4.42
C MET A 51 7.78 39.37 -5.36
N GLN A 52 9.03 39.78 -5.17
CA GLN A 52 9.62 40.84 -5.97
C GLN A 52 10.16 40.34 -7.32
N ALA A 53 9.72 41.00 -8.40
CA ALA A 53 10.15 40.66 -9.76
C ALA A 53 9.83 41.86 -10.67
N SER A 54 10.80 42.26 -11.49
CA SER A 54 10.61 43.42 -12.37
C SER A 54 9.80 43.18 -13.65
N LEU A 55 8.50 42.93 -13.49
CA LEU A 55 7.62 42.68 -14.64
C LEU A 55 7.30 43.97 -15.38
N GLY A 56 7.01 45.03 -14.63
CA GLY A 56 6.69 46.32 -15.22
C GLY A 56 5.34 46.36 -15.91
N ASN A 57 4.39 45.56 -15.43
CA ASN A 57 3.04 45.49 -16.00
C ASN A 57 2.15 46.67 -15.63
N SER A 58 2.01 46.91 -14.33
CA SER A 58 1.13 47.97 -13.83
C SER A 58 1.67 49.38 -13.94
N LYS A 59 0.78 50.34 -13.77
CA LYS A 59 1.13 51.76 -13.85
C LYS A 59 2.28 52.12 -12.90
N MET A 60 2.18 51.67 -11.65
CA MET A 60 3.23 51.97 -10.67
C MET A 60 4.49 51.12 -10.87
N SER A 61 4.45 50.22 -11.85
CA SER A 61 5.59 49.36 -12.17
C SER A 61 6.18 49.77 -13.50
N ASP A 62 5.53 50.71 -14.17
CA ASP A 62 5.96 51.19 -15.48
C ASP A 62 7.42 51.64 -15.51
N GLY A 63 8.18 51.09 -16.46
CA GLY A 63 9.58 51.45 -16.58
C GLY A 63 10.53 50.61 -15.75
N ASP A 64 9.99 49.73 -14.93
CA ASP A 64 10.83 48.89 -14.09
C ASP A 64 11.57 47.85 -14.93
N ASN A 65 12.79 47.52 -14.53
CA ASN A 65 13.57 46.50 -15.23
C ASN A 65 14.62 45.91 -14.30
N GLU A 66 15.47 45.04 -14.84
CA GLU A 66 16.51 44.37 -14.06
C GLU A 66 17.46 45.33 -13.34
N ASP A 67 17.82 46.43 -13.99
CA ASP A 67 18.75 47.39 -13.40
C ASP A 67 18.21 48.06 -12.14
N LEU A 68 16.93 48.42 -12.15
CA LEU A 68 16.34 49.07 -10.99
C LEU A 68 16.19 48.11 -9.83
N HIS A 69 15.82 46.87 -10.13
CA HIS A 69 15.65 45.86 -9.09
C HIS A 69 17.04 45.58 -8.51
N PHE A 70 18.02 45.52 -9.41
CA PHE A 70 19.40 45.26 -9.02
C PHE A 70 19.88 46.33 -8.03
N MET A 71 19.72 47.59 -8.41
CA MET A 71 20.16 48.68 -7.54
C MET A 71 19.48 48.66 -6.18
N ASP A 72 18.17 48.40 -6.16
CA ASP A 72 17.47 48.36 -4.88
C ASP A 72 18.07 47.25 -4.01
N THR A 73 18.36 46.11 -4.63
CA THR A 73 18.94 44.98 -3.93
C THR A 73 20.33 45.24 -3.36
N VAL A 74 21.23 45.77 -4.18
CA VAL A 74 22.60 46.05 -3.73
C VAL A 74 22.63 47.12 -2.63
N LYS A 75 21.98 48.25 -2.86
CA LYS A 75 21.99 49.31 -1.86
C LYS A 75 21.30 48.82 -0.58
N GLY A 76 20.27 47.99 -0.74
CA GLY A 76 19.59 47.46 0.41
C GLY A 76 20.51 46.59 1.25
N SER A 77 21.38 45.84 0.57
CA SER A 77 22.32 44.94 1.23
C SER A 77 23.45 45.68 1.94
N ASP A 78 23.48 47.00 1.79
CA ASP A 78 24.53 47.83 2.39
C ASP A 78 25.88 47.35 1.88
N TRP A 79 25.87 46.93 0.62
CA TRP A 79 27.05 46.44 -0.09
C TRP A 79 27.71 45.17 0.45
N GLY A 80 26.94 44.37 1.19
CA GLY A 80 27.50 43.12 1.70
C GLY A 80 27.24 41.95 0.78
N CYS A 81 26.46 42.16 -0.28
CA CYS A 81 26.11 41.08 -1.21
C CYS A 81 27.12 40.87 -2.33
N ASP A 82 27.04 39.71 -2.96
CA ASP A 82 27.89 39.41 -4.11
C ASP A 82 27.03 39.97 -5.24
N GLN A 83 27.50 41.05 -5.85
CA GLN A 83 26.72 41.68 -6.91
C GLN A 83 26.44 40.81 -8.13
N LYS A 84 27.37 39.93 -8.47
CA LYS A 84 27.16 39.04 -9.61
C LYS A 84 25.96 38.15 -9.33
N VAL A 85 25.83 37.70 -8.08
CA VAL A 85 24.71 36.85 -7.70
C VAL A 85 23.41 37.64 -7.80
N ALA A 86 23.42 38.87 -7.30
CA ALA A 86 22.24 39.73 -7.35
C ALA A 86 21.78 39.90 -8.80
N ARG A 87 22.73 40.00 -9.72
CA ARG A 87 22.40 40.14 -11.14
C ARG A 87 21.72 38.87 -11.65
N MET A 88 22.28 37.72 -11.28
CA MET A 88 21.71 36.44 -11.69
C MET A 88 20.26 36.38 -11.23
N PHE A 89 20.04 36.83 -10.00
CA PHE A 89 18.71 36.83 -9.40
C PHE A 89 17.71 37.74 -10.11
N VAL A 90 18.02 39.03 -10.21
CA VAL A 90 17.10 39.98 -10.84
C VAL A 90 16.71 39.63 -12.27
N ASN A 91 17.62 39.03 -13.01
CA ASN A 91 17.33 38.68 -14.40
C ASN A 91 16.45 37.45 -14.50
N THR A 92 16.43 36.64 -13.44
CA THR A 92 15.65 35.40 -13.44
C THR A 92 14.32 35.49 -12.71
N ALA A 93 14.17 36.45 -11.80
CA ALA A 93 12.92 36.61 -11.06
C ALA A 93 11.70 36.75 -11.96
N PRO A 94 11.81 37.50 -13.07
CA PRO A 94 10.64 37.64 -13.94
C PRO A 94 10.21 36.29 -14.53
N LYS A 95 11.18 35.47 -14.89
CA LYS A 95 10.84 34.17 -15.45
C LYS A 95 10.25 33.25 -14.39
N ALA A 96 10.70 33.39 -13.14
CA ALA A 96 10.14 32.56 -12.07
C ALA A 96 8.65 32.85 -11.94
N ILE A 97 8.28 34.13 -11.96
CA ILE A 97 6.87 34.52 -11.83
C ILE A 97 6.03 33.95 -12.95
N ARG A 98 6.53 34.09 -14.17
CA ARG A 98 5.82 33.61 -15.35
C ARG A 98 5.74 32.09 -15.41
N GLU A 99 6.75 31.40 -14.90
CA GLU A 99 6.68 29.96 -14.91
C GLU A 99 5.61 29.52 -13.92
N LEU A 100 5.58 30.18 -12.77
CA LEU A 100 4.60 29.88 -11.73
C LEU A 100 3.18 30.19 -12.22
N ALA A 101 3.03 31.25 -13.00
CA ALA A 101 1.71 31.60 -13.54
C ALA A 101 1.27 30.48 -14.46
N ALA A 102 2.22 29.91 -15.19
CA ALA A 102 1.94 28.82 -16.12
C ALA A 102 1.58 27.55 -15.36
N TRP A 103 2.09 27.43 -14.14
CA TRP A 103 1.80 26.27 -13.29
C TRP A 103 0.52 26.48 -12.48
N GLY A 104 -0.23 27.52 -12.81
CA GLY A 104 -1.49 27.75 -12.11
C GLY A 104 -1.55 28.69 -10.92
N VAL A 105 -0.40 29.22 -10.48
CA VAL A 105 -0.42 30.13 -9.34
C VAL A 105 -1.37 31.28 -9.71
N PRO A 106 -2.43 31.49 -8.92
CA PRO A 106 -3.40 32.55 -9.18
C PRO A 106 -3.00 33.98 -8.82
N TRP A 107 -2.00 34.50 -9.52
CA TRP A 107 -1.53 35.86 -9.29
C TRP A 107 -2.69 36.83 -9.48
N THR A 108 -2.79 37.82 -8.61
CA THR A 108 -3.84 38.83 -8.72
C THR A 108 -3.55 39.57 -10.01
N ARG A 109 -4.59 39.82 -10.81
CA ARG A 109 -4.43 40.51 -12.08
C ARG A 109 -4.92 41.94 -12.09
N ILE A 110 -4.40 42.70 -13.06
CA ILE A 110 -4.75 44.09 -13.24
C ILE A 110 -6.07 44.20 -14.01
N HIS A 111 -6.91 45.14 -13.61
CA HIS A 111 -8.15 45.39 -14.34
C HIS A 111 -8.09 46.85 -14.75
N LYS A 112 -8.58 47.14 -15.96
CA LYS A 112 -8.56 48.51 -16.48
C LYS A 112 -9.39 49.45 -15.62
N GLY A 113 -8.96 50.70 -15.54
CA GLY A 113 -9.71 51.68 -14.77
C GLY A 113 -8.97 52.39 -13.66
N ASP A 114 -9.68 53.30 -12.99
CA ASP A 114 -9.11 54.06 -11.89
C ASP A 114 -9.11 53.17 -10.67
N ARG A 115 -8.31 53.54 -9.66
N ARG A 115 -8.31 53.54 -9.67
CA ARG A 115 -8.19 52.75 -8.45
CA ARG A 115 -8.22 52.74 -8.45
C ARG A 115 -7.87 53.59 -7.23
C ARG A 115 -7.88 53.61 -7.24
N MET A 116 -8.58 53.34 -6.14
CA MET A 116 -8.36 54.05 -4.88
C MET A 116 -7.08 53.47 -4.29
N ALA A 117 -5.98 54.20 -4.39
CA ALA A 117 -4.72 53.70 -3.86
C ALA A 117 -4.02 54.68 -2.92
N ILE A 118 -3.15 54.13 -2.07
CA ILE A 118 -2.39 54.92 -1.11
C ILE A 118 -0.95 55.04 -1.62
N ILE A 119 -0.45 56.27 -1.71
CA ILE A 119 0.90 56.51 -2.18
C ILE A 119 1.74 57.17 -1.09
N ASN A 120 1.07 57.92 -0.21
CA ASN A 120 1.75 58.61 0.88
C ASN A 120 2.79 59.59 0.34
N ALA A 121 2.31 60.51 -0.47
CA ALA A 121 3.13 61.55 -1.11
C ALA A 121 2.16 62.27 -2.03
N GLN A 122 1.14 61.53 -2.46
CA GLN A 122 0.08 61.98 -3.33
C GLN A 122 -0.91 60.83 -3.43
N LYS A 123 -1.58 60.55 -2.31
CA LYS A 123 -2.56 59.47 -2.21
C LYS A 123 -3.74 59.65 -3.17
N THR A 124 -3.42 60.01 -4.41
CA THR A 124 -4.40 60.24 -5.45
C THR A 124 -4.92 58.90 -5.99
N THR A 125 -5.53 58.94 -7.17
CA THR A 125 -6.06 57.76 -7.80
C THR A 125 -5.06 57.24 -8.83
N ILE A 126 -5.05 55.92 -9.03
CA ILE A 126 -4.15 55.31 -10.00
C ILE A 126 -5.00 54.74 -11.13
N THR A 127 -4.54 54.94 -12.37
CA THR A 127 -5.28 54.43 -13.52
C THR A 127 -4.46 53.38 -14.25
N GLU A 128 -5.10 52.28 -14.61
CA GLU A 128 -4.44 51.20 -15.33
C GLU A 128 -5.02 51.20 -16.75
N GLU A 129 -4.17 51.37 -17.75
CA GLU A 129 -4.61 51.38 -19.14
C GLU A 129 -5.15 50.04 -19.58
N ASP A 130 -5.86 50.03 -20.70
CA ASP A 130 -6.44 48.80 -21.24
C ASP A 130 -5.44 47.76 -21.66
N PHE A 131 -4.28 48.17 -22.17
CA PHE A 131 -3.27 47.21 -22.60
C PHE A 131 -2.59 46.52 -21.41
N ARG A 132 -2.93 46.92 -20.19
CA ARG A 132 -2.35 46.34 -18.98
C ARG A 132 -3.34 45.35 -18.34
N HIS A 133 -4.60 45.42 -18.79
CA HIS A 133 -5.65 44.56 -18.24
C HIS A 133 -5.33 43.07 -18.37
N GLY A 134 -5.52 42.34 -17.27
CA GLY A 134 -5.28 40.90 -17.28
C GLY A 134 -3.86 40.43 -17.02
N LEU A 135 -2.92 41.35 -16.91
CA LEU A 135 -1.52 40.98 -16.67
C LEU A 135 -1.29 40.90 -15.17
N ILE A 136 -0.15 40.34 -14.77
CA ILE A 136 0.14 40.19 -13.35
C ILE A 136 0.33 41.54 -12.66
N HIS A 137 -0.40 41.73 -11.57
CA HIS A 137 -0.36 42.97 -10.81
C HIS A 137 0.82 43.03 -9.85
N SER A 138 0.97 44.19 -9.21
CA SER A 138 2.05 44.39 -8.25
C SER A 138 1.63 45.43 -7.25
N ARG A 139 2.21 45.38 -6.06
N ARG A 139 2.20 45.39 -6.06
CA ARG A 139 1.85 46.34 -5.02
CA ARG A 139 1.86 46.36 -5.04
C ARG A 139 3.09 46.96 -4.38
C ARG A 139 3.08 46.94 -4.37
N ASP A 140 2.84 47.93 -3.52
CA ASP A 140 3.89 48.63 -2.81
C ASP A 140 4.32 47.79 -1.61
N PHE A 141 5.55 47.31 -1.66
CA PHE A 141 6.10 46.47 -0.60
C PHE A 141 7.62 46.48 -0.67
N GLY A 142 8.27 46.48 0.48
CA GLY A 142 9.72 46.48 0.52
C GLY A 142 10.39 47.84 0.37
N GLY A 143 9.59 48.90 0.35
CA GLY A 143 10.13 50.24 0.22
C GLY A 143 10.76 50.61 -1.11
N THR A 144 10.48 49.85 -2.16
CA THR A 144 11.04 50.16 -3.48
C THR A 144 10.20 51.22 -4.17
N LYS A 145 10.85 52.11 -4.92
CA LYS A 145 10.15 53.18 -5.63
C LYS A 145 9.18 52.58 -6.64
N LYS A 146 9.67 51.61 -7.40
CA LYS A 146 8.85 50.93 -8.40
C LYS A 146 8.13 49.78 -7.70
N TRP A 147 6.80 49.77 -7.77
CA TRP A 147 6.00 48.72 -7.15
C TRP A 147 6.15 47.45 -7.99
N ARG A 148 6.91 46.47 -7.49
CA ARG A 148 7.13 45.25 -8.25
C ARG A 148 6.85 43.98 -7.47
N THR A 149 6.15 44.10 -6.34
CA THR A 149 5.84 42.93 -5.54
C THR A 149 4.56 42.27 -6.04
N CYS A 150 4.70 41.06 -6.57
CA CYS A 150 3.57 40.31 -7.09
C CYS A 150 2.95 39.50 -5.96
N TYR A 151 1.66 39.21 -6.07
CA TYR A 151 0.96 38.50 -5.02
C TYR A 151 -0.31 37.79 -5.49
N THR A 152 -0.73 36.79 -4.72
CA THR A 152 -1.97 36.07 -5.00
C THR A 152 -2.83 36.44 -3.82
N ALA A 153 -3.49 37.59 -3.91
CA ALA A 153 -4.32 38.08 -2.82
C ALA A 153 -3.49 38.09 -1.54
N ASP A 154 -3.99 37.48 -0.48
CA ASP A 154 -3.27 37.48 0.79
C ASP A 154 -2.58 36.18 1.22
N ALA A 155 -2.33 35.28 0.27
CA ALA A 155 -1.67 34.01 0.59
C ALA A 155 -0.66 33.62 -0.50
N THR A 156 0.26 34.52 -0.82
CA THR A 156 1.24 34.27 -1.88
C THR A 156 2.16 33.07 -1.63
N GLY A 157 2.81 33.04 -0.47
CA GLY A 157 3.69 31.93 -0.16
C GLY A 157 2.92 30.61 -0.28
N HIS A 158 1.70 30.62 0.22
CA HIS A 158 0.85 29.44 0.18
C HIS A 158 0.63 28.89 -1.23
N THR A 159 0.16 29.74 -2.15
CA THR A 159 -0.12 29.28 -3.50
C THR A 159 1.15 28.90 -4.25
N MET A 160 2.23 29.61 -3.99
CA MET A 160 3.50 29.31 -4.67
C MET A 160 4.01 27.94 -4.24
N LEU A 161 4.01 27.71 -2.92
CA LEU A 161 4.49 26.45 -2.37
C LEU A 161 3.64 25.29 -2.90
N PHE A 162 2.32 25.44 -2.88
CA PHE A 162 1.45 24.38 -3.38
C PHE A 162 1.69 24.05 -4.86
N ALA A 163 1.95 25.05 -5.69
CA ALA A 163 2.19 24.81 -7.11
C ALA A 163 3.48 24.01 -7.31
N VAL A 164 4.52 24.41 -6.61
CA VAL A 164 5.80 23.73 -6.77
C VAL A 164 5.73 22.31 -6.22
N ALA A 165 5.05 22.14 -5.09
CA ALA A 165 4.91 20.82 -4.49
C ALA A 165 4.13 19.92 -5.44
N ASN A 166 3.09 20.47 -6.05
CA ASN A 166 2.27 19.70 -6.98
C ASN A 166 3.07 19.30 -8.22
N GLU A 167 3.96 20.17 -8.68
CA GLU A 167 4.79 19.84 -9.84
C GLU A 167 5.71 18.68 -9.48
N CYS A 168 6.17 18.66 -8.23
CA CYS A 168 7.01 17.57 -7.77
C CYS A 168 6.22 16.27 -7.81
N LEU A 169 4.97 16.32 -7.39
CA LEU A 169 4.12 15.13 -7.40
C LEU A 169 3.88 14.70 -8.84
N LYS A 170 3.67 15.67 -9.72
CA LYS A 170 3.45 15.36 -11.13
C LYS A 170 4.64 14.61 -11.73
N LEU A 171 5.84 15.08 -11.39
CA LEU A 171 7.07 14.50 -11.91
C LEU A 171 7.54 13.21 -11.26
N GLY A 172 6.90 12.80 -10.17
CA GLY A 172 7.31 11.56 -9.53
C GLY A 172 8.46 11.68 -8.55
N VAL A 173 8.69 12.89 -8.06
CA VAL A 173 9.74 13.11 -7.08
C VAL A 173 9.38 12.32 -5.83
N SER A 174 10.36 11.70 -5.19
CA SER A 174 10.06 10.95 -3.98
C SER A 174 10.08 11.94 -2.82
N ILE A 175 8.90 12.23 -2.27
CA ILE A 175 8.79 13.14 -1.13
C ILE A 175 8.68 12.27 0.12
N GLN A 176 9.67 12.39 1.02
CA GLN A 176 9.66 11.58 2.24
C GLN A 176 9.69 12.50 3.45
N ASP A 177 8.54 12.64 4.11
CA ASP A 177 8.45 13.52 5.27
C ASP A 177 8.73 12.84 6.60
N ARG A 178 8.69 13.63 7.68
CA ARG A 178 8.97 13.12 9.03
C ARG A 178 10.30 12.37 8.95
N LYS A 179 11.23 13.00 8.26
CA LYS A 179 12.56 12.46 8.08
C LYS A 179 13.51 13.63 8.33
N GLU A 180 14.47 13.43 9.22
CA GLU A 180 15.40 14.51 9.56
C GLU A 180 16.86 14.18 9.30
N ALA A 181 17.53 15.06 8.57
CA ALA A 181 18.95 14.86 8.29
C ALA A 181 19.64 15.31 9.58
N ILE A 182 20.43 14.44 10.19
CA ILE A 182 21.11 14.79 11.43
C ILE A 182 22.64 14.85 11.24
N ALA A 183 23.11 14.47 10.07
CA ALA A 183 24.55 14.51 9.78
C ALA A 183 24.79 14.34 8.30
N LEU A 184 25.89 14.91 7.80
CA LEU A 184 26.23 14.78 6.41
C LEU A 184 27.33 13.75 6.29
N ILE A 185 27.26 12.92 5.25
CA ILE A 185 28.26 11.91 5.00
C ILE A 185 29.30 12.54 4.09
N HIS A 186 30.56 12.54 4.50
CA HIS A 186 31.60 13.14 3.68
C HIS A 186 32.92 12.42 3.85
N GLN A 187 33.77 12.50 2.83
CA GLN A 187 35.07 11.85 2.83
C GLN A 187 35.91 12.54 1.77
N ASP A 188 37.18 12.80 2.07
CA ASP A 188 38.10 13.44 1.14
C ASP A 188 37.59 14.79 0.63
N GLY A 189 36.85 15.50 1.46
CA GLY A 189 36.33 16.79 1.06
C GLY A 189 35.15 16.78 0.10
N LYS A 190 34.46 15.65 0.02
CA LYS A 190 33.30 15.54 -0.87
C LYS A 190 32.10 15.04 -0.06
N CYS A 191 30.91 15.50 -0.42
CA CYS A 191 29.69 15.10 0.27
C CYS A 191 29.01 13.98 -0.50
N TYR A 192 28.73 12.87 0.20
CA TYR A 192 28.10 11.73 -0.46
C TYR A 192 26.67 11.49 0.01
N GLY A 193 26.13 12.42 0.79
CA GLY A 193 24.76 12.25 1.26
C GLY A 193 24.56 12.63 2.71
N ALA A 194 23.57 12.02 3.35
CA ALA A 194 23.29 12.35 4.74
C ALA A 194 22.78 11.18 5.55
N VAL A 195 23.02 11.25 6.86
CA VAL A 195 22.52 10.26 7.78
C VAL A 195 21.16 10.83 8.17
N VAL A 196 20.14 10.00 8.08
CA VAL A 196 18.81 10.47 8.39
C VAL A 196 18.12 9.68 9.50
N ARG A 197 17.42 10.41 10.36
CA ARG A 197 16.66 9.75 11.41
C ARG A 197 15.19 9.80 11.04
N ASP A 198 14.55 8.63 11.02
CA ASP A 198 13.12 8.57 10.72
C ASP A 198 12.43 8.99 12.00
N LEU A 199 11.71 10.11 11.96
CA LEU A 199 11.05 10.64 13.15
C LEU A 199 9.98 9.73 13.73
N VAL A 200 9.35 8.94 12.86
CA VAL A 200 8.31 8.03 13.30
C VAL A 200 8.86 6.74 13.92
N THR A 201 9.74 6.07 13.19
CA THR A 201 10.28 4.79 13.64
C THR A 201 11.59 4.87 14.43
N GLY A 202 12.30 5.98 14.30
CA GLY A 202 13.57 6.10 15.00
C GLY A 202 14.71 5.48 14.22
N ASP A 203 14.40 4.86 13.08
CA ASP A 203 15.43 4.23 12.25
C ASP A 203 16.47 5.23 11.78
N ILE A 204 17.73 4.81 11.78
CA ILE A 204 18.81 5.65 11.29
C ILE A 204 19.13 5.10 9.92
N ILE A 205 19.08 5.96 8.91
CA ILE A 205 19.29 5.55 7.52
C ILE A 205 20.29 6.42 6.80
N ALA A 206 21.04 5.82 5.88
CA ALA A 206 22.01 6.58 5.10
C ALA A 206 21.42 6.87 3.72
N TYR A 207 21.33 8.14 3.36
CA TYR A 207 20.82 8.50 2.05
C TYR A 207 22.04 8.94 1.25
N VAL A 208 22.44 8.12 0.27
CA VAL A 208 23.59 8.46 -0.53
C VAL A 208 23.13 9.00 -1.86
N ALA A 209 23.91 9.93 -2.39
CA ALA A 209 23.59 10.55 -3.67
C ALA A 209 24.85 11.13 -4.28
N LYS A 210 24.80 11.42 -5.57
CA LYS A 210 25.94 11.99 -6.26
C LYS A 210 26.05 13.47 -5.89
N GLY A 211 24.95 14.05 -5.41
CA GLY A 211 24.94 15.44 -5.01
C GLY A 211 23.88 15.68 -3.94
N THR A 212 24.17 16.54 -2.98
CA THR A 212 23.24 16.84 -1.91
C THR A 212 22.99 18.34 -1.79
N LEU A 213 21.73 18.73 -1.69
CA LEU A 213 21.41 20.13 -1.57
C LEU A 213 20.63 20.41 -0.29
N ILE A 214 21.10 21.40 0.47
CA ILE A 214 20.45 21.77 1.72
C ILE A 214 19.64 23.05 1.49
N ALA A 215 18.34 22.94 1.69
CA ALA A 215 17.41 24.05 1.53
C ALA A 215 16.50 23.99 2.76
N THR A 216 17.15 24.02 3.93
CA THR A 216 16.44 23.89 5.20
C THR A 216 15.88 25.15 5.87
N GLY A 217 15.88 26.28 5.17
CA GLY A 217 15.32 27.50 5.76
C GLY A 217 16.22 28.25 6.73
N GLY A 218 15.61 29.17 7.49
CA GLY A 218 16.35 29.98 8.44
C GLY A 218 16.53 29.40 9.83
N TYR A 219 17.26 30.13 10.68
CA TYR A 219 17.53 29.70 12.04
C TYR A 219 16.93 30.65 13.07
N GLY A 220 15.79 31.24 12.72
CA GLY A 220 15.13 32.18 13.60
C GLY A 220 14.75 31.70 14.99
N ARG A 221 14.48 30.40 15.14
CA ARG A 221 14.07 29.88 16.45
C ARG A 221 15.16 29.83 17.52
N ILE A 222 16.38 30.30 17.22
CA ILE A 222 17.38 30.35 18.27
C ILE A 222 17.03 31.57 19.13
N TYR A 223 16.12 32.40 18.62
CA TYR A 223 15.65 33.58 19.33
C TYR A 223 14.34 33.23 20.04
N LYS A 224 14.08 33.91 21.16
CA LYS A 224 12.85 33.68 21.90
C LYS A 224 11.67 34.24 21.12
N ASN A 225 11.82 35.46 20.61
CA ASN A 225 10.80 36.13 19.82
C ASN A 225 11.14 36.04 18.33
N THR A 226 10.29 35.37 17.57
CA THR A 226 10.53 35.24 16.13
C THR A 226 9.22 35.04 15.38
N THR A 227 9.20 35.43 14.11
CA THR A 227 8.00 35.26 13.30
C THR A 227 8.01 33.85 12.70
N ASN A 228 9.16 33.18 12.79
CA ASN A 228 9.36 31.85 12.22
C ASN A 228 8.54 30.70 12.81
N ALA A 229 8.27 29.72 11.97
CA ALA A 229 7.55 28.52 12.38
C ALA A 229 8.44 27.84 13.42
N VAL A 230 7.86 26.97 14.24
CA VAL A 230 8.66 26.30 15.25
C VAL A 230 9.74 25.36 14.69
N VAL A 231 9.66 25.03 13.41
CA VAL A 231 10.65 24.13 12.82
C VAL A 231 11.87 24.84 12.21
N CYS A 232 11.88 26.17 12.26
CA CYS A 232 13.01 26.93 11.71
C CYS A 232 14.11 27.04 12.75
N GLU A 233 14.75 25.90 13.04
CA GLU A 233 15.78 25.88 14.07
C GLU A 233 17.24 25.80 13.59
N GLY A 234 17.43 25.84 12.28
CA GLY A 234 18.77 25.79 11.71
C GLY A 234 19.58 24.51 11.84
N THR A 235 18.91 23.37 11.99
CA THR A 235 19.65 22.11 12.10
C THR A 235 20.34 21.83 10.76
N GLY A 236 19.75 22.31 9.67
CA GLY A 236 20.34 22.11 8.36
C GLY A 236 21.65 22.87 8.33
N THR A 237 21.66 24.04 8.94
CA THR A 237 22.85 24.87 9.01
C THR A 237 23.90 24.14 9.84
N ALA A 238 23.46 23.62 10.97
CA ALA A 238 24.34 22.89 11.89
C ALA A 238 24.99 21.64 11.28
N ILE A 239 24.24 20.83 10.54
CA ILE A 239 24.86 19.64 9.99
C ILE A 239 25.94 20.01 8.98
N ALA A 240 25.77 21.12 8.28
CA ALA A 240 26.79 21.56 7.33
C ALA A 240 28.00 22.03 8.15
N LEU A 241 27.72 22.76 9.22
CA LEU A 241 28.78 23.26 10.08
C LEU A 241 29.56 22.12 10.74
N GLU A 242 28.85 21.07 11.15
CA GLU A 242 29.51 19.96 11.82
C GLU A 242 30.40 19.07 10.94
N THR A 243 30.47 19.34 9.65
CA THR A 243 31.35 18.56 8.78
C THR A 243 32.77 19.09 8.96
N GLY A 244 32.88 20.30 9.52
CA GLY A 244 34.19 20.89 9.74
C GLY A 244 34.83 21.41 8.47
N ILE A 245 34.12 21.33 7.36
CA ILE A 245 34.64 21.81 6.09
C ILE A 245 33.78 22.92 5.49
N ALA A 246 32.46 22.70 5.40
CA ALA A 246 31.58 23.73 4.88
C ALA A 246 31.62 24.91 5.83
N GLN A 247 31.51 26.12 5.28
CA GLN A 247 31.52 27.33 6.08
C GLN A 247 30.17 28.04 6.05
N LEU A 248 29.87 28.78 7.11
CA LEU A 248 28.62 29.53 7.20
C LEU A 248 28.96 30.99 6.95
N GLY A 249 28.11 31.66 6.19
CA GLY A 249 28.35 33.06 5.90
C GLY A 249 27.45 34.01 6.65
N ASN A 250 28.03 35.15 7.07
CA ASN A 250 27.33 36.21 7.80
C ASN A 250 26.21 35.76 8.71
N MET A 251 26.52 34.83 9.63
CA MET A 251 25.52 34.33 10.55
C MET A 251 25.00 35.43 11.47
N GLU A 252 25.82 36.47 11.68
CA GLU A 252 25.42 37.59 12.54
C GLU A 252 24.40 38.49 11.84
N ALA A 253 24.23 38.32 10.53
CA ALA A 253 23.28 39.14 9.78
C ALA A 253 21.86 38.58 9.87
N VAL A 254 21.12 39.05 10.86
CA VAL A 254 19.74 38.64 11.11
C VAL A 254 18.82 39.85 10.97
N GLN A 255 17.71 39.67 10.26
CA GLN A 255 16.78 40.77 10.05
C GLN A 255 15.55 40.66 10.94
N PHE A 256 15.10 41.80 11.46
CA PHE A 256 13.93 41.81 12.34
C PHE A 256 12.74 42.46 11.64
N HIS A 257 11.55 42.14 12.12
CA HIS A 257 10.34 42.73 11.55
C HIS A 257 9.82 43.63 12.66
N PRO A 258 9.45 44.87 12.31
CA PRO A 258 8.94 45.82 13.31
C PRO A 258 7.57 45.60 13.92
N THR A 259 6.65 44.98 13.18
CA THR A 259 5.30 44.80 13.71
C THR A 259 4.70 43.42 13.91
N PRO A 260 5.46 42.47 14.46
CA PRO A 260 4.84 41.16 14.66
C PRO A 260 3.92 41.32 15.88
N LEU A 261 2.87 40.52 15.96
CA LEU A 261 1.97 40.60 17.11
C LEU A 261 2.74 40.12 18.35
N PHE A 262 2.59 40.82 19.47
CA PHE A 262 3.29 40.47 20.71
C PHE A 262 2.33 39.72 21.65
N PRO A 263 2.81 38.65 22.31
CA PRO A 263 4.17 38.09 22.24
C PRO A 263 4.29 36.86 21.33
N SER A 264 3.19 36.50 20.65
CA SER A 264 3.19 35.31 19.79
C SER A 264 4.17 35.37 18.62
N GLY A 265 4.32 36.54 18.02
CA GLY A 265 5.21 36.67 16.89
C GLY A 265 4.46 36.47 15.58
N ILE A 266 3.15 36.28 15.66
CA ILE A 266 2.34 36.11 14.47
C ILE A 266 2.40 37.43 13.70
N LEU A 267 2.86 37.33 12.46
CA LEU A 267 3.06 38.50 11.61
C LEU A 267 1.83 39.31 11.22
N LEU A 268 1.99 40.62 11.35
CA LEU A 268 0.96 41.59 10.96
C LEU A 268 1.63 42.33 9.82
N THR A 269 1.26 41.94 8.60
CA THR A 269 1.82 42.50 7.38
C THR A 269 2.17 43.98 7.38
N GLU A 270 3.22 44.32 6.64
CA GLU A 270 3.72 45.67 6.50
C GLU A 270 2.64 46.59 5.95
N GLY A 271 1.65 45.99 5.28
CA GLY A 271 0.56 46.75 4.71
C GLY A 271 -0.19 47.60 5.73
N CYS A 272 -0.09 47.24 7.00
CA CYS A 272 -0.75 47.99 8.06
C CYS A 272 -0.18 49.39 8.11
N ARG A 273 1.15 49.47 8.17
N ARG A 273 1.15 49.47 8.17
CA ARG A 273 1.84 50.75 8.21
CA ARG A 273 1.83 50.75 8.22
C ARG A 273 1.76 51.45 6.86
C ARG A 273 1.75 51.45 6.86
N GLY A 274 1.98 50.68 5.80
CA GLY A 274 1.94 51.24 4.45
C GLY A 274 0.60 51.86 4.09
N ASP A 275 -0.47 51.37 4.69
CA ASP A 275 -1.82 51.88 4.43
C ASP A 275 -2.18 53.08 5.30
N GLY A 276 -1.40 53.30 6.35
CA GLY A 276 -1.68 54.42 7.24
C GLY A 276 -1.73 54.04 8.70
N GLY A 277 -1.30 52.82 9.01
CA GLY A 277 -1.29 52.36 10.40
C GLY A 277 -0.42 53.26 11.25
N ILE A 278 -0.81 53.44 12.51
CA ILE A 278 -0.07 54.30 13.43
C ILE A 278 0.51 53.57 14.64
N LEU A 279 1.78 53.83 14.93
CA LEU A 279 2.41 53.22 16.09
C LEU A 279 2.25 54.17 17.28
N ARG A 280 1.79 53.64 18.41
CA ARG A 280 1.59 54.45 19.61
C ARG A 280 2.32 53.86 20.79
N ASP A 281 2.60 54.70 21.80
CA ASP A 281 3.28 54.23 23.00
C ASP A 281 2.32 54.04 24.17
N VAL A 282 2.86 53.87 25.36
CA VAL A 282 2.07 53.65 26.57
C VAL A 282 0.98 54.70 26.84
N ASP A 283 1.23 55.92 26.41
CA ASP A 283 0.27 57.00 26.64
C ASP A 283 -0.59 57.25 25.41
N GLY A 284 -0.46 56.38 24.42
CA GLY A 284 -1.25 56.52 23.20
C GLY A 284 -0.63 57.53 22.25
N HIS A 285 0.57 57.99 22.58
CA HIS A 285 1.27 58.97 21.76
C HIS A 285 1.87 58.43 20.47
N ARG A 286 1.53 59.08 19.36
CA ARG A 286 2.07 58.72 18.05
C ARG A 286 3.50 59.25 18.10
N PHE A 287 4.46 58.34 18.26
CA PHE A 287 5.86 58.70 18.42
C PHE A 287 6.80 58.75 17.20
N MET A 288 6.49 58.00 16.15
CA MET A 288 7.39 58.02 14.99
C MET A 288 7.70 59.42 14.45
N PRO A 289 6.69 60.30 14.37
CA PRO A 289 6.95 61.65 13.87
C PRO A 289 8.02 62.38 14.68
N ASP A 290 8.14 62.04 15.96
CA ASP A 290 9.14 62.68 16.81
C ASP A 290 10.55 62.28 16.39
N TYR A 291 10.71 61.06 15.91
CA TYR A 291 12.02 60.59 15.49
C TYR A 291 12.26 60.79 14.00
N GLU A 292 11.19 60.65 13.22
CA GLU A 292 11.26 60.80 11.78
C GLU A 292 10.22 61.81 11.35
N PRO A 293 10.47 63.10 11.58
CA PRO A 293 9.53 64.17 11.22
C PRO A 293 9.05 64.07 9.76
N GLU A 294 9.94 63.62 8.88
CA GLU A 294 9.62 63.50 7.47
C GLU A 294 8.93 62.20 7.09
N LYS A 295 9.67 61.09 7.18
CA LYS A 295 9.15 59.78 6.81
C LYS A 295 8.10 59.24 7.79
N LYS A 296 8.29 59.52 9.08
CA LYS A 296 7.36 59.05 10.10
C LYS A 296 7.20 57.53 10.07
N GLU A 297 5.99 57.01 10.27
CA GLU A 297 5.79 55.56 10.26
C GLU A 297 6.04 54.92 8.90
N LEU A 298 6.24 55.74 7.87
CA LEU A 298 6.51 55.23 6.54
C LEU A 298 8.02 55.18 6.30
N ALA A 299 8.79 55.27 7.39
CA ALA A 299 10.23 55.22 7.29
C ALA A 299 10.68 53.80 6.98
N SER A 300 11.97 53.65 6.68
CA SER A 300 12.52 52.35 6.37
C SER A 300 12.21 51.37 7.50
N ARG A 301 11.84 50.14 7.13
CA ARG A 301 11.53 49.10 8.10
C ARG A 301 12.66 49.02 9.12
N ASP A 302 13.88 49.11 8.60
CA ASP A 302 15.08 49.05 9.41
C ASP A 302 15.04 50.16 10.48
N VAL A 303 14.63 51.36 10.05
CA VAL A 303 14.55 52.51 10.95
C VAL A 303 13.40 52.40 11.96
N VAL A 304 12.26 51.89 11.53
CA VAL A 304 11.12 51.75 12.45
C VAL A 304 11.45 50.84 13.63
N SER A 305 12.04 49.68 13.36
CA SER A 305 12.41 48.75 14.42
C SER A 305 13.32 49.45 15.43
N ARG A 306 14.34 50.15 14.93
CA ARG A 306 15.29 50.85 15.79
C ARG A 306 14.63 51.91 16.68
N ARG A 307 13.75 52.72 16.10
CA ARG A 307 13.07 53.76 16.86
C ARG A 307 12.17 53.14 17.93
N MET A 308 11.45 52.08 17.57
CA MET A 308 10.57 51.41 18.51
C MET A 308 11.32 50.96 19.75
N ILE A 309 12.50 50.37 19.55
CA ILE A 309 13.29 49.91 20.68
C ILE A 309 13.81 51.12 21.46
N GLU A 310 14.22 52.16 20.74
CA GLU A 310 14.73 53.36 21.38
C GLU A 310 13.65 53.98 22.26
N HIS A 311 12.43 54.04 21.73
CA HIS A 311 11.32 54.62 22.47
C HIS A 311 11.03 53.80 23.72
N ILE A 312 11.17 52.48 23.61
CA ILE A 312 10.94 51.59 24.74
C ILE A 312 11.99 51.81 25.82
N ARG A 313 13.24 52.01 25.39
CA ARG A 313 14.33 52.22 26.32
C ARG A 313 14.21 53.56 27.03
N LYS A 314 13.50 54.49 26.41
CA LYS A 314 13.30 55.81 26.99
C LYS A 314 12.19 55.72 28.05
N GLY A 315 11.67 54.50 28.25
CA GLY A 315 10.64 54.27 29.25
C GLY A 315 9.20 54.51 28.81
N LYS A 316 8.94 54.53 27.52
CA LYS A 316 7.59 54.77 27.03
C LYS A 316 6.92 53.48 26.54
N GLY A 317 7.51 52.34 26.87
CA GLY A 317 6.96 51.07 26.45
C GLY A 317 5.80 50.64 27.32
N VAL A 318 5.01 49.68 26.83
CA VAL A 318 3.87 49.17 27.58
C VAL A 318 4.32 47.96 28.38
N GLN A 319 4.10 47.98 29.68
CA GLN A 319 4.49 46.88 30.54
C GLN A 319 3.54 45.70 30.35
N SER A 320 4.10 44.50 30.29
CA SER A 320 3.33 43.29 30.10
C SER A 320 4.01 42.11 30.78
N PRO A 321 3.22 41.09 31.19
CA PRO A 321 3.78 39.91 31.86
C PRO A 321 4.75 39.12 30.97
N TYR A 322 4.76 39.45 29.67
CA TYR A 322 5.64 38.77 28.72
C TYR A 322 6.76 39.70 28.28
N GLY A 323 6.76 40.92 28.84
CA GLY A 323 7.77 41.89 28.50
C GLY A 323 7.15 43.21 28.05
N GLN A 324 7.98 44.13 27.57
CA GLN A 324 7.47 45.42 27.11
C GLN A 324 7.16 45.39 25.63
N HIS A 325 6.21 46.22 25.21
CA HIS A 325 5.85 46.30 23.80
C HIS A 325 5.29 47.69 23.47
N LEU A 326 4.75 47.82 22.27
CA LEU A 326 4.16 49.08 21.83
C LEU A 326 2.80 48.77 21.21
N TRP A 327 2.14 49.79 20.67
CA TRP A 327 0.83 49.58 20.06
C TRP A 327 0.78 49.90 18.58
N LEU A 328 -0.03 49.14 17.86
CA LEU A 328 -0.26 49.35 16.45
C LEU A 328 -1.74 49.70 16.34
N ASP A 329 -2.03 50.89 15.81
CA ASP A 329 -3.40 51.35 15.68
C ASP A 329 -3.81 51.50 14.23
N ILE A 330 -4.69 50.60 13.77
CA ILE A 330 -5.17 50.66 12.39
C ILE A 330 -6.66 50.96 12.35
N SER A 331 -7.26 51.12 13.53
CA SER A 331 -8.67 51.43 13.63
C SER A 331 -8.92 52.76 12.92
N ILE A 332 -7.90 53.62 12.92
CA ILE A 332 -7.98 54.94 12.30
C ILE A 332 -8.13 54.86 10.78
N LEU A 333 -7.88 53.68 10.21
CA LEU A 333 -8.00 53.51 8.77
C LEU A 333 -9.45 53.27 8.38
N GLY A 334 -10.30 53.11 9.39
CA GLY A 334 -11.71 52.88 9.14
C GLY A 334 -12.07 51.41 9.16
N ARG A 335 -13.29 51.09 9.58
CA ARG A 335 -13.74 49.72 9.65
C ARG A 335 -13.93 49.13 8.26
N LYS A 336 -14.50 49.92 7.35
CA LYS A 336 -14.74 49.48 5.99
C LYS A 336 -13.45 49.12 5.25
N HIS A 337 -12.40 49.91 5.47
CA HIS A 337 -11.11 49.67 4.82
C HIS A 337 -10.43 48.39 5.31
N ILE A 338 -10.58 48.11 6.60
CA ILE A 338 -9.97 46.93 7.20
C ILE A 338 -10.67 45.64 6.77
N GLU A 339 -11.98 45.71 6.57
CA GLU A 339 -12.76 44.54 6.18
C GLU A 339 -12.79 44.29 4.67
N THR A 340 -11.91 44.96 3.93
CA THR A 340 -11.84 44.80 2.49
C THR A 340 -10.41 44.65 2.00
N ASN A 341 -9.49 45.40 2.60
CA ASN A 341 -8.09 45.36 2.22
C ASN A 341 -7.20 44.70 3.28
N LEU A 342 -7.68 44.69 4.52
CA LEU A 342 -6.93 44.09 5.62
C LEU A 342 -7.80 43.08 6.37
N ARG A 343 -8.66 42.38 5.65
CA ARG A 343 -9.54 41.39 6.27
C ARG A 343 -8.74 40.28 6.94
N ASP A 344 -7.54 40.03 6.42
CA ASP A 344 -6.69 38.99 6.98
C ASP A 344 -6.13 39.40 8.34
N VAL A 345 -5.55 40.59 8.42
CA VAL A 345 -4.98 41.09 9.67
C VAL A 345 -6.06 41.17 10.74
N GLN A 346 -7.30 41.41 10.31
CA GLN A 346 -8.41 41.50 11.25
C GLN A 346 -8.64 40.15 11.89
N GLU A 347 -8.65 39.10 11.07
CA GLU A 347 -8.85 37.74 11.56
C GLU A 347 -7.73 37.31 12.50
N ILE A 348 -6.50 37.70 12.18
CA ILE A 348 -5.35 37.36 13.01
C ILE A 348 -5.49 37.93 14.42
N CYS A 349 -5.77 39.23 14.49
CA CYS A 349 -5.93 39.90 15.78
C CYS A 349 -7.08 39.31 16.58
N GLU A 350 -8.16 38.94 15.89
CA GLU A 350 -9.31 38.37 16.56
C GLU A 350 -9.05 36.93 17.00
N TYR A 351 -8.54 36.12 16.08
CA TYR A 351 -8.25 34.72 16.35
C TYR A 351 -7.23 34.48 17.45
N PHE A 352 -6.13 35.24 17.44
CA PHE A 352 -5.08 35.04 18.44
C PHE A 352 -4.93 36.13 19.50
N ALA A 353 -5.11 37.38 19.11
CA ALA A 353 -4.98 38.48 20.07
C ALA A 353 -6.32 38.76 20.76
N GLY A 354 -7.37 38.10 20.27
CA GLY A 354 -8.68 38.28 20.84
C GLY A 354 -9.15 39.73 20.79
N ILE A 355 -8.87 40.40 19.67
CA ILE A 355 -9.26 41.78 19.52
C ILE A 355 -9.65 42.13 18.09
N ASP A 356 -10.45 43.18 17.94
CA ASP A 356 -10.88 43.65 16.62
C ASP A 356 -10.06 44.89 16.31
N PRO A 357 -9.11 44.78 15.38
CA PRO A 357 -8.24 45.89 14.96
C PRO A 357 -8.98 47.15 14.52
N ALA A 358 -10.28 47.01 14.26
CA ALA A 358 -11.08 48.16 13.83
C ALA A 358 -11.55 48.95 15.04
N GLU A 359 -11.33 48.41 16.24
CA GLU A 359 -11.74 49.07 17.47
C GLU A 359 -10.63 49.20 18.50
N LYS A 360 -9.83 48.16 18.65
CA LYS A 360 -8.74 48.20 19.63
C LYS A 360 -7.35 48.11 18.99
N TRP A 361 -6.33 48.51 19.73
CA TRP A 361 -4.97 48.49 19.22
C TRP A 361 -4.28 47.14 19.42
N ALA A 362 -3.39 46.79 18.49
CA ALA A 362 -2.66 45.53 18.56
C ALA A 362 -1.29 45.69 19.21
N PRO A 363 -0.94 44.77 20.12
CA PRO A 363 0.36 44.83 20.79
C PRO A 363 1.42 44.34 19.81
N VAL A 364 2.48 45.10 19.65
CA VAL A 364 3.55 44.73 18.74
C VAL A 364 4.92 44.99 19.34
N LEU A 365 5.92 44.33 18.76
CA LEU A 365 7.31 44.46 19.19
C LEU A 365 8.18 43.88 18.08
N PRO A 366 9.31 44.52 17.74
CA PRO A 366 10.15 43.97 16.68
C PRO A 366 10.66 42.60 17.09
N MET A 367 10.72 41.68 16.13
CA MET A 367 11.18 40.32 16.40
C MET A 367 11.98 39.79 15.22
N GLN A 368 12.78 38.76 15.48
CA GLN A 368 13.60 38.13 14.44
C GLN A 368 12.65 37.67 13.33
N HIS A 369 13.08 37.83 12.08
CA HIS A 369 12.23 37.47 10.95
C HIS A 369 12.89 36.71 9.80
N TYR A 370 14.04 37.18 9.36
CA TYR A 370 14.72 36.54 8.25
C TYR A 370 16.21 36.32 8.57
N SER A 371 16.75 35.23 8.04
CA SER A 371 18.16 34.86 8.25
C SER A 371 18.98 35.09 6.97
N MET A 372 19.68 36.22 6.88
CA MET A 372 20.52 36.46 5.69
C MET A 372 21.69 35.48 5.69
N GLY A 373 22.21 35.20 6.88
CA GLY A 373 23.32 34.27 7.00
C GLY A 373 22.89 32.86 6.61
N GLY A 374 23.87 32.01 6.32
CA GLY A 374 23.56 30.63 5.96
C GLY A 374 24.80 29.91 5.47
N ILE A 375 24.59 28.78 4.82
CA ILE A 375 25.69 28.00 4.29
C ILE A 375 26.31 28.79 3.12
N ARG A 376 27.61 29.03 3.20
CA ARG A 376 28.30 29.79 2.16
C ARG A 376 28.50 28.95 0.91
N THR A 377 28.12 29.51 -0.24
CA THR A 377 28.26 28.82 -1.53
C THR A 377 28.91 29.75 -2.55
N ASP A 378 29.26 29.22 -3.72
CA ASP A 378 29.80 30.06 -4.77
C ASP A 378 28.56 30.51 -5.55
N TYR A 379 28.71 31.06 -6.74
CA TYR A 379 27.54 31.54 -7.46
C TYR A 379 26.67 30.39 -8.00
N ARG A 380 27.24 29.20 -8.07
CA ARG A 380 26.54 28.02 -8.56
C ARG A 380 25.71 27.37 -7.46
N GLY A 381 25.96 27.79 -6.22
CA GLY A 381 25.24 27.24 -5.10
C GLY A 381 26.02 26.14 -4.40
N GLU A 382 27.24 25.86 -4.84
CA GLU A 382 28.04 24.80 -4.21
C GLU A 382 28.87 25.31 -3.02
N ALA A 383 28.89 24.53 -1.94
CA ALA A 383 29.63 24.89 -0.74
C ALA A 383 31.10 24.48 -0.85
N LYS A 384 31.89 24.75 0.18
CA LYS A 384 33.30 24.37 0.15
C LYS A 384 33.43 22.86 0.15
N LEU A 385 32.44 22.20 0.73
CA LEU A 385 32.42 20.74 0.74
C LEU A 385 31.85 20.40 -0.64
N LYS A 386 32.66 19.77 -1.48
CA LYS A 386 32.26 19.42 -2.83
C LYS A 386 31.05 18.49 -2.92
N GLY A 387 30.11 18.82 -3.80
CA GLY A 387 28.93 17.98 -3.93
C GLY A 387 27.82 18.41 -3.02
N LEU A 388 28.10 19.38 -2.15
CA LEU A 388 27.10 19.89 -1.23
C LEU A 388 26.68 21.26 -1.74
N PHE A 389 25.39 21.40 -2.02
CA PHE A 389 24.84 22.66 -2.50
C PHE A 389 23.85 23.20 -1.49
N SER A 390 23.54 24.48 -1.61
CA SER A 390 22.57 25.10 -0.72
C SER A 390 21.79 26.16 -1.50
N ALA A 391 20.53 26.35 -1.13
CA ALA A 391 19.69 27.32 -1.80
C ALA A 391 18.58 27.75 -0.89
N GLY A 392 18.11 28.97 -1.08
CA GLY A 392 17.02 29.48 -0.26
C GLY A 392 17.57 30.19 0.96
N GLU A 393 16.71 30.40 1.95
CA GLU A 393 17.13 31.08 3.18
C GLU A 393 18.27 30.38 3.94
N ALA A 394 18.42 29.07 3.74
CA ALA A 394 19.47 28.32 4.41
C ALA A 394 20.86 28.63 3.88
N ALA A 395 20.93 29.26 2.72
CA ALA A 395 22.20 29.58 2.10
C ALA A 395 22.64 31.02 2.26
N CYS A 396 23.90 31.26 1.90
CA CYS A 396 24.46 32.60 1.89
C CYS A 396 25.08 32.61 0.48
N TRP A 397 24.18 32.71 -0.48
CA TRP A 397 24.50 32.75 -1.91
C TRP A 397 25.02 34.15 -1.95
N ASP A 398 24.37 34.89 -1.06
CA ASP A 398 24.55 36.28 -0.78
C ASP A 398 24.19 37.28 -1.84
N MET A 399 22.89 37.43 -1.99
CA MET A 399 22.32 38.40 -2.88
C MET A 399 21.73 39.40 -1.89
N HIS A 400 21.70 39.01 -0.61
CA HIS A 400 21.14 39.85 0.46
C HIS A 400 22.14 40.70 1.27
N GLY A 401 23.35 40.21 1.45
CA GLY A 401 24.32 40.96 2.22
C GLY A 401 23.85 41.13 3.66
N PHE A 402 23.86 42.36 4.17
CA PHE A 402 23.43 42.59 5.56
C PHE A 402 22.02 43.13 5.70
N ASN A 403 21.23 43.01 4.64
CA ASN A 403 19.84 43.47 4.68
C ASN A 403 19.12 43.05 3.40
N ARG A 404 18.21 42.10 3.56
CA ARG A 404 17.45 41.61 2.44
C ARG A 404 16.24 42.51 2.19
N LEU A 405 15.89 42.69 0.91
CA LEU A 405 14.73 43.50 0.56
C LEU A 405 13.45 42.73 0.83
N GLY A 406 12.46 43.40 1.38
CA GLY A 406 11.18 42.75 1.62
C GLY A 406 10.67 42.29 0.27
N GLY A 407 10.29 41.02 0.19
CA GLY A 407 9.80 40.49 -1.08
C GLY A 407 10.87 39.77 -1.88
N ASN A 408 12.14 39.95 -1.53
CA ASN A 408 13.23 39.29 -2.25
C ASN A 408 13.54 37.87 -1.79
N SER A 409 13.08 37.49 -0.59
CA SER A 409 13.40 36.16 -0.08
C SER A 409 12.56 35.01 -0.62
N VAL A 410 11.27 35.22 -0.85
CA VAL A 410 10.47 34.13 -1.44
C VAL A 410 10.89 34.12 -2.89
N SER A 411 11.26 35.28 -3.41
CA SER A 411 11.70 35.38 -4.79
C SER A 411 13.01 34.57 -4.94
N GLU A 412 13.93 34.75 -4.01
CA GLU A 412 15.20 34.02 -4.06
C GLU A 412 15.00 32.51 -3.95
N ALA A 413 14.08 32.09 -3.09
CA ALA A 413 13.84 30.66 -2.91
C ALA A 413 13.54 29.96 -4.24
N VAL A 414 12.64 30.54 -5.02
CA VAL A 414 12.27 29.95 -6.30
C VAL A 414 13.37 30.17 -7.35
N VAL A 415 13.93 31.37 -7.38
CA VAL A 415 14.99 31.70 -8.34
C VAL A 415 16.22 30.83 -8.11
N ALA A 416 16.66 30.69 -6.86
CA ALA A 416 17.82 29.85 -6.56
C ALA A 416 17.44 28.40 -6.88
N GLY A 417 16.19 28.04 -6.58
CA GLY A 417 15.73 26.70 -6.86
C GLY A 417 15.94 26.41 -8.34
N MET A 418 15.68 27.42 -9.16
CA MET A 418 15.84 27.29 -10.61
C MET A 418 17.31 27.26 -11.04
N ILE A 419 18.06 28.28 -10.63
CA ILE A 419 19.46 28.39 -11.01
C ILE A 419 20.37 27.35 -10.35
N VAL A 420 20.37 27.29 -9.02
CA VAL A 420 21.20 26.31 -8.33
C VAL A 420 20.71 24.93 -8.77
N GLY A 421 19.41 24.83 -9.04
CA GLY A 421 18.86 23.57 -9.49
C GLY A 421 19.53 23.06 -10.75
N GLU A 422 19.77 23.97 -11.71
CA GLU A 422 20.41 23.59 -12.97
C GLU A 422 21.86 23.16 -12.73
N TYR A 423 22.61 23.96 -11.98
CA TYR A 423 24.00 23.64 -11.68
C TYR A 423 24.08 22.34 -10.87
N PHE A 424 23.14 22.17 -9.95
CA PHE A 424 23.07 20.98 -9.10
C PHE A 424 22.80 19.77 -10.00
N ALA A 425 21.88 19.94 -10.95
CA ALA A 425 21.54 18.88 -11.88
C ALA A 425 22.76 18.49 -12.72
N GLU A 426 23.48 19.50 -13.20
CA GLU A 426 24.69 19.27 -14.00
C GLU A 426 25.73 18.51 -13.19
N HIS A 427 25.92 18.90 -11.94
CA HIS A 427 26.88 18.24 -11.08
C HIS A 427 26.50 16.76 -10.88
N CYS A 428 25.23 16.51 -10.57
CA CYS A 428 24.79 15.15 -10.33
C CYS A 428 24.90 14.25 -11.56
N ALA A 429 24.68 14.83 -12.74
CA ALA A 429 24.75 14.03 -13.97
C ALA A 429 26.17 13.81 -14.46
N ASN A 430 27.07 14.74 -14.15
CA ASN A 430 28.46 14.67 -14.62
C ASN A 430 29.48 14.07 -13.65
N THR A 431 29.21 14.15 -12.35
CA THR A 431 30.16 13.64 -11.38
C THR A 431 30.04 12.14 -11.17
N GLN A 432 31.11 11.54 -10.69
CA GLN A 432 31.10 10.11 -10.40
C GLN A 432 31.58 9.96 -8.97
N VAL A 433 30.77 9.29 -8.16
CA VAL A 433 31.06 9.08 -6.77
C VAL A 433 31.57 7.70 -6.41
N ASP A 434 32.43 7.66 -5.40
CA ASP A 434 33.01 6.41 -4.93
C ASP A 434 32.41 6.18 -3.53
N LEU A 435 31.34 5.39 -3.47
CA LEU A 435 30.66 5.10 -2.21
C LEU A 435 31.26 3.92 -1.44
N GLU A 436 32.08 4.22 -0.45
CA GLU A 436 32.71 3.19 0.38
C GLU A 436 31.80 2.82 1.55
N THR A 437 31.41 1.56 1.62
CA THR A 437 30.54 1.10 2.71
C THR A 437 31.21 1.32 4.08
N LYS A 438 32.54 1.33 4.10
CA LYS A 438 33.25 1.54 5.36
C LYS A 438 32.88 2.90 5.92
N THR A 439 32.81 3.88 5.03
CA THR A 439 32.46 5.26 5.41
C THR A 439 30.99 5.37 5.79
N LEU A 440 30.12 4.76 4.98
CA LEU A 440 28.69 4.80 5.28
C LEU A 440 28.43 4.21 6.66
N GLU A 441 29.02 3.03 6.91
CA GLU A 441 28.84 2.37 8.19
C GLU A 441 29.35 3.22 9.35
N LYS A 442 30.48 3.90 9.15
CA LYS A 442 31.03 4.75 10.20
C LYS A 442 30.05 5.84 10.62
N PHE A 443 29.50 6.53 9.62
CA PHE A 443 28.55 7.59 9.91
C PHE A 443 27.23 7.09 10.49
N VAL A 444 26.70 6.00 9.93
CA VAL A 444 25.44 5.45 10.43
C VAL A 444 25.60 4.91 11.86
N LYS A 445 26.61 4.09 12.08
CA LYS A 445 26.86 3.54 13.41
C LYS A 445 27.16 4.68 14.37
N GLY A 446 27.79 5.73 13.87
CA GLY A 446 28.12 6.86 14.71
C GLY A 446 26.89 7.56 15.26
N GLN A 447 25.83 7.65 14.46
CA GLN A 447 24.60 8.31 14.91
C GLN A 447 23.72 7.39 15.74
N GLU A 448 23.79 6.09 15.47
CA GLU A 448 23.01 5.14 16.25
C GLU A 448 23.59 5.15 17.67
N ALA A 449 24.91 5.23 17.76
CA ALA A 449 25.60 5.27 19.05
C ALA A 449 25.23 6.53 19.81
N TYR A 450 25.09 7.62 19.05
CA TYR A 450 24.75 8.92 19.63
C TYR A 450 23.34 8.89 20.21
N MET A 451 22.38 8.36 19.45
CA MET A 451 21.01 8.29 19.94
C MET A 451 20.99 7.46 21.22
N LYS A 452 21.72 6.35 21.21
CA LYS A 452 21.78 5.47 22.37
C LYS A 452 22.36 6.22 23.59
N SER A 453 23.41 6.99 23.37
CA SER A 453 24.04 7.73 24.45
C SER A 453 23.09 8.76 25.07
N LEU A 454 22.24 9.36 24.23
CA LEU A 454 21.27 10.34 24.69
C LEU A 454 20.20 9.65 25.54
N VAL A 455 19.75 8.50 25.08
CA VAL A 455 18.73 7.75 25.79
C VAL A 455 19.25 7.19 27.12
N GLU A 456 20.54 6.87 27.18
CA GLU A 456 21.11 6.31 28.40
C GLU A 456 21.78 7.30 29.34
N SER A 457 21.92 8.54 28.88
CA SER A 457 22.55 9.59 29.67
C SER A 457 21.94 9.72 31.06
N LYS A 458 22.80 9.80 32.08
CA LYS A 458 22.31 9.95 33.46
C LYS A 458 22.47 11.41 33.85
N GLY A 459 22.62 12.27 32.85
CA GLY A 459 22.77 13.69 33.08
C GLY A 459 21.55 14.24 33.80
N THR A 460 21.71 15.39 34.44
CA THR A 460 20.60 15.98 35.19
C THR A 460 20.12 17.32 34.63
N GLU A 461 20.71 17.76 33.52
CA GLU A 461 20.29 19.02 32.91
C GLU A 461 18.96 18.82 32.20
N ASP A 462 18.15 19.86 32.12
CA ASP A 462 16.86 19.78 31.45
C ASP A 462 17.00 20.44 30.09
N VAL A 463 16.78 19.67 29.02
CA VAL A 463 16.92 20.19 27.67
C VAL A 463 16.08 21.43 27.38
N PHE A 464 14.84 21.47 27.87
CA PHE A 464 14.01 22.65 27.61
C PHE A 464 14.50 23.89 28.34
N LYS A 465 14.97 23.72 29.57
CA LYS A 465 15.46 24.85 30.34
C LYS A 465 16.69 25.42 29.64
N ILE A 466 17.49 24.55 29.07
CA ILE A 466 18.68 24.99 28.35
C ILE A 466 18.25 25.72 27.07
N LYS A 467 17.33 25.11 26.31
CA LYS A 467 16.88 25.75 25.08
C LYS A 467 16.27 27.13 25.34
N ASN A 468 15.43 27.23 26.37
CA ASN A 468 14.79 28.49 26.69
C ASN A 468 15.79 29.55 27.13
N ARG A 469 16.83 29.14 27.85
CA ARG A 469 17.83 30.12 28.28
C ARG A 469 18.59 30.61 27.06
N MET A 470 18.84 29.72 26.10
CA MET A 470 19.54 30.12 24.88
C MET A 470 18.74 31.20 24.15
N LYS A 471 17.43 31.00 24.05
CA LYS A 471 16.57 31.94 23.35
C LYS A 471 16.51 33.31 24.03
N ASP A 472 16.57 33.31 25.37
CA ASP A 472 16.55 34.58 26.12
C ASP A 472 17.85 35.34 25.88
N VAL A 473 18.96 34.61 25.91
CA VAL A 473 20.27 35.22 25.71
C VAL A 473 20.32 35.90 24.34
N MET A 474 19.87 35.19 23.31
CA MET A 474 19.88 35.73 21.95
C MET A 474 19.02 36.98 21.84
N ASP A 475 17.82 36.94 22.37
CA ASP A 475 16.96 38.10 22.31
C ASP A 475 17.52 39.30 23.09
N ASP A 476 18.05 39.05 24.27
CA ASP A 476 18.58 40.13 25.11
C ASP A 476 19.90 40.72 24.67
N ASN A 477 20.75 39.92 24.03
CA ASN A 477 22.07 40.42 23.64
C ASN A 477 22.41 40.47 22.15
N VAL A 478 21.62 39.83 21.30
CA VAL A 478 21.93 39.82 19.87
C VAL A 478 20.75 40.28 19.03
N GLY A 479 20.08 41.32 19.51
CA GLY A 479 18.93 41.86 18.81
C GLY A 479 19.25 43.06 17.94
N ILE A 480 18.29 43.96 17.85
CA ILE A 480 18.41 45.18 17.03
C ILE A 480 19.62 46.03 17.42
N PHE A 481 19.84 46.21 18.72
CA PHE A 481 20.98 46.98 19.19
C PHE A 481 21.97 46.06 19.91
N ARG A 482 23.23 46.11 19.50
CA ARG A 482 24.26 45.28 20.09
C ARG A 482 25.48 46.11 20.51
N ASP A 483 26.26 45.58 21.46
CA ASP A 483 27.47 46.23 21.92
C ASP A 483 28.44 45.16 22.41
N GLY A 484 29.73 45.47 22.35
CA GLY A 484 30.75 44.51 22.77
C GLY A 484 30.55 43.88 24.13
N PRO A 485 30.42 44.68 25.20
CA PRO A 485 30.23 44.16 26.56
C PRO A 485 29.13 43.11 26.71
N HIS A 486 27.96 43.37 26.14
CA HIS A 486 26.86 42.41 26.22
C HIS A 486 27.11 41.20 25.34
N LEU A 487 27.71 41.42 24.18
CA LEU A 487 28.00 40.31 23.26
C LEU A 487 29.02 39.36 23.86
N GLU A 488 29.98 39.90 24.61
CA GLU A 488 31.00 39.06 25.24
C GLU A 488 30.30 38.18 26.26
N LYS A 489 29.36 38.78 26.98
CA LYS A 489 28.58 38.07 27.99
C LYS A 489 27.76 36.96 27.33
N ALA A 490 27.15 37.28 26.20
CA ALA A 490 26.32 36.31 25.48
C ALA A 490 27.16 35.13 25.01
N VAL A 491 28.31 35.41 24.38
CA VAL A 491 29.17 34.35 23.89
C VAL A 491 29.60 33.42 25.03
N LYS A 492 29.88 33.99 26.19
CA LYS A 492 30.31 33.20 27.34
C LYS A 492 29.20 32.31 27.88
N GLU A 493 28.00 32.85 27.97
CA GLU A 493 26.88 32.07 28.49
C GLU A 493 26.48 30.98 27.49
N LEU A 494 26.49 31.32 26.21
CA LEU A 494 26.13 30.36 25.18
C LEU A 494 27.13 29.20 25.19
N GLU A 495 28.41 29.51 25.38
CA GLU A 495 29.43 28.47 25.41
C GLU A 495 29.20 27.56 26.62
N GLU A 496 28.77 28.18 27.73
CA GLU A 496 28.49 27.44 28.96
C GLU A 496 27.24 26.58 28.76
N LEU A 497 26.27 27.14 28.03
CA LEU A 497 25.03 26.44 27.74
C LEU A 497 25.31 25.21 26.86
N TYR A 498 26.23 25.37 25.92
CA TYR A 498 26.60 24.30 25.01
C TYR A 498 27.19 23.12 25.79
N LYS A 499 28.12 23.43 26.68
CA LYS A 499 28.77 22.39 27.47
C LYS A 499 27.77 21.64 28.36
N LYS A 500 26.78 22.35 28.88
CA LYS A 500 25.77 21.72 29.74
C LYS A 500 24.77 20.91 28.93
N SER A 501 24.62 21.23 27.64
CA SER A 501 23.70 20.49 26.80
C SER A 501 24.13 19.03 26.71
N LYS A 502 25.43 18.80 26.91
CA LYS A 502 25.98 17.45 26.87
C LYS A 502 25.63 16.62 28.10
N ASN A 503 25.12 17.27 29.14
CA ASN A 503 24.76 16.59 30.36
C ASN A 503 23.24 16.52 30.53
N VAL A 504 22.55 16.57 29.40
CA VAL A 504 21.11 16.51 29.39
C VAL A 504 20.63 15.08 29.64
N GLY A 505 19.51 14.96 30.35
CA GLY A 505 18.95 13.65 30.62
C GLY A 505 17.51 13.70 30.21
N ILE A 506 17.00 12.63 29.60
CA ILE A 506 15.60 12.62 29.19
C ILE A 506 14.85 11.51 29.90
N LYS A 507 13.54 11.69 30.03
CA LYS A 507 12.70 10.71 30.72
C LYS A 507 12.26 9.55 29.84
N ASN A 508 11.79 9.88 28.64
CA ASN A 508 11.31 8.87 27.69
C ASN A 508 12.48 8.20 26.99
N LYS A 509 12.58 6.89 27.22
CA LYS A 509 13.67 6.08 26.69
C LYS A 509 13.50 5.48 25.29
N ARG A 510 12.28 5.50 24.76
CA ARG A 510 12.04 4.92 23.44
C ARG A 510 12.84 5.62 22.34
N LEU A 511 13.14 4.88 21.28
CA LEU A 511 13.89 5.43 20.15
C LEU A 511 12.97 5.95 19.05
N HIS A 512 11.70 5.56 19.09
CA HIS A 512 10.75 5.99 18.08
C HIS A 512 9.86 7.13 18.56
N ALA A 513 9.33 7.89 17.60
CA ALA A 513 8.43 9.01 17.86
C ALA A 513 8.62 9.60 19.25
N ASN A 514 9.81 10.15 19.48
CA ASN A 514 10.16 10.71 20.79
C ASN A 514 10.53 12.19 20.69
N PRO A 515 9.59 13.11 20.97
CA PRO A 515 9.93 14.54 20.89
C PRO A 515 10.99 15.00 21.88
N GLU A 516 11.16 14.27 22.97
CA GLU A 516 12.16 14.62 23.96
C GLU A 516 13.55 14.30 23.41
N LEU A 517 13.70 13.14 22.77
CA LEU A 517 14.98 12.75 22.18
C LEU A 517 15.32 13.74 21.06
N GLU A 518 14.31 14.16 20.31
CA GLU A 518 14.53 15.12 19.23
C GLU A 518 15.19 16.39 19.77
N GLU A 519 14.65 16.92 20.86
CA GLU A 519 15.23 18.13 21.46
C GLU A 519 16.64 17.87 21.96
N ALA A 520 16.88 16.66 22.48
CA ALA A 520 18.20 16.29 22.98
C ALA A 520 19.32 16.42 21.96
N TYR A 521 19.05 16.15 20.69
CA TYR A 521 20.13 16.31 19.71
C TYR A 521 20.03 17.62 18.92
N ARG A 522 18.84 18.20 18.85
CA ARG A 522 18.68 19.47 18.14
C ARG A 522 19.24 20.68 18.90
N VAL A 523 19.03 20.72 20.21
CA VAL A 523 19.51 21.86 21.00
C VAL A 523 21.01 22.09 20.90
N PRO A 524 21.83 21.05 21.00
CA PRO A 524 23.28 21.24 20.90
C PRO A 524 23.62 21.86 19.54
N MET A 525 22.88 21.47 18.50
CA MET A 525 23.11 21.99 17.17
C MET A 525 22.74 23.47 17.12
N MET A 526 21.60 23.80 17.71
CA MET A 526 21.15 25.18 17.72
C MET A 526 22.16 26.08 18.48
N LEU A 527 22.71 25.56 19.56
CA LEU A 527 23.70 26.30 20.34
C LEU A 527 24.94 26.63 19.52
N LYS A 528 25.37 25.69 18.68
CA LYS A 528 26.55 25.94 17.86
C LYS A 528 26.19 27.01 16.84
N VAL A 529 24.97 26.94 16.30
CA VAL A 529 24.54 27.96 15.34
C VAL A 529 24.49 29.33 16.06
N ALA A 530 23.94 29.35 17.26
CA ALA A 530 23.82 30.59 18.02
C ALA A 530 25.21 31.18 18.29
N LEU A 531 26.18 30.31 18.54
CA LEU A 531 27.54 30.78 18.80
C LEU A 531 28.12 31.46 17.57
N CYS A 532 27.81 30.96 16.39
CA CYS A 532 28.31 31.57 15.16
C CYS A 532 27.69 32.96 15.00
N VAL A 533 26.41 33.07 15.36
CA VAL A 533 25.72 34.35 15.26
C VAL A 533 26.29 35.35 16.27
N ALA A 534 26.32 34.93 17.53
CA ALA A 534 26.82 35.79 18.62
C ALA A 534 28.29 36.19 18.49
N LYS A 535 29.15 35.22 18.22
CA LYS A 535 30.57 35.49 18.07
C LYS A 535 30.80 36.37 16.84
N GLY A 536 30.06 36.09 15.77
CA GLY A 536 30.19 36.88 14.56
C GLY A 536 29.83 38.34 14.82
N ALA A 537 28.82 38.56 15.64
CA ALA A 537 28.37 39.91 15.97
C ALA A 537 29.41 40.62 16.85
N LEU A 538 29.98 39.85 17.78
CA LEU A 538 31.00 40.39 18.69
C LEU A 538 32.24 40.87 17.95
N ASP A 539 32.75 40.04 17.04
CA ASP A 539 33.94 40.38 16.27
C ASP A 539 33.74 41.41 15.16
N ARG A 540 32.53 41.55 14.64
CA ARG A 540 32.32 42.53 13.58
C ARG A 540 32.13 43.91 14.20
N THR A 541 33.23 44.64 14.34
CA THR A 541 33.17 45.97 14.95
C THR A 541 32.83 47.07 13.96
N GLU A 542 31.57 47.09 13.55
CA GLU A 542 31.05 48.07 12.60
C GLU A 542 29.53 47.94 12.64
N SER A 543 28.85 48.86 11.96
CA SER A 543 27.39 48.81 11.86
C SER A 543 27.09 48.73 10.37
N ARG A 544 26.49 47.63 9.95
CA ARG A 544 26.19 47.42 8.55
C ARG A 544 24.85 46.73 8.38
N GLY A 545 24.00 47.29 7.54
CA GLY A 545 22.69 46.71 7.32
C GLY A 545 21.97 46.50 8.65
N ALA A 546 21.51 45.27 8.87
CA ALA A 546 20.78 44.93 10.09
C ALA A 546 21.65 44.77 11.32
N HIS A 547 22.96 44.69 11.14
CA HIS A 547 23.89 44.54 12.27
C HIS A 547 24.26 45.93 12.80
N ASN A 548 23.71 46.30 13.95
CA ASN A 548 24.01 47.61 14.54
C ASN A 548 24.80 47.52 15.83
N ARG A 549 26.01 48.07 15.82
CA ARG A 549 26.84 48.08 17.01
C ARG A 549 26.83 49.51 17.56
N GLU A 550 26.28 49.65 18.77
CA GLU A 550 26.20 50.96 19.40
C GLU A 550 27.57 51.53 19.70
N ASP A 551 28.56 50.66 19.89
CA ASP A 551 29.92 51.09 20.17
C ASP A 551 30.74 51.29 18.90
N TYR A 552 30.16 50.94 17.77
CA TYR A 552 30.79 51.12 16.46
C TYR A 552 29.64 51.39 15.49
N PRO A 553 29.03 52.58 15.60
CA PRO A 553 27.91 53.06 14.79
C PRO A 553 28.12 53.30 13.31
N LYS A 554 29.37 53.27 12.84
CA LYS A 554 29.63 53.53 11.43
C LYS A 554 29.92 52.29 10.59
N ARG A 555 29.55 52.36 9.31
CA ARG A 555 29.82 51.26 8.39
C ARG A 555 31.28 51.46 8.02
N ASP A 556 32.08 50.40 8.16
CA ASP A 556 33.51 50.48 7.89
C ASP A 556 33.88 49.78 6.59
N ASP A 557 33.91 50.52 5.48
CA ASP A 557 34.25 49.92 4.20
C ASP A 557 35.74 49.67 4.06
N ILE A 558 36.52 50.16 5.02
CA ILE A 558 37.96 49.98 4.99
C ILE A 558 38.37 48.62 5.57
N ASN A 559 37.93 48.35 6.80
CA ASN A 559 38.29 47.10 7.45
C ASN A 559 37.20 46.03 7.47
N TRP A 560 35.99 46.37 7.05
CA TRP A 560 34.93 45.39 7.10
C TRP A 560 34.10 45.19 5.84
N LEU A 561 34.67 45.52 4.69
CA LEU A 561 33.97 45.32 3.43
C LEU A 561 34.26 43.86 3.09
N ASN A 562 33.67 42.97 3.87
CA ASN A 562 33.90 41.54 3.70
C ASN A 562 32.71 40.72 4.17
N ARG A 563 32.91 39.41 4.21
CA ARG A 563 31.88 38.48 4.63
C ARG A 563 32.46 37.56 5.71
N THR A 564 31.73 37.39 6.80
CA THR A 564 32.19 36.53 7.88
C THR A 564 31.99 35.06 7.50
N LEU A 565 33.06 34.28 7.60
CA LEU A 565 33.01 32.85 7.30
C LEU A 565 33.25 32.06 8.57
N ALA A 566 32.25 31.30 9.01
CA ALA A 566 32.36 30.51 10.22
C ALA A 566 32.53 29.03 9.92
N SER A 567 33.38 28.37 10.71
CA SER A 567 33.62 26.95 10.55
C SER A 567 33.86 26.32 11.92
N TRP A 568 33.86 24.99 11.98
CA TRP A 568 34.06 24.27 13.22
C TRP A 568 34.89 23.03 12.90
N PRO A 569 36.13 23.25 12.42
CA PRO A 569 37.08 22.19 12.03
C PRO A 569 37.36 21.14 13.10
N ASN A 570 37.58 21.59 14.33
CA ASN A 570 37.86 20.66 15.42
C ASN A 570 36.59 20.41 16.22
N PRO A 571 36.14 19.14 16.27
CA PRO A 571 34.93 18.81 17.02
C PRO A 571 35.09 19.04 18.53
N GLU A 572 36.31 19.36 18.96
CA GLU A 572 36.58 19.59 20.37
C GLU A 572 36.44 21.05 20.75
N GLN A 573 36.70 21.96 19.81
CA GLN A 573 36.61 23.38 20.09
C GLN A 573 35.18 23.72 20.53
N THR A 574 35.05 24.71 21.41
CA THR A 574 33.74 25.11 21.91
C THR A 574 33.28 26.46 21.38
N LEU A 575 34.10 27.04 20.50
CA LEU A 575 33.78 28.31 19.89
C LEU A 575 34.01 28.14 18.39
N PRO A 576 33.28 28.89 17.56
CA PRO A 576 33.47 28.75 16.12
C PRO A 576 34.74 29.44 15.64
N THR A 577 35.29 28.97 14.54
CA THR A 577 36.48 29.56 13.94
C THR A 577 35.95 30.58 12.93
N LEU A 578 36.42 31.81 13.02
CA LEU A 578 35.96 32.85 12.09
C LEU A 578 37.05 33.36 11.18
N GLU A 579 36.75 33.43 9.90
CA GLU A 579 37.67 33.92 8.90
C GLU A 579 36.89 34.94 8.08
N TYR A 580 37.58 35.68 7.21
CA TYR A 580 36.88 36.66 6.41
C TYR A 580 37.21 36.63 4.94
N GLU A 581 36.16 36.74 4.12
CA GLU A 581 36.26 36.76 2.68
C GLU A 581 36.07 38.22 2.29
N ALA A 582 37.09 38.81 1.67
CA ALA A 582 37.03 40.21 1.28
C ALA A 582 36.24 40.44 0.00
N LEU A 583 35.45 41.51 -0.02
CA LEU A 583 34.68 41.84 -1.20
C LEU A 583 35.54 42.71 -2.11
N ASP A 584 35.78 42.24 -3.32
CA ASP A 584 36.60 42.98 -4.29
C ASP A 584 35.79 44.08 -4.94
N VAL A 585 36.09 45.33 -4.61
CA VAL A 585 35.39 46.47 -5.17
C VAL A 585 35.50 46.51 -6.70
N ASN A 586 36.61 46.00 -7.23
CA ASN A 586 36.85 45.99 -8.67
C ASN A 586 35.85 45.14 -9.44
N GLU A 587 35.13 44.26 -8.72
CA GLU A 587 34.16 43.40 -9.37
C GLU A 587 32.73 43.83 -9.08
N MET A 588 32.58 45.06 -8.57
CA MET A 588 31.26 45.59 -8.26
C MET A 588 30.76 46.49 -9.38
N GLU A 589 29.49 46.33 -9.73
CA GLU A 589 28.86 47.13 -10.76
C GLU A 589 28.49 48.47 -10.13
N ILE A 590 28.20 48.42 -8.83
CA ILE A 590 27.85 49.61 -8.08
C ILE A 590 28.83 49.73 -6.91
N ALA A 591 29.68 50.75 -6.96
CA ALA A 591 30.66 50.96 -5.90
C ALA A 591 29.96 51.36 -4.61
N PRO A 592 30.59 51.07 -3.46
CA PRO A 592 30.02 51.40 -2.16
C PRO A 592 29.66 52.88 -2.03
N GLY A 593 28.53 53.17 -1.39
CA GLY A 593 28.11 54.55 -1.21
C GLY A 593 27.03 54.67 -0.16
N TYR A 594 26.10 55.61 -0.36
CA TYR A 594 25.01 55.81 0.57
C TYR A 594 23.93 54.77 0.28
N ARG A 595 23.44 54.11 1.33
CA ARG A 595 22.41 53.08 1.17
C ARG A 595 21.00 53.62 0.94
N GLY A 596 20.78 54.88 1.26
CA GLY A 596 19.46 55.47 1.07
C GLY A 596 18.67 55.67 2.34
N TYR A 597 18.77 54.71 3.27
CA TYR A 597 18.05 54.80 4.53
C TYR A 597 19.00 54.98 5.71
N GLY A 598 18.66 55.92 6.60
CA GLY A 598 19.50 56.17 7.76
C GLY A 598 20.30 57.45 7.63
N ALA A 599 21.15 57.71 8.63
CA ALA A 599 21.98 58.91 8.63
C ALA A 599 22.99 58.88 7.48
N LYS A 600 23.30 60.06 6.94
CA LYS A 600 24.23 60.18 5.84
C LYS A 600 25.66 60.29 6.38
N GLY A 601 26.63 59.95 5.55
CA GLY A 601 28.03 60.01 5.96
C GLY A 601 28.32 59.14 7.17
N ASN A 602 27.45 58.17 7.42
CA ASN A 602 27.62 57.27 8.55
C ASN A 602 28.44 56.05 8.14
N TYR A 603 29.35 56.24 7.20
CA TYR A 603 30.20 55.15 6.73
C TYR A 603 31.61 55.61 6.41
N ILE A 604 32.59 54.84 6.86
CA ILE A 604 33.99 55.15 6.61
C ILE A 604 34.34 54.77 5.18
N GLU A 605 34.41 55.78 4.33
CA GLU A 605 34.72 55.61 2.91
C GLU A 605 36.06 54.92 2.67
N ASN A 606 36.08 54.07 1.65
CA ASN A 606 37.30 53.35 1.29
C ASN A 606 37.84 53.97 -0.01
N PRO A 607 39.13 54.32 -0.04
CA PRO A 607 39.72 54.91 -1.23
C PRO A 607 39.44 54.13 -2.52
N LEU A 608 39.52 52.80 -2.43
CA LEU A 608 39.28 51.95 -3.59
C LEU A 608 37.89 52.15 -4.16
N SER A 609 36.94 52.55 -3.32
CA SER A 609 35.56 52.79 -3.78
C SER A 609 35.52 53.99 -4.71
N VAL A 610 36.29 55.02 -4.37
CA VAL A 610 36.34 56.24 -5.16
C VAL A 610 36.91 55.94 -6.54
N LYS A 611 38.00 55.17 -6.57
CA LYS A 611 38.66 54.80 -7.82
C LYS A 611 37.66 54.08 -8.73
N ARG A 612 37.04 53.04 -8.20
CA ARG A 612 36.08 52.25 -8.96
C ARG A 612 34.91 53.08 -9.47
N GLN A 613 34.39 53.95 -8.61
CA GLN A 613 33.27 54.80 -8.97
C GLN A 613 33.59 55.61 -10.23
N GLU A 614 34.76 56.24 -10.22
CA GLU A 614 35.20 57.04 -11.36
C GLU A 614 35.28 56.14 -12.59
N GLU A 615 35.90 54.98 -12.42
CA GLU A 615 36.06 54.00 -13.48
C GLU A 615 34.72 53.60 -14.07
N ILE A 616 33.70 53.55 -13.21
CA ILE A 616 32.35 53.19 -13.64
C ILE A 616 31.75 54.33 -14.45
N ASP A 617 31.80 55.55 -13.90
CA ASP A 617 31.27 56.72 -14.57
C ASP A 617 31.88 56.87 -15.95
N LYS A 618 33.18 56.58 -16.04
CA LYS A 618 33.91 56.68 -17.30
C LYS A 618 33.37 55.67 -18.31
N ILE A 619 33.33 54.40 -17.93
CA ILE A 619 32.85 53.34 -18.80
C ILE A 619 31.42 53.61 -19.27
N GLN A 620 30.57 54.07 -18.35
CA GLN A 620 29.18 54.35 -18.68
C GLN A 620 29.09 55.48 -19.71
N SER A 621 29.81 56.56 -19.47
CA SER A 621 29.83 57.71 -20.37
C SER A 621 30.23 57.31 -21.79
N GLU A 622 31.41 56.73 -21.94
CA GLU A 622 31.90 56.32 -23.24
C GLU A 622 30.91 55.43 -23.98
N LEU A 623 30.49 54.34 -23.35
CA LEU A 623 29.56 53.40 -23.95
C LEU A 623 28.22 54.05 -24.28
N GLU A 624 27.69 54.83 -23.34
CA GLU A 624 26.40 55.50 -23.53
C GLU A 624 26.48 56.53 -24.64
N ALA A 625 27.68 57.05 -24.87
CA ALA A 625 27.89 58.05 -25.92
C ALA A 625 27.89 57.37 -27.28
N ALA A 626 28.42 56.16 -27.33
CA ALA A 626 28.48 55.38 -28.57
C ALA A 626 27.14 54.74 -28.90
N GLY A 627 26.09 55.17 -28.21
CA GLY A 627 24.77 54.62 -28.45
C GLY A 627 24.67 53.15 -28.09
N LYS A 628 25.22 52.79 -26.93
CA LYS A 628 25.20 51.41 -26.46
C LYS A 628 24.04 51.23 -25.49
N ASP A 629 23.38 50.07 -25.55
CA ASP A 629 22.24 49.79 -24.67
C ASP A 629 22.66 49.42 -23.26
N ARG A 630 21.70 49.44 -22.34
CA ARG A 630 21.97 49.13 -20.93
C ARG A 630 22.58 47.74 -20.76
N HIS A 631 22.27 46.83 -21.69
CA HIS A 631 22.79 45.48 -21.63
C HIS A 631 24.29 45.42 -21.86
N ALA A 632 24.75 46.08 -22.92
CA ALA A 632 26.17 46.10 -23.24
C ALA A 632 26.96 46.83 -22.15
N ILE A 633 26.35 47.86 -21.57
CA ILE A 633 26.99 48.63 -20.52
C ILE A 633 27.16 47.76 -19.29
N GLN A 634 26.12 47.01 -18.96
CA GLN A 634 26.15 46.12 -17.81
C GLN A 634 27.30 45.12 -17.97
N GLU A 635 27.40 44.54 -19.17
CA GLU A 635 28.44 43.55 -19.47
C GLU A 635 29.84 44.10 -19.28
N ALA A 636 30.04 45.36 -19.65
CA ALA A 636 31.34 46.00 -19.54
C ALA A 636 31.69 46.36 -18.09
N LEU A 637 30.68 46.50 -17.25
CA LEU A 637 30.91 46.86 -15.85
C LEU A 637 31.13 45.64 -14.96
N MET A 638 30.33 44.61 -15.18
CA MET A 638 30.44 43.40 -14.37
C MET A 638 29.74 42.21 -15.01
N PRO A 639 30.48 41.41 -15.80
CA PRO A 639 29.85 40.25 -16.43
C PRO A 639 29.53 39.18 -15.39
N TYR A 640 28.40 38.51 -15.55
CA TYR A 640 28.02 37.46 -14.64
C TYR A 640 27.57 36.23 -15.41
N GLU A 641 27.50 35.10 -14.71
CA GLU A 641 27.14 33.82 -15.31
C GLU A 641 25.67 33.45 -15.08
N LEU A 642 25.12 32.66 -15.99
CA LEU A 642 23.75 32.17 -15.91
C LEU A 642 23.61 30.89 -16.71
N PRO A 643 22.90 29.89 -16.16
CA PRO A 643 22.74 28.64 -16.91
C PRO A 643 22.16 28.97 -18.28
N ALA A 644 22.53 28.20 -19.29
CA ALA A 644 22.06 28.43 -20.64
C ALA A 644 20.53 28.57 -20.72
N LYS A 645 19.83 27.74 -19.96
CA LYS A 645 18.37 27.77 -19.97
C LYS A 645 17.74 29.08 -19.54
N TYR A 646 18.48 29.91 -18.80
CA TYR A 646 17.95 31.18 -18.31
C TYR A 646 18.68 32.42 -18.80
N LYS A 647 19.50 32.27 -19.85
CA LYS A 647 20.26 33.41 -20.34
C LYS A 647 19.46 34.33 -21.26
N ALA A 648 18.16 34.04 -21.44
CA ALA A 648 17.32 34.85 -22.30
C ALA A 648 16.81 36.13 -21.64
N ARG A 649 16.54 37.15 -22.45
CA ARG A 649 16.07 38.43 -21.93
C ARG A 649 14.59 38.32 -21.57
N ASN A 650 14.14 39.24 -20.71
CA ASN A 650 12.75 39.24 -20.29
C ASN A 650 11.91 40.24 -21.08
N GLU A 651 10.95 39.74 -21.84
CA GLU A 651 10.09 40.59 -22.64
C GLU A 651 9.20 41.37 -21.67
N ARG A 652 8.92 42.63 -22.00
CA ARG A 652 8.09 43.46 -21.16
C ARG A 652 7.05 44.22 -21.97
N LEU A 653 6.01 44.66 -21.29
CA LEU A 653 4.93 45.41 -21.91
C LEU A 653 5.50 46.79 -22.27
N GLY A 654 5.91 46.94 -23.52
CA GLY A 654 6.47 48.21 -23.96
C GLY A 654 7.74 48.09 -24.76
N ASP A 655 8.07 46.88 -25.18
CA ASP A 655 9.27 46.67 -25.99
C ASP A 655 8.91 46.81 -27.47
N LYS A 656 9.85 46.75 -28.30
N MET B 1 -5.19 34.65 39.79
CA MET B 1 -5.94 33.44 39.33
C MET B 1 -5.94 33.36 37.81
N GLY B 2 -6.79 32.50 37.29
CA GLY B 2 -6.92 32.33 35.85
C GLY B 2 -7.75 31.10 35.58
N ARG B 3 -8.37 30.58 36.64
CA ARG B 3 -9.21 29.39 36.59
C ARG B 3 -8.43 28.17 36.10
N MET B 4 -8.64 27.04 36.76
CA MET B 4 -7.96 25.81 36.40
C MET B 4 -8.67 25.10 35.27
N LEU B 5 -7.92 24.80 34.21
CA LEU B 5 -8.47 24.10 33.06
C LEU B 5 -8.14 22.63 33.23
N THR B 6 -9.07 21.77 32.83
CA THR B 6 -8.83 20.35 32.90
C THR B 6 -8.65 19.89 31.47
N ILE B 7 -7.43 19.48 31.13
CA ILE B 7 -7.13 19.02 29.78
C ILE B 7 -7.09 17.50 29.75
N ARG B 8 -7.98 16.90 28.96
CA ARG B 8 -8.02 15.45 28.82
C ARG B 8 -7.47 15.10 27.45
N VAL B 9 -6.42 14.30 27.41
CA VAL B 9 -5.78 13.94 26.15
C VAL B 9 -5.73 12.45 25.82
N PHE B 10 -6.02 12.13 24.56
CA PHE B 10 -5.99 10.75 24.08
C PHE B 10 -4.53 10.36 23.95
N LYS B 11 -4.15 9.23 24.54
CA LYS B 11 -2.77 8.78 24.44
C LYS B 11 -2.75 7.31 24.03
N TYR B 12 -1.91 7.01 23.04
CA TYR B 12 -1.78 5.66 22.53
C TYR B 12 -0.58 5.59 21.59
N ASP B 13 0.27 4.59 21.80
CA ASP B 13 1.46 4.40 20.98
C ASP B 13 1.38 3.04 20.27
N PRO B 14 0.84 3.02 19.06
CA PRO B 14 0.72 1.76 18.32
C PRO B 14 2.02 0.99 18.10
N GLN B 15 3.15 1.69 18.14
CA GLN B 15 4.44 1.03 17.93
C GLN B 15 4.98 0.35 19.19
N SER B 16 4.34 0.60 20.32
CA SER B 16 4.75 0.02 21.59
C SER B 16 3.79 -1.12 21.94
N ALA B 17 4.33 -2.31 22.19
CA ALA B 17 3.51 -3.46 22.50
C ALA B 17 2.80 -3.35 23.85
N VAL B 18 3.33 -2.56 24.77
CA VAL B 18 2.72 -2.41 26.09
C VAL B 18 1.77 -1.22 26.25
N SER B 19 1.61 -0.42 25.19
CA SER B 19 0.73 0.74 25.27
C SER B 19 -0.73 0.36 25.05
N LYS B 20 -1.61 1.00 25.80
CA LYS B 20 -3.04 0.75 25.68
C LYS B 20 -3.70 2.11 25.51
N PRO B 21 -4.76 2.19 24.68
CA PRO B 21 -5.39 3.51 24.52
C PRO B 21 -6.06 3.99 25.79
N HIS B 22 -5.79 5.22 26.17
CA HIS B 22 -6.36 5.81 27.37
C HIS B 22 -6.30 7.33 27.32
N PHE B 23 -6.99 7.95 28.27
CA PHE B 23 -7.00 9.40 28.38
C PHE B 23 -6.13 9.79 29.57
N GLN B 24 -5.41 10.89 29.45
CA GLN B 24 -4.61 11.39 30.55
C GLN B 24 -5.09 12.81 30.78
N GLU B 25 -5.20 13.21 32.04
CA GLU B 25 -5.67 14.54 32.37
C GLU B 25 -4.55 15.40 32.94
N TYR B 26 -4.60 16.69 32.60
CA TYR B 26 -3.60 17.63 33.10
C TYR B 26 -4.36 18.85 33.61
N LYS B 27 -3.81 19.49 34.63
CA LYS B 27 -4.43 20.66 35.22
C LYS B 27 -3.57 21.85 34.82
N ILE B 28 -4.14 22.76 34.03
CA ILE B 28 -3.42 23.93 33.56
C ILE B 28 -4.16 25.20 33.95
N GLU B 29 -3.42 26.18 34.46
CA GLU B 29 -4.03 27.44 34.83
C GLU B 29 -4.05 28.34 33.61
N GLU B 30 -5.25 28.75 33.21
CA GLU B 30 -5.44 29.59 32.04
C GLU B 30 -4.77 30.96 32.14
N ALA B 31 -4.32 31.46 31.00
CA ALA B 31 -3.68 32.77 30.91
C ALA B 31 -4.39 33.53 29.80
N PRO B 32 -4.20 34.86 29.73
CA PRO B 32 -4.85 35.68 28.70
C PRO B 32 -4.49 35.27 27.26
N SER B 33 -5.51 35.13 26.42
CA SER B 33 -5.33 34.75 25.02
C SER B 33 -4.57 33.43 24.87
N MET B 34 -4.88 32.48 25.75
CA MET B 34 -4.23 31.19 25.72
C MET B 34 -4.87 30.27 24.68
N THR B 35 -4.03 29.68 23.84
CA THR B 35 -4.47 28.77 22.78
C THR B 35 -4.03 27.35 23.13
N ILE B 36 -4.57 26.36 22.41
CA ILE B 36 -4.19 24.98 22.68
C ILE B 36 -2.70 24.79 22.37
N PHE B 37 -2.18 25.60 21.45
CA PHE B 37 -0.77 25.54 21.10
C PHE B 37 0.05 25.80 22.37
N ILE B 38 -0.30 26.86 23.08
CA ILE B 38 0.39 27.23 24.32
C ILE B 38 0.20 26.14 25.37
N VAL B 39 -1.03 25.64 25.49
CA VAL B 39 -1.35 24.58 26.46
C VAL B 39 -0.52 23.32 26.24
N LEU B 40 -0.48 22.83 25.01
CA LEU B 40 0.27 21.61 24.71
C LEU B 40 1.78 21.76 24.89
N ASN B 41 2.32 22.93 24.58
CA ASN B 41 3.75 23.10 24.76
C ASN B 41 4.08 23.25 26.24
N MET B 42 3.13 23.77 27.02
CA MET B 42 3.34 23.90 28.46
C MET B 42 3.41 22.50 29.04
N ILE B 43 2.47 21.65 28.64
CA ILE B 43 2.43 20.26 29.10
C ILE B 43 3.71 19.54 28.71
N ARG B 44 4.16 19.74 27.47
CA ARG B 44 5.37 19.09 26.98
C ARG B 44 6.62 19.47 27.77
N GLU B 45 6.84 20.76 27.95
CA GLU B 45 8.02 21.23 28.66
C GLU B 45 8.01 21.12 30.18
N THR B 46 6.83 21.08 30.80
CA THR B 46 6.79 21.02 32.25
C THR B 46 6.06 19.86 32.93
N TYR B 47 5.20 19.15 32.20
CA TYR B 47 4.48 18.04 32.84
C TYR B 47 4.68 16.67 32.21
N ASP B 48 4.68 16.61 30.88
CA ASP B 48 4.80 15.31 30.22
C ASP B 48 5.41 15.40 28.82
N PRO B 49 6.74 15.27 28.73
CA PRO B 49 7.46 15.34 27.46
C PRO B 49 7.20 14.15 26.53
N ASP B 50 6.39 13.21 26.97
CA ASP B 50 6.06 12.02 26.16
C ASP B 50 5.05 12.31 25.05
N LEU B 51 4.08 13.18 25.37
CA LEU B 51 2.99 13.55 24.48
C LEU B 51 3.37 14.00 23.06
N ASN B 52 2.84 13.31 22.05
CA ASN B 52 3.10 13.63 20.66
C ASN B 52 2.00 14.50 20.05
N PHE B 53 2.41 15.52 19.30
CA PHE B 53 1.49 16.41 18.61
C PHE B 53 2.28 17.18 17.56
N ASP B 54 1.59 17.76 16.59
CA ASP B 54 2.28 18.47 15.50
C ASP B 54 1.89 19.93 15.31
N PHE B 55 2.86 20.82 15.49
CA PHE B 55 2.65 22.24 15.26
C PHE B 55 3.76 22.73 14.35
N VAL B 56 3.47 23.74 13.53
CA VAL B 56 4.50 24.30 12.67
C VAL B 56 4.41 25.83 12.69
N CYS B 57 3.43 26.38 11.98
CA CYS B 57 3.24 27.83 11.86
C CYS B 57 2.64 28.53 13.07
N ARG B 58 1.89 27.79 13.88
CA ARG B 58 1.17 28.29 15.05
C ARG B 58 0.36 29.56 14.73
N ALA B 59 0.06 29.73 13.44
CA ALA B 59 -0.69 30.90 12.94
C ALA B 59 -1.95 30.57 12.13
N GLY B 60 -2.32 29.29 12.08
CA GLY B 60 -3.53 28.90 11.35
C GLY B 60 -3.41 28.91 9.84
N ILE B 61 -2.18 28.90 9.34
CA ILE B 61 -1.91 28.97 7.90
C ILE B 61 -1.36 27.69 7.25
N CYS B 62 -0.81 26.78 8.06
CA CYS B 62 -0.19 25.57 7.51
C CYS B 62 -0.99 24.27 7.56
N GLY B 63 -2.01 24.21 8.41
CA GLY B 63 -2.84 23.02 8.52
C GLY B 63 -2.24 21.83 9.24
N SER B 64 -1.17 22.07 10.00
CA SER B 64 -0.49 21.02 10.73
C SER B 64 -1.16 20.50 12.01
N CYS B 65 -1.82 21.42 12.73
CA CYS B 65 -2.40 21.11 14.03
C CYS B 65 -3.84 20.70 14.18
N GLY B 66 -4.42 20.10 13.14
CA GLY B 66 -5.79 19.68 13.24
C GLY B 66 -5.94 18.55 14.25
N MET B 67 -7.00 18.61 15.04
CA MET B 67 -7.30 17.57 16.02
C MET B 67 -8.73 17.76 16.46
N MET B 68 -9.27 16.77 17.16
CA MET B 68 -10.64 16.86 17.66
C MET B 68 -10.56 17.61 18.98
N ILE B 69 -11.28 18.72 19.09
CA ILE B 69 -11.29 19.50 20.31
C ILE B 69 -12.74 19.53 20.77
N ASN B 70 -13.02 18.81 21.84
CA ASN B 70 -14.39 18.71 22.36
C ASN B 70 -15.36 18.26 21.26
N GLY B 71 -14.92 17.26 20.51
CA GLY B 71 -15.74 16.69 19.44
C GLY B 71 -15.71 17.30 18.06
N ARG B 72 -15.03 18.43 17.88
CA ARG B 72 -14.97 19.06 16.57
C ARG B 72 -13.55 19.19 16.03
N PRO B 73 -13.33 18.74 14.78
CA PRO B 73 -11.98 18.87 14.23
C PRO B 73 -11.71 20.37 14.07
N SER B 74 -10.63 20.85 14.66
CA SER B 74 -10.29 22.26 14.62
C SER B 74 -8.77 22.44 14.60
N LEU B 75 -8.32 23.64 14.26
CA LEU B 75 -6.89 23.95 14.30
C LEU B 75 -6.55 24.36 15.74
N ALA B 76 -5.77 23.55 16.42
CA ALA B 76 -5.40 23.80 17.81
C ALA B 76 -4.69 25.14 18.05
N CYS B 77 -3.88 25.59 17.10
CA CYS B 77 -3.17 26.85 17.27
C CYS B 77 -4.11 28.05 17.21
N ARG B 78 -5.30 27.84 16.66
CA ARG B 78 -6.27 28.92 16.53
C ARG B 78 -7.45 28.76 17.48
N THR B 79 -7.36 27.81 18.40
CA THR B 79 -8.43 27.57 19.34
C THR B 79 -8.07 28.14 20.70
N LEU B 80 -8.95 28.99 21.22
CA LEU B 80 -8.75 29.65 22.51
C LEU B 80 -9.44 28.92 23.66
N THR B 81 -8.73 28.76 24.76
CA THR B 81 -9.27 28.07 25.93
C THR B 81 -10.45 28.86 26.51
N LYS B 82 -10.43 30.18 26.30
CA LYS B 82 -11.48 31.06 26.78
C LYS B 82 -12.87 30.68 26.27
N ASP B 83 -12.94 30.17 25.05
CA ASP B 83 -14.21 29.80 24.45
C ASP B 83 -14.87 28.55 25.00
N PHE B 84 -14.24 27.92 25.99
CA PHE B 84 -14.81 26.73 26.57
C PHE B 84 -15.33 27.00 27.97
N GLU B 85 -16.57 27.51 28.05
CA GLU B 85 -17.17 27.80 29.35
C GLU B 85 -17.48 26.48 30.03
N ASP B 86 -16.54 26.03 30.86
CA ASP B 86 -16.67 24.78 31.59
C ASP B 86 -15.28 24.46 32.10
N GLY B 87 -14.27 24.84 31.32
CA GLY B 87 -12.90 24.61 31.71
C GLY B 87 -12.37 23.24 31.36
N VAL B 88 -13.22 22.36 30.84
CA VAL B 88 -12.79 21.01 30.48
C VAL B 88 -12.67 20.84 28.97
N ILE B 89 -11.44 20.59 28.52
CA ILE B 89 -11.14 20.43 27.11
C ILE B 89 -10.62 19.02 26.84
N THR B 90 -11.26 18.31 25.91
CA THR B 90 -10.84 16.95 25.55
C THR B 90 -10.24 16.95 24.15
N LEU B 91 -9.02 16.43 24.04
CA LEU B 91 -8.29 16.39 22.77
C LEU B 91 -8.10 14.98 22.25
N LEU B 92 -8.49 14.79 20.99
CA LEU B 92 -8.36 13.49 20.32
C LEU B 92 -7.66 13.74 18.98
N PRO B 93 -6.95 12.73 18.47
CA PRO B 93 -6.28 12.94 17.18
C PRO B 93 -7.38 12.95 16.12
N LEU B 94 -7.09 13.47 14.93
CA LEU B 94 -8.11 13.47 13.89
C LEU B 94 -8.41 12.04 13.44
N PRO B 95 -9.69 11.66 13.36
CA PRO B 95 -9.97 10.30 12.93
C PRO B 95 -9.80 10.28 11.40
N ALA B 96 -9.94 9.11 10.79
CA ALA B 96 -9.84 8.98 9.34
C ALA B 96 -8.44 9.17 8.75
N PHE B 97 -7.42 9.21 9.60
CA PHE B 97 -6.04 9.34 9.17
C PHE B 97 -5.26 8.32 9.96
N LYS B 98 -4.13 7.86 9.44
CA LYS B 98 -3.33 6.89 10.18
C LYS B 98 -2.72 7.54 11.41
N LEU B 99 -2.95 6.92 12.57
CA LEU B 99 -2.43 7.43 13.82
C LEU B 99 -0.93 7.12 13.95
N ILE B 100 -0.16 8.12 14.35
CA ILE B 100 1.27 7.93 14.57
C ILE B 100 1.44 7.69 16.07
N LYS B 101 0.97 8.64 16.87
CA LYS B 101 1.02 8.50 18.34
C LYS B 101 0.28 9.64 18.99
N ASP B 102 -0.54 9.33 19.98
CA ASP B 102 -1.32 10.32 20.72
C ASP B 102 -2.13 11.28 19.83
N LEU B 103 -1.70 12.54 19.73
CA LEU B 103 -2.43 13.51 18.92
C LEU B 103 -1.84 13.68 17.52
N SER B 104 -0.81 12.90 17.22
CA SER B 104 -0.14 13.00 15.92
C SER B 104 -0.60 11.95 14.91
N VAL B 105 -1.08 12.42 13.76
CA VAL B 105 -1.55 11.53 12.71
C VAL B 105 -0.87 11.91 11.39
N ASP B 106 -0.96 11.02 10.41
CA ASP B 106 -0.35 11.29 9.12
C ASP B 106 -1.38 11.86 8.14
N THR B 107 -1.47 13.18 8.07
CA THR B 107 -2.38 13.84 7.15
C THR B 107 -1.62 14.10 5.85
N GLY B 108 -0.36 14.46 5.98
CA GLY B 108 0.48 14.78 4.83
C GLY B 108 0.55 13.73 3.74
N ASN B 109 0.78 12.48 4.11
CA ASN B 109 0.88 11.48 3.08
C ASN B 109 -0.44 11.08 2.45
N TRP B 110 -1.53 11.23 3.20
CA TRP B 110 -2.83 10.93 2.65
C TRP B 110 -3.14 12.03 1.64
N PHE B 111 -2.78 13.26 1.97
CA PHE B 111 -3.04 14.37 1.04
C PHE B 111 -2.21 14.28 -0.22
N ASN B 112 -0.96 13.84 -0.10
CA ASN B 112 -0.14 13.69 -1.29
C ASN B 112 -0.77 12.61 -2.18
N GLY B 113 -1.32 11.58 -1.54
CA GLY B 113 -1.95 10.50 -2.28
C GLY B 113 -3.19 11.01 -2.99
N MET B 114 -3.95 11.87 -2.33
N MET B 114 -3.95 11.87 -2.32
CA MET B 114 -5.16 12.45 -2.92
CA MET B 114 -5.14 12.46 -2.90
C MET B 114 -4.75 13.37 -4.08
C MET B 114 -4.74 13.36 -4.07
N SER B 115 -3.75 14.21 -3.86
CA SER B 115 -3.28 15.11 -4.91
C SER B 115 -2.87 14.33 -6.15
N GLN B 116 -2.28 13.16 -5.97
CA GLN B 116 -1.88 12.37 -7.12
C GLN B 116 -3.11 11.73 -7.76
N ARG B 117 -4.02 11.26 -6.91
CA ARG B 117 -5.25 10.62 -7.35
C ARG B 117 -6.09 11.53 -8.24
N VAL B 118 -6.18 12.81 -7.92
CA VAL B 118 -6.97 13.73 -8.75
C VAL B 118 -6.08 14.52 -9.72
N GLU B 119 -4.81 14.11 -9.84
CA GLU B 119 -3.88 14.81 -10.73
C GLU B 119 -3.95 16.31 -10.50
N SER B 120 -3.61 16.69 -9.26
CA SER B 120 -3.61 18.07 -8.79
C SER B 120 -2.48 18.94 -9.35
N TRP B 121 -2.54 19.22 -10.64
CA TRP B 121 -1.58 20.07 -11.31
C TRP B 121 -2.15 20.51 -12.64
N ILE B 122 -1.59 21.57 -13.21
CA ILE B 122 -2.07 22.09 -14.48
C ILE B 122 -1.78 21.12 -15.63
N HIS B 123 -2.82 20.81 -16.39
CA HIS B 123 -2.68 19.94 -17.55
C HIS B 123 -2.76 20.81 -18.80
N ALA B 124 -1.66 20.89 -19.54
CA ALA B 124 -1.62 21.70 -20.76
C ALA B 124 -0.69 21.03 -21.77
N GLN B 125 -1.07 21.10 -23.04
CA GLN B 125 -0.28 20.50 -24.11
C GLN B 125 1.02 21.24 -24.40
N LYS B 126 1.01 22.56 -24.26
CA LYS B 126 2.20 23.35 -24.53
C LYS B 126 2.65 24.20 -23.35
N GLU B 127 3.97 24.37 -23.22
CA GLU B 127 4.56 25.18 -22.15
C GLU B 127 4.68 26.62 -22.64
N HIS B 128 4.10 27.56 -21.89
CA HIS B 128 4.18 28.96 -22.28
C HIS B 128 5.62 29.41 -22.04
N ASP B 129 6.16 30.19 -22.97
CA ASP B 129 7.53 30.67 -22.85
C ASP B 129 7.66 31.58 -21.62
N ILE B 130 8.54 31.21 -20.69
CA ILE B 130 8.70 32.00 -19.47
C ILE B 130 9.49 33.29 -19.65
N SER B 131 10.00 33.55 -20.85
CA SER B 131 10.74 34.78 -21.09
C SER B 131 9.81 35.82 -21.75
N LYS B 132 8.58 35.41 -22.02
CA LYS B 132 7.60 36.29 -22.67
C LYS B 132 6.49 36.68 -21.71
N LEU B 133 5.64 37.60 -22.15
CA LEU B 133 4.51 38.05 -21.33
C LEU B 133 3.63 36.85 -20.97
N GLU B 134 3.11 36.87 -19.75
CA GLU B 134 2.22 35.80 -19.30
C GLU B 134 0.92 35.88 -20.08
N GLU B 135 0.17 34.78 -20.11
CA GLU B 135 -1.10 34.78 -20.81
C GLU B 135 -2.04 35.58 -19.91
N ARG B 136 -2.84 36.45 -20.51
CA ARG B 136 -3.76 37.27 -19.74
C ARG B 136 -4.89 36.45 -19.15
N ILE B 137 -5.32 36.82 -17.94
CA ILE B 137 -6.40 36.15 -17.24
C ILE B 137 -7.28 37.21 -16.61
N GLU B 138 -8.61 37.05 -16.72
CA GLU B 138 -9.51 38.04 -16.13
C GLU B 138 -9.31 38.03 -14.63
N PRO B 139 -9.22 39.22 -14.01
CA PRO B 139 -9.03 39.31 -12.56
C PRO B 139 -10.05 38.54 -11.73
N GLU B 140 -11.31 38.56 -12.16
CA GLU B 140 -12.37 37.85 -11.44
C GLU B 140 -12.09 36.35 -11.44
N VAL B 141 -11.57 35.85 -12.55
CA VAL B 141 -11.26 34.43 -12.68
C VAL B 141 -10.12 34.07 -11.75
N ALA B 142 -9.07 34.89 -11.75
CA ALA B 142 -7.94 34.66 -10.88
C ALA B 142 -8.43 34.61 -9.44
N GLN B 143 -9.35 35.50 -9.09
CA GLN B 143 -9.89 35.55 -7.73
C GLN B 143 -10.67 34.27 -7.40
N GLU B 144 -11.44 33.76 -8.35
CA GLU B 144 -12.20 32.54 -8.12
C GLU B 144 -11.26 31.36 -7.88
N VAL B 145 -10.24 31.23 -8.72
CA VAL B 145 -9.30 30.13 -8.55
C VAL B 145 -8.63 30.24 -7.17
N PHE B 146 -8.19 31.45 -6.81
CA PHE B 146 -7.53 31.66 -5.52
C PHE B 146 -8.42 31.20 -4.36
N GLU B 147 -9.70 31.54 -4.43
CA GLU B 147 -10.64 31.17 -3.38
C GLU B 147 -10.59 29.68 -3.08
N LEU B 148 -10.51 28.86 -4.13
CA LEU B 148 -10.45 27.42 -3.94
C LEU B 148 -9.03 26.93 -3.70
N ASP B 149 -8.05 27.72 -4.12
CA ASP B 149 -6.65 27.35 -3.92
C ASP B 149 -6.22 27.60 -2.49
N ARG B 150 -7.09 28.22 -1.68
CA ARG B 150 -6.76 28.53 -0.29
C ARG B 150 -6.71 27.33 0.64
N CYS B 151 -7.14 26.16 0.18
CA CYS B 151 -7.14 24.96 1.01
C CYS B 151 -5.74 24.73 1.57
N ILE B 152 -5.63 24.53 2.88
CA ILE B 152 -4.33 24.32 3.51
C ILE B 152 -4.07 22.86 3.88
N GLU B 153 -4.88 21.97 3.32
CA GLU B 153 -4.76 20.53 3.56
C GLU B 153 -4.59 20.17 5.03
N CYS B 154 -5.47 20.74 5.85
CA CYS B 154 -5.47 20.52 7.29
C CYS B 154 -6.14 19.21 7.71
N GLY B 155 -6.97 18.67 6.82
CA GLY B 155 -7.64 17.41 7.12
C GLY B 155 -8.91 17.53 7.96
N CYS B 156 -9.26 18.74 8.39
CA CYS B 156 -10.46 18.89 9.22
C CYS B 156 -11.74 18.43 8.55
N CYS B 157 -11.87 18.67 7.24
CA CYS B 157 -13.08 18.25 6.52
C CYS B 157 -13.09 16.76 6.24
N ILE B 158 -11.91 16.14 6.32
CA ILE B 158 -11.79 14.70 6.07
C ILE B 158 -12.23 13.97 7.33
N ALA B 159 -11.70 14.41 8.47
CA ALA B 159 -12.04 13.82 9.78
C ALA B 159 -13.47 14.14 10.20
N ALA B 160 -14.02 15.24 9.68
CA ALA B 160 -15.38 15.65 10.03
C ALA B 160 -16.42 14.86 9.25
N CYS B 161 -15.97 14.23 8.17
CA CYS B 161 -16.84 13.48 7.28
C CYS B 161 -17.19 12.06 7.72
N GLY B 162 -18.43 11.86 8.12
CA GLY B 162 -18.86 10.53 8.54
C GLY B 162 -18.67 9.52 7.41
N THR B 163 -18.89 9.97 6.18
CA THR B 163 -18.74 9.08 5.03
C THR B 163 -17.31 8.54 4.93
N LYS B 164 -16.33 9.42 5.09
CA LYS B 164 -14.93 9.02 5.02
C LYS B 164 -14.57 8.10 6.16
N ILE B 165 -15.11 8.38 7.35
CA ILE B 165 -14.83 7.55 8.51
C ILE B 165 -15.28 6.11 8.25
N MET B 166 -16.44 5.94 7.62
CA MET B 166 -16.93 4.60 7.32
C MET B 166 -16.29 3.97 6.09
N ARG B 167 -16.12 4.76 5.02
CA ARG B 167 -15.57 4.26 3.76
C ARG B 167 -14.28 5.00 3.43
N GLU B 168 -13.15 4.37 3.77
CA GLU B 168 -11.84 4.98 3.62
C GLU B 168 -11.37 5.38 2.23
N ASP B 169 -11.94 4.78 1.18
CA ASP B 169 -11.51 5.12 -0.16
C ASP B 169 -12.20 6.38 -0.70
N PHE B 170 -13.14 6.91 0.06
CA PHE B 170 -13.83 8.12 -0.37
C PHE B 170 -12.79 9.23 -0.52
N VAL B 171 -12.81 9.91 -1.66
CA VAL B 171 -11.83 10.95 -1.96
C VAL B 171 -11.89 12.16 -1.00
N GLY B 172 -13.03 12.36 -0.35
CA GLY B 172 -13.16 13.45 0.61
C GLY B 172 -13.46 14.81 0.03
N ALA B 173 -13.91 15.72 0.89
CA ALA B 173 -14.26 17.07 0.46
C ALA B 173 -13.08 17.80 -0.14
N ALA B 174 -11.91 17.64 0.46
CA ALA B 174 -10.72 18.32 -0.05
C ALA B 174 -10.37 17.85 -1.46
N GLY B 175 -10.66 16.58 -1.75
CA GLY B 175 -10.39 16.04 -3.08
C GLY B 175 -11.36 16.60 -4.11
N LEU B 176 -12.63 16.70 -3.74
CA LEU B 176 -13.65 17.22 -4.65
C LEU B 176 -13.39 18.71 -4.90
N ASN B 177 -12.97 19.43 -3.86
CA ASN B 177 -12.68 20.85 -4.00
C ASN B 177 -11.51 21.04 -4.95
N ARG B 178 -10.50 20.18 -4.81
CA ARG B 178 -9.30 20.25 -5.64
C ARG B 178 -9.66 20.07 -7.11
N VAL B 179 -10.58 19.16 -7.39
CA VAL B 179 -11.01 18.95 -8.76
C VAL B 179 -11.62 20.24 -9.29
N VAL B 180 -12.53 20.83 -8.54
CA VAL B 180 -13.17 22.07 -9.00
C VAL B 180 -12.16 23.17 -9.19
N ARG B 181 -11.17 23.24 -8.30
CA ARG B 181 -10.14 24.28 -8.37
C ARG B 181 -9.43 24.26 -9.72
N PHE B 182 -9.27 23.09 -10.32
CA PHE B 182 -8.62 23.01 -11.63
C PHE B 182 -9.64 23.14 -12.76
N MET B 183 -10.85 22.67 -12.50
CA MET B 183 -11.93 22.74 -13.48
C MET B 183 -12.14 24.20 -13.91
N ILE B 184 -12.18 25.12 -12.94
CA ILE B 184 -12.42 26.53 -13.22
C ILE B 184 -11.18 27.36 -13.57
N ASP B 185 -10.02 26.70 -13.66
CA ASP B 185 -8.78 27.38 -14.00
C ASP B 185 -8.58 27.28 -15.51
N PRO B 186 -8.58 28.42 -16.23
CA PRO B 186 -8.40 28.44 -17.68
C PRO B 186 -7.12 27.79 -18.18
N HIS B 187 -6.10 27.74 -17.34
CA HIS B 187 -4.82 27.15 -17.73
C HIS B 187 -4.92 25.64 -17.90
N ASP B 188 -5.87 25.01 -17.22
CA ASP B 188 -6.03 23.56 -17.29
C ASP B 188 -6.97 23.18 -18.43
N GLU B 189 -6.48 22.33 -19.34
CA GLU B 189 -7.25 21.91 -20.50
C GLU B 189 -8.16 20.71 -20.32
N ARG B 190 -8.20 20.13 -19.13
CA ARG B 190 -9.06 18.97 -18.89
C ARG B 190 -10.54 19.29 -19.12
N THR B 191 -11.29 18.31 -19.62
CA THR B 191 -12.71 18.48 -19.86
C THR B 191 -13.49 17.78 -18.75
N ASP B 192 -14.81 17.92 -18.78
CA ASP B 192 -15.62 17.26 -17.78
C ASP B 192 -15.42 15.75 -17.83
N GLU B 193 -15.28 15.18 -19.02
CA GLU B 193 -15.09 13.75 -19.17
C GLU B 193 -13.78 13.28 -18.57
N ASP B 194 -12.75 14.12 -18.66
CA ASP B 194 -11.48 13.76 -18.05
C ASP B 194 -11.67 13.68 -16.53
N TYR B 195 -12.35 14.67 -15.96
CA TYR B 195 -12.59 14.69 -14.53
C TYR B 195 -13.42 13.49 -14.09
N TYR B 196 -14.35 13.06 -14.95
CA TYR B 196 -15.17 11.91 -14.62
C TYR B 196 -14.31 10.66 -14.44
N GLU B 197 -13.27 10.51 -15.26
CA GLU B 197 -12.40 9.34 -15.13
C GLU B 197 -11.65 9.35 -13.79
N LEU B 198 -11.56 10.52 -13.16
CA LEU B 198 -10.89 10.64 -11.88
C LEU B 198 -11.82 10.42 -10.68
N ILE B 199 -12.92 11.14 -10.64
CA ILE B 199 -13.85 11.04 -9.52
C ILE B 199 -15.29 10.66 -9.84
N GLY B 200 -15.53 10.16 -11.04
CA GLY B 200 -16.86 9.78 -11.43
C GLY B 200 -17.20 8.36 -11.04
N ASP B 201 -17.11 8.05 -9.75
CA ASP B 201 -17.44 6.72 -9.26
C ASP B 201 -17.90 6.79 -7.80
N ASP B 202 -18.18 5.64 -7.21
CA ASP B 202 -18.68 5.60 -5.84
C ASP B 202 -17.68 5.94 -4.74
N ASP B 203 -16.40 6.02 -5.07
CA ASP B 203 -15.39 6.43 -4.10
C ASP B 203 -15.14 7.91 -4.35
N GLY B 204 -15.83 8.46 -5.36
CA GLY B 204 -15.67 9.86 -5.71
C GLY B 204 -16.83 10.77 -5.36
N VAL B 205 -17.23 11.60 -6.30
CA VAL B 205 -18.32 12.54 -6.04
C VAL B 205 -19.65 11.86 -5.68
N PHE B 206 -19.94 10.72 -6.28
CA PHE B 206 -21.20 10.03 -5.98
C PHE B 206 -21.19 9.35 -4.62
N GLY B 207 -20.02 9.33 -3.97
CA GLY B 207 -19.93 8.72 -2.66
C GLY B 207 -20.29 9.73 -1.57
N CYS B 208 -20.41 11.00 -1.95
CA CYS B 208 -20.73 12.05 -0.99
C CYS B 208 -22.20 11.95 -0.60
N MET B 209 -22.47 11.98 0.70
CA MET B 209 -23.84 11.89 1.20
C MET B 209 -24.35 13.26 1.68
N THR B 210 -23.63 14.31 1.34
CA THR B 210 -24.01 15.67 1.69
C THR B 210 -24.26 15.88 3.19
N LEU B 211 -23.35 15.37 4.02
CA LEU B 211 -23.47 15.53 5.46
C LEU B 211 -23.15 17.00 5.81
N LEU B 212 -22.37 17.62 4.93
CA LEU B 212 -21.96 19.02 5.05
C LEU B 212 -21.14 19.39 6.27
N ALA B 213 -20.64 18.40 6.99
CA ALA B 213 -19.81 18.67 8.16
C ALA B 213 -18.52 19.33 7.67
N CYS B 214 -18.07 18.93 6.47
CA CYS B 214 -16.88 19.50 5.87
C CYS B 214 -17.03 21.01 5.77
N HIS B 215 -18.16 21.44 5.21
CA HIS B 215 -18.44 22.86 5.04
C HIS B 215 -18.42 23.60 6.37
N ASP B 216 -19.09 23.02 7.36
CA ASP B 216 -19.20 23.66 8.67
C ASP B 216 -17.96 23.68 9.55
N VAL B 217 -16.92 22.93 9.19
CA VAL B 217 -15.70 22.93 10.01
C VAL B 217 -14.48 23.53 9.31
N CYS B 218 -14.55 23.70 7.99
CA CYS B 218 -13.41 24.24 7.26
C CYS B 218 -12.93 25.56 7.86
N PRO B 219 -11.71 25.56 8.44
CA PRO B 219 -11.17 26.79 9.05
C PRO B 219 -10.89 27.92 8.07
N LYS B 220 -10.89 27.62 6.78
CA LYS B 220 -10.66 28.65 5.75
C LYS B 220 -11.98 29.06 5.10
N ASN B 221 -13.07 28.46 5.57
CA ASN B 221 -14.39 28.78 5.06
C ASN B 221 -14.54 28.67 3.54
N LEU B 222 -14.05 27.57 2.98
CA LEU B 222 -14.20 27.38 1.54
C LEU B 222 -15.67 27.08 1.24
N PRO B 223 -16.15 27.42 0.04
CA PRO B 223 -17.53 27.18 -0.36
C PRO B 223 -17.73 25.73 -0.79
N LEU B 224 -17.48 24.81 0.13
CA LEU B 224 -17.59 23.38 -0.15
C LEU B 224 -18.98 22.91 -0.56
N GLN B 225 -19.99 23.37 0.17
CA GLN B 225 -21.36 22.98 -0.14
C GLN B 225 -21.75 23.25 -1.60
N SER B 226 -21.63 24.50 -2.04
CA SER B 226 -22.02 24.82 -3.42
C SER B 226 -21.09 24.25 -4.48
N LYS B 227 -19.81 24.17 -4.16
CA LYS B 227 -18.84 23.67 -5.14
C LYS B 227 -18.97 22.15 -5.35
N ILE B 228 -19.26 21.40 -4.29
CA ILE B 228 -19.42 19.96 -4.45
C ILE B 228 -20.71 19.69 -5.25
N ALA B 229 -21.76 20.46 -4.98
CA ALA B 229 -23.03 20.30 -5.69
C ALA B 229 -22.80 20.61 -7.17
N TYR B 230 -22.01 21.65 -7.42
CA TYR B 230 -21.68 22.07 -8.77
C TYR B 230 -21.01 20.90 -9.51
N LEU B 231 -20.04 20.28 -8.84
CA LEU B 231 -19.33 19.14 -9.40
C LEU B 231 -20.27 17.95 -9.62
N ARG B 232 -21.18 17.73 -8.67
CA ARG B 232 -22.10 16.60 -8.79
C ARG B 232 -22.99 16.77 -10.00
N ARG B 233 -23.49 17.99 -10.22
CA ARG B 233 -24.35 18.24 -11.37
C ARG B 233 -23.60 18.02 -12.68
N LYS B 234 -22.33 18.37 -12.71
CA LYS B 234 -21.56 18.21 -13.93
C LYS B 234 -21.21 16.76 -14.22
N MET B 235 -20.82 16.02 -13.20
CA MET B 235 -20.44 14.62 -13.38
C MET B 235 -21.62 13.72 -13.71
N VAL B 236 -22.79 14.03 -13.16
CA VAL B 236 -23.95 13.18 -13.43
C VAL B 236 -24.48 13.40 -14.84
N SER B 237 -23.96 14.44 -15.50
CA SER B 237 -24.37 14.81 -16.85
C SER B 237 -23.39 14.38 -17.94
N VAL B 238 -22.35 13.67 -17.55
CA VAL B 238 -21.36 13.19 -18.52
C VAL B 238 -21.91 12.03 -19.35
N ASN B 239 -21.67 12.09 -20.66
CA ASN B 239 -22.12 11.08 -21.64
C ASN B 239 -23.48 11.41 -22.25
N MET B 240 -23.91 10.64 -23.13
N MET C 1 -25.27 -12.70 -17.91
CA MET C 1 -23.90 -12.19 -18.17
C MET C 1 -23.68 -11.95 -19.66
N THR C 2 -22.93 -10.91 -19.99
CA THR C 2 -22.62 -10.57 -21.38
C THR C 2 -21.11 -10.35 -21.46
N ASN C 3 -20.57 -10.36 -22.68
CA ASN C 3 -19.13 -10.15 -22.84
C ASN C 3 -18.70 -8.83 -22.22
N GLU C 4 -19.48 -7.78 -22.47
CA GLU C 4 -19.17 -6.46 -21.94
C GLU C 4 -19.14 -6.41 -20.41
N SER C 5 -20.10 -7.05 -19.76
CA SER C 5 -20.15 -7.07 -18.30
C SER C 5 -18.96 -7.85 -17.74
N ILE C 6 -18.54 -8.90 -18.45
CA ILE C 6 -17.39 -9.69 -18.02
C ILE C 6 -16.14 -8.83 -18.12
N LEU C 7 -15.98 -8.15 -19.26
CA LEU C 7 -14.82 -7.29 -19.45
C LEU C 7 -14.76 -6.19 -18.41
N GLU C 8 -15.91 -5.61 -18.08
CA GLU C 8 -15.96 -4.55 -17.06
C GLU C 8 -15.62 -5.10 -15.68
N SER C 9 -16.19 -6.25 -15.34
CA SER C 9 -15.93 -6.86 -14.04
C SER C 9 -14.46 -7.21 -13.84
N TYR C 10 -13.84 -7.78 -14.87
CA TYR C 10 -12.44 -8.18 -14.78
C TYR C 10 -11.43 -7.06 -15.02
N SER C 11 -11.78 -6.05 -15.79
CA SER C 11 -10.84 -4.96 -16.05
C SER C 11 -11.05 -3.73 -15.18
N GLY C 12 -12.28 -3.53 -14.71
CA GLY C 12 -12.56 -2.37 -13.89
C GLY C 12 -13.00 -1.19 -14.74
N VAL C 13 -13.02 -1.40 -16.06
CA VAL C 13 -13.45 -0.35 -16.99
C VAL C 13 -14.27 -0.95 -18.13
N THR C 14 -14.94 -0.10 -18.88
CA THR C 14 -15.75 -0.55 -20.01
C THR C 14 -14.82 -0.96 -21.16
N PRO C 15 -15.36 -1.61 -22.20
CA PRO C 15 -14.56 -2.04 -23.36
C PRO C 15 -13.83 -0.87 -24.02
N GLU C 16 -14.35 0.34 -23.84
N GLU C 16 -14.34 0.35 -23.84
CA GLU C 16 -13.73 1.53 -24.42
CA GLU C 16 -13.71 1.52 -24.42
C GLU C 16 -12.69 2.09 -23.45
C GLU C 16 -12.67 2.08 -23.45
N ARG C 17 -12.43 1.33 -22.38
CA ARG C 17 -11.47 1.71 -21.35
C ARG C 17 -11.84 3.00 -20.64
N LYS C 18 -13.09 3.11 -20.23
CA LYS C 18 -13.57 4.28 -19.51
C LYS C 18 -14.27 3.79 -18.26
N LYS C 19 -14.45 4.66 -17.29
CA LYS C 19 -15.15 4.23 -16.09
C LYS C 19 -16.63 4.17 -16.41
N SER C 20 -17.31 3.21 -15.80
CA SER C 20 -18.72 3.03 -16.02
C SER C 20 -19.52 4.27 -15.63
N ARG C 21 -20.60 4.50 -16.38
CA ARG C 21 -21.49 5.61 -16.12
C ARG C 21 -22.63 5.15 -15.21
N MET C 22 -22.60 3.90 -14.79
CA MET C 22 -23.67 3.38 -13.93
C MET C 22 -23.75 4.09 -12.58
N PRO C 23 -22.61 4.34 -11.93
CA PRO C 23 -22.67 5.03 -10.63
C PRO C 23 -23.42 6.37 -10.74
N ALA C 24 -23.26 7.05 -11.85
CA ALA C 24 -23.92 8.33 -12.10
C ALA C 24 -25.43 8.13 -12.25
N LYS C 25 -25.80 7.12 -13.02
CA LYS C 25 -27.21 6.80 -13.25
C LYS C 25 -27.91 6.43 -11.95
N LEU C 26 -27.27 5.57 -11.16
CA LEU C 26 -27.82 5.13 -9.89
C LEU C 26 -27.99 6.30 -8.92
N ASP C 27 -27.04 7.21 -8.94
CA ASP C 27 -27.09 8.38 -8.07
C ASP C 27 -28.30 9.23 -8.48
N TRP C 28 -28.48 9.38 -9.79
CA TRP C 28 -29.58 10.17 -10.33
C TRP C 28 -30.91 9.54 -9.92
N TRP C 29 -31.07 8.25 -10.22
CA TRP C 29 -32.30 7.56 -9.87
C TRP C 29 -32.60 7.52 -8.38
N GLN C 30 -31.56 7.45 -7.56
CA GLN C 30 -31.82 7.44 -6.12
C GLN C 30 -32.49 8.76 -5.73
N SER C 31 -31.92 9.86 -6.20
CA SER C 31 -32.47 11.17 -5.90
C SER C 31 -33.84 11.39 -6.55
N ALA C 32 -34.01 10.90 -7.77
CA ALA C 32 -35.28 11.05 -8.49
C ALA C 32 -36.40 10.33 -7.76
N THR C 33 -36.14 9.09 -7.34
CA THR C 33 -37.15 8.31 -6.64
C THR C 33 -37.42 8.97 -5.29
N GLY C 34 -36.39 9.56 -4.70
CA GLY C 34 -36.55 10.22 -3.42
C GLY C 34 -37.42 11.45 -3.58
N LEU C 35 -37.15 12.24 -4.61
CA LEU C 35 -37.90 13.46 -4.86
C LEU C 35 -39.38 13.12 -5.08
N PHE C 36 -39.65 12.09 -5.87
CA PHE C 36 -41.01 11.67 -6.15
C PHE C 36 -41.78 11.35 -4.88
N LEU C 37 -41.20 10.48 -4.05
CA LEU C 37 -41.86 10.07 -2.81
C LEU C 37 -42.07 11.25 -1.86
N GLY C 38 -41.09 12.13 -1.80
CA GLY C 38 -41.18 13.29 -0.93
C GLY C 38 -42.34 14.19 -1.30
N LEU C 39 -42.47 14.49 -2.60
CA LEU C 39 -43.54 15.34 -3.08
C LEU C 39 -44.87 14.58 -2.98
N PHE C 40 -44.85 13.30 -3.31
CA PHE C 40 -46.06 12.49 -3.23
C PHE C 40 -46.67 12.57 -1.84
N MET C 41 -45.82 12.44 -0.82
CA MET C 41 -46.25 12.47 0.56
C MET C 41 -46.89 13.80 0.99
N ILE C 42 -46.40 14.90 0.45
CA ILE C 42 -46.97 16.20 0.80
C ILE C 42 -48.41 16.25 0.30
N GLY C 43 -48.62 15.84 -0.94
CA GLY C 43 -49.96 15.83 -1.50
C GLY C 43 -50.83 14.83 -0.76
N HIS C 44 -50.20 13.72 -0.35
CA HIS C 44 -50.89 12.67 0.38
C HIS C 44 -51.44 13.18 1.70
N MET C 45 -50.66 13.99 2.41
CA MET C 45 -51.11 14.51 3.70
C MET C 45 -52.29 15.48 3.56
N PHE C 46 -52.37 16.16 2.43
CA PHE C 46 -53.46 17.10 2.21
C PHE C 46 -54.75 16.37 1.87
N PHE C 47 -54.68 15.43 0.94
CA PHE C 47 -55.85 14.66 0.53
C PHE C 47 -56.43 13.80 1.65
N VAL C 48 -55.54 13.27 2.50
CA VAL C 48 -55.97 12.43 3.61
C VAL C 48 -56.49 13.26 4.77
N SER C 49 -56.11 14.54 4.80
CA SER C 49 -56.55 15.44 5.87
C SER C 49 -57.92 16.06 5.60
N THR C 50 -58.48 15.79 4.42
CA THR C 50 -59.78 16.35 4.08
C THR C 50 -60.88 15.86 5.02
N ILE C 51 -60.55 14.85 5.82
CA ILE C 51 -61.50 14.29 6.79
C ILE C 51 -61.84 15.37 7.80
N LEU C 52 -60.94 16.35 7.92
CA LEU C 52 -61.13 17.46 8.85
C LEU C 52 -62.17 18.43 8.32
N LEU C 53 -62.40 18.41 7.01
CA LEU C 53 -63.38 19.29 6.39
C LEU C 53 -64.77 18.69 6.38
N GLY C 54 -64.86 17.40 6.68
CA GLY C 54 -66.16 16.74 6.71
C GLY C 54 -66.19 15.49 5.85
N ASP C 55 -66.96 14.49 6.30
CA ASP C 55 -67.08 13.23 5.58
C ASP C 55 -67.42 13.43 4.10
N ASN C 56 -68.36 14.33 3.84
CA ASN C 56 -68.77 14.60 2.47
C ASN C 56 -67.62 15.17 1.64
N VAL C 57 -66.72 15.89 2.30
CA VAL C 57 -65.58 16.50 1.63
C VAL C 57 -64.60 15.46 1.09
N MET C 58 -64.00 14.68 1.98
CA MET C 58 -63.03 13.68 1.55
C MET C 58 -63.70 12.64 0.66
N LEU C 59 -64.97 12.35 0.95
CA LEU C 59 -65.71 11.37 0.16
C LEU C 59 -65.74 11.85 -1.30
N TRP C 60 -65.86 13.15 -1.47
CA TRP C 60 -65.90 13.75 -2.80
C TRP C 60 -64.55 13.60 -3.49
N VAL C 61 -63.48 13.84 -2.74
CA VAL C 61 -62.13 13.73 -3.28
C VAL C 61 -61.80 12.27 -3.61
N THR C 62 -62.15 11.38 -2.70
CA THR C 62 -61.90 9.96 -2.89
C THR C 62 -62.48 9.47 -4.21
N LYS C 63 -63.67 9.97 -4.55
CA LYS C 63 -64.34 9.58 -5.78
C LYS C 63 -63.66 10.15 -7.02
N LYS C 64 -63.03 11.31 -6.87
CA LYS C 64 -62.33 11.94 -7.98
C LYS C 64 -61.12 11.12 -8.37
N PHE C 65 -60.36 10.67 -7.38
CA PHE C 65 -59.18 9.86 -7.61
C PHE C 65 -59.56 8.52 -8.26
N GLU C 66 -60.84 8.20 -8.21
CA GLU C 66 -61.34 6.96 -8.80
C GLU C 66 -61.97 7.25 -10.16
N LEU C 67 -61.67 8.42 -10.69
CA LEU C 67 -62.18 8.85 -11.98
C LEU C 67 -63.70 8.86 -12.02
N ASP C 68 -64.28 9.80 -11.29
CA ASP C 68 -65.74 9.95 -11.22
C ASP C 68 -66.26 10.52 -12.54
N PHE C 69 -65.54 11.52 -13.06
CA PHE C 69 -65.91 12.18 -14.30
C PHE C 69 -65.65 11.32 -15.55
N ILE C 70 -65.39 10.05 -15.34
CA ILE C 70 -65.14 9.12 -16.44
C ILE C 70 -65.93 7.83 -16.23
N PHE C 71 -66.12 7.46 -14.97
CA PHE C 71 -66.85 6.25 -14.63
C PHE C 71 -68.03 6.56 -13.70
N GLU C 72 -69.02 5.67 -13.70
CA GLU C 72 -70.21 5.81 -12.88
C GLU C 72 -69.90 6.31 -11.47
N GLY C 73 -69.76 5.38 -10.53
CA GLY C 73 -69.46 5.76 -9.16
C GLY C 73 -67.97 5.78 -8.91
N GLY C 74 -67.19 5.71 -9.98
CA GLY C 74 -65.75 5.71 -9.86
C GLY C 74 -65.22 4.33 -9.52
N LYS C 75 -64.25 3.85 -10.29
CA LYS C 75 -63.68 2.53 -10.05
C LYS C 75 -62.47 2.59 -9.14
N PRO C 76 -62.61 2.07 -7.91
CA PRO C 76 -61.54 2.05 -6.91
C PRO C 76 -60.26 1.39 -7.43
N ILE C 77 -60.39 0.59 -8.49
CA ILE C 77 -59.26 -0.10 -9.07
C ILE C 77 -58.20 0.90 -9.55
N VAL C 78 -58.63 2.14 -9.75
CA VAL C 78 -57.71 3.20 -10.19
C VAL C 78 -56.71 3.44 -9.07
N VAL C 79 -57.21 3.43 -7.83
CA VAL C 79 -56.35 3.63 -6.66
C VAL C 79 -55.37 2.47 -6.52
N SER C 80 -55.78 1.29 -6.98
CA SER C 80 -54.93 0.11 -6.91
C SER C 80 -53.69 0.30 -7.78
N PHE C 81 -53.89 0.78 -9.00
CA PHE C 81 -52.77 1.01 -9.91
C PHE C 81 -51.85 2.10 -9.37
N LEU C 82 -52.45 3.14 -8.80
CA LEU C 82 -51.68 4.24 -8.25
C LEU C 82 -50.86 3.72 -7.08
N ALA C 83 -51.46 2.84 -6.29
CA ALA C 83 -50.78 2.27 -5.13
C ALA C 83 -49.64 1.36 -5.58
N ALA C 84 -49.88 0.55 -6.61
CA ALA C 84 -48.87 -0.34 -7.13
C ALA C 84 -47.68 0.47 -7.66
N PHE C 85 -47.99 1.59 -8.32
CA PHE C 85 -46.95 2.45 -8.87
C PHE C 85 -46.07 3.03 -7.76
N VAL C 86 -46.70 3.61 -6.74
CA VAL C 86 -45.96 4.18 -5.63
C VAL C 86 -45.18 3.09 -4.90
N PHE C 87 -45.77 1.91 -4.80
CA PHE C 87 -45.12 0.77 -4.14
C PHE C 87 -43.83 0.48 -4.88
N ALA C 88 -43.89 0.46 -6.22
CA ALA C 88 -42.73 0.18 -7.04
C ALA C 88 -41.62 1.20 -6.83
N VAL C 89 -41.98 2.47 -6.76
CA VAL C 89 -41.00 3.54 -6.55
C VAL C 89 -40.43 3.41 -5.15
N PHE C 90 -41.31 3.06 -4.20
CA PHE C 90 -40.93 2.87 -2.80
C PHE C 90 -39.82 1.82 -2.74
N ILE C 91 -40.05 0.69 -3.41
CA ILE C 91 -39.10 -0.40 -3.43
C ILE C 91 -37.80 -0.03 -4.13
N ALA C 92 -37.90 0.61 -5.28
CA ALA C 92 -36.71 1.02 -6.03
C ALA C 92 -35.88 1.99 -5.19
N HIS C 93 -36.54 2.96 -4.56
CA HIS C 93 -35.85 3.93 -3.72
C HIS C 93 -35.09 3.24 -2.58
N ALA C 94 -35.77 2.35 -1.86
CA ALA C 94 -35.16 1.63 -0.75
C ALA C 94 -33.94 0.84 -1.23
N PHE C 95 -34.10 0.20 -2.39
CA PHE C 95 -33.04 -0.60 -3.00
C PHE C 95 -31.79 0.27 -3.22
N LEU C 96 -31.98 1.44 -3.83
CA LEU C 96 -30.86 2.33 -4.11
C LEU C 96 -30.28 3.03 -2.88
N ALA C 97 -31.15 3.54 -2.03
CA ALA C 97 -30.71 4.26 -0.84
C ALA C 97 -30.05 3.38 0.22
N MET C 98 -30.44 2.10 0.24
CA MET C 98 -29.91 1.12 1.18
C MET C 98 -28.39 1.01 1.06
N ARG C 99 -27.88 1.38 -0.11
CA ARG C 99 -26.45 1.35 -0.40
C ARG C 99 -25.67 2.27 0.55
N LYS C 100 -26.36 3.28 1.09
CA LYS C 100 -25.74 4.26 1.96
C LYS C 100 -25.67 3.94 3.46
N PHE C 101 -26.38 2.91 3.90
CA PHE C 101 -26.37 2.53 5.32
C PHE C 101 -24.99 2.07 5.80
N PRO C 102 -24.70 2.26 7.10
CA PRO C 102 -23.40 1.79 7.59
C PRO C 102 -23.66 0.28 7.43
N ILE C 103 -22.67 -0.49 6.96
CA ILE C 103 -22.95 -1.90 6.72
C ILE C 103 -22.24 -2.97 7.54
N ASN C 104 -21.40 -2.57 8.48
CA ASN C 104 -20.73 -3.52 9.35
C ASN C 104 -20.53 -2.91 10.73
N TYR C 105 -20.12 -3.74 11.68
CA TYR C 105 -19.89 -3.30 13.04
C TYR C 105 -18.98 -2.07 13.09
N ARG C 106 -17.84 -2.16 12.42
CA ARG C 106 -16.89 -1.05 12.40
C ARG C 106 -17.51 0.25 11.91
N GLN C 107 -18.21 0.20 10.78
CA GLN C 107 -18.85 1.40 10.24
C GLN C 107 -19.89 1.96 11.19
N TYR C 108 -20.70 1.07 11.78
CA TYR C 108 -21.75 1.47 12.70
C TYR C 108 -21.17 2.09 13.97
N LEU C 109 -20.17 1.43 14.55
CA LEU C 109 -19.54 1.93 15.77
C LEU C 109 -18.86 3.27 15.56
N THR C 110 -18.04 3.38 14.52
CA THR C 110 -17.32 4.62 14.27
C THR C 110 -18.21 5.78 13.87
N PHE C 111 -19.27 5.52 13.12
CA PHE C 111 -20.16 6.60 12.72
C PHE C 111 -21.02 7.08 13.89
N LYS C 112 -21.55 6.13 14.66
CA LYS C 112 -22.38 6.47 15.80
C LYS C 112 -21.58 7.29 16.80
N THR C 113 -20.33 6.86 17.05
CA THR C 113 -19.44 7.55 17.96
C THR C 113 -19.17 8.95 17.43
N HIS C 114 -18.88 9.04 16.13
CA HIS C 114 -18.60 10.30 15.48
C HIS C 114 -19.78 11.27 15.62
N LYS C 115 -20.98 10.76 15.36
CA LYS C 115 -22.20 11.55 15.46
C LYS C 115 -22.36 12.13 16.86
N ASP C 116 -22.10 11.31 17.89
CA ASP C 116 -22.23 11.76 19.26
C ASP C 116 -21.17 12.77 19.69
N LEU C 117 -19.97 12.64 19.14
CA LEU C 117 -18.90 13.58 19.48
C LEU C 117 -19.11 14.92 18.77
N MET C 118 -19.47 14.86 17.50
CA MET C 118 -19.67 16.05 16.69
C MET C 118 -20.84 16.95 17.07
N ARG C 119 -21.99 16.36 17.38
CA ARG C 119 -23.18 17.15 17.72
C ARG C 119 -23.39 18.12 16.57
N HIS C 120 -23.24 17.60 15.36
CA HIS C 120 -23.42 18.37 14.14
C HIS C 120 -24.83 18.09 13.61
N GLY C 121 -25.63 19.15 13.50
CA GLY C 121 -27.01 19.00 13.04
C GLY C 121 -27.24 18.17 11.80
N ASP C 122 -26.67 18.59 10.68
CA ASP C 122 -26.87 17.87 9.43
C ASP C 122 -26.35 16.44 9.42
N THR C 123 -25.36 16.14 10.26
CA THR C 123 -24.84 14.78 10.33
C THR C 123 -25.84 13.92 11.11
N THR C 124 -26.34 14.48 12.21
CA THR C 124 -27.31 13.78 13.05
C THR C 124 -28.60 13.51 12.25
N LEU C 125 -29.01 14.49 11.45
CA LEU C 125 -30.23 14.35 10.65
C LEU C 125 -30.11 13.24 9.62
N TRP C 126 -28.88 12.93 9.19
CA TRP C 126 -28.71 11.85 8.22
C TRP C 126 -28.95 10.54 8.93
N TRP C 127 -28.45 10.42 10.16
CA TRP C 127 -28.65 9.21 10.96
C TRP C 127 -30.16 8.97 11.09
N ILE C 128 -30.92 10.05 11.29
CA ILE C 128 -32.36 9.96 11.41
C ILE C 128 -32.94 9.48 10.08
N GLN C 129 -32.41 9.99 8.98
CA GLN C 129 -32.85 9.57 7.64
C GLN C 129 -32.69 8.06 7.52
N ALA C 130 -31.51 7.56 7.90
CA ALA C 130 -31.23 6.13 7.80
C ALA C 130 -32.13 5.31 8.72
N MET C 131 -32.27 5.75 9.97
CA MET C 131 -33.10 5.03 10.93
C MET C 131 -34.54 4.96 10.45
N THR C 132 -35.12 6.10 10.11
CA THR C 132 -36.50 6.16 9.63
C THR C 132 -36.67 5.35 8.35
N GLY C 133 -35.65 5.35 7.51
CA GLY C 133 -35.73 4.59 6.28
C GLY C 133 -35.82 3.11 6.58
N PHE C 134 -34.96 2.62 7.47
CA PHE C 134 -34.96 1.20 7.82
C PHE C 134 -36.30 0.79 8.41
N ALA C 135 -36.84 1.64 9.28
CA ALA C 135 -38.12 1.37 9.92
C ALA C 135 -39.28 1.27 8.92
N MET C 136 -39.24 2.10 7.88
CA MET C 136 -40.29 2.09 6.89
C MET C 136 -40.33 0.86 6.00
N PHE C 137 -39.29 0.03 6.08
CA PHE C 137 -39.26 -1.20 5.30
C PHE C 137 -40.47 -2.00 5.79
N PHE C 138 -40.64 -2.00 7.11
CA PHE C 138 -41.70 -2.75 7.76
C PHE C 138 -43.02 -1.98 7.91
N LEU C 139 -42.94 -0.70 8.24
CA LEU C 139 -44.14 0.11 8.42
C LEU C 139 -44.85 0.51 7.12
N GLY C 140 -44.07 0.95 6.14
CA GLY C 140 -44.63 1.38 4.87
C GLY C 140 -45.26 0.28 4.03
N SER C 141 -44.63 -0.89 4.00
CA SER C 141 -45.13 -2.02 3.22
C SER C 141 -46.54 -2.46 3.60
N VAL C 142 -46.82 -2.48 4.90
CA VAL C 142 -48.13 -2.88 5.40
C VAL C 142 -49.24 -2.00 4.83
N HIS C 143 -49.03 -0.69 4.92
CA HIS C 143 -50.01 0.29 4.44
C HIS C 143 -50.16 0.27 2.93
N LEU C 144 -49.04 0.22 2.21
CA LEU C 144 -49.07 0.20 0.76
C LEU C 144 -49.83 -1.00 0.19
N TYR C 145 -49.59 -2.18 0.74
CA TYR C 145 -50.27 -3.37 0.25
C TYR C 145 -51.78 -3.28 0.46
N ILE C 146 -52.18 -2.80 1.63
CA ILE C 146 -53.59 -2.66 1.96
C ILE C 146 -54.31 -1.68 1.04
N MET C 147 -53.69 -0.52 0.81
CA MET C 147 -54.28 0.48 -0.07
C MET C 147 -54.42 -0.06 -1.50
N MET C 148 -53.45 -0.86 -1.91
CA MET C 148 -53.43 -1.44 -3.25
C MET C 148 -54.44 -2.57 -3.43
N THR C 149 -54.73 -3.30 -2.35
CA THR C 149 -55.65 -4.44 -2.43
C THR C 149 -57.06 -4.21 -1.87
N GLN C 150 -57.25 -3.14 -1.11
CA GLN C 150 -58.57 -2.85 -0.53
C GLN C 150 -58.95 -1.38 -0.75
N PRO C 151 -58.81 -0.89 -2.00
CA PRO C 151 -59.13 0.50 -2.31
C PRO C 151 -60.59 0.89 -2.10
N GLN C 152 -61.49 -0.10 -2.17
CA GLN C 152 -62.91 0.17 -1.99
C GLN C 152 -63.25 0.39 -0.52
N THR C 153 -62.24 0.33 0.34
CA THR C 153 -62.45 0.53 1.78
C THR C 153 -61.89 1.87 2.25
N ILE C 154 -61.73 2.80 1.32
CA ILE C 154 -61.22 4.12 1.64
C ILE C 154 -62.37 5.12 1.75
N GLY C 155 -62.45 5.81 2.88
CA GLY C 155 -63.50 6.79 3.08
C GLY C 155 -63.60 7.28 4.51
N PRO C 156 -64.47 8.27 4.77
CA PRO C 156 -64.64 8.84 6.12
C PRO C 156 -65.06 7.80 7.16
N VAL C 157 -65.84 6.81 6.73
CA VAL C 157 -66.30 5.76 7.63
C VAL C 157 -65.38 4.55 7.60
N SER C 158 -65.15 4.02 6.41
CA SER C 158 -64.31 2.85 6.21
C SER C 158 -62.87 3.02 6.71
N SER C 159 -62.26 4.16 6.42
CA SER C 159 -60.89 4.41 6.85
C SER C 159 -60.81 4.50 8.37
N SER C 160 -61.85 5.06 8.97
CA SER C 160 -61.88 5.19 10.42
C SER C 160 -61.99 3.80 11.04
N PHE C 161 -62.65 2.89 10.32
CA PHE C 161 -62.83 1.53 10.80
C PHE C 161 -61.46 0.84 10.92
N ARG C 162 -60.74 0.79 9.81
CA ARG C 162 -59.41 0.18 9.78
C ARG C 162 -58.50 0.81 10.83
N MET C 163 -58.58 2.13 10.95
CA MET C 163 -57.77 2.88 11.91
C MET C 163 -57.95 2.41 13.35
N VAL C 164 -59.19 2.11 13.73
CA VAL C 164 -59.47 1.67 15.10
C VAL C 164 -59.79 0.19 15.28
N SER C 165 -60.81 -0.30 14.59
CA SER C 165 -61.21 -1.70 14.70
C SER C 165 -60.13 -2.68 14.28
N GLU C 166 -59.41 -2.37 13.20
CA GLU C 166 -58.35 -3.25 12.70
C GLU C 166 -56.99 -2.89 13.28
N TRP C 167 -57.01 -2.04 14.31
CA TRP C 167 -55.78 -1.60 14.99
C TRP C 167 -54.65 -1.14 14.09
N MET C 168 -54.94 -0.18 13.22
CA MET C 168 -53.94 0.36 12.31
C MET C 168 -53.36 1.67 12.84
N TRP C 169 -53.98 2.24 13.88
CA TRP C 169 -53.50 3.50 14.41
C TRP C 169 -52.09 3.46 15.03
N PRO C 170 -51.72 2.34 15.67
CA PRO C 170 -50.37 2.34 16.23
C PRO C 170 -49.33 2.45 15.11
N LEU C 171 -49.58 1.76 14.00
CA LEU C 171 -48.69 1.79 12.84
C LEU C 171 -48.68 3.17 12.21
N TYR C 172 -49.86 3.77 12.06
CA TYR C 172 -49.97 5.10 11.46
C TYR C 172 -49.27 6.17 12.30
N LEU C 173 -49.37 6.05 13.61
CA LEU C 173 -48.76 7.02 14.51
C LEU C 173 -47.24 7.04 14.34
N VAL C 174 -46.62 5.87 14.37
CA VAL C 174 -45.17 5.77 14.20
C VAL C 174 -44.78 6.19 12.79
N LEU C 175 -45.46 5.62 11.80
CA LEU C 175 -45.17 5.93 10.40
C LEU C 175 -45.28 7.41 10.10
N LEU C 176 -46.20 8.10 10.76
CA LEU C 176 -46.39 9.53 10.54
C LEU C 176 -45.11 10.29 10.82
N PHE C 177 -44.52 10.06 11.99
CA PHE C 177 -43.29 10.74 12.35
C PHE C 177 -42.11 10.24 11.54
N ALA C 178 -42.11 8.94 11.24
CA ALA C 178 -41.04 8.32 10.45
C ALA C 178 -40.95 8.90 9.05
N VAL C 179 -42.07 8.91 8.34
CA VAL C 179 -42.08 9.39 6.97
C VAL C 179 -41.95 10.91 6.86
N GLU C 180 -42.45 11.64 7.86
N GLU C 180 -42.45 11.63 7.86
CA GLU C 180 -42.39 13.09 7.83
CA GLU C 180 -42.41 13.08 7.84
C GLU C 180 -40.98 13.60 8.10
C GLU C 180 -41.00 13.62 8.13
N LEU C 181 -40.29 12.96 9.03
CA LEU C 181 -38.93 13.36 9.37
C LEU C 181 -38.03 12.97 8.20
N HIS C 182 -38.22 11.76 7.70
CA HIS C 182 -37.43 11.23 6.58
C HIS C 182 -37.61 12.10 5.34
N GLY C 183 -38.87 12.39 5.02
CA GLY C 183 -39.17 13.17 3.83
C GLY C 183 -38.71 14.62 3.84
N SER C 184 -38.95 15.33 4.94
CA SER C 184 -38.56 16.73 5.03
C SER C 184 -37.04 16.88 5.01
N VAL C 185 -36.34 16.06 5.80
CA VAL C 185 -34.89 16.11 5.81
C VAL C 185 -34.38 15.72 4.44
N GLY C 186 -35.05 14.73 3.83
CA GLY C 186 -34.66 14.26 2.51
C GLY C 186 -34.77 15.33 1.43
N LEU C 187 -35.84 16.11 1.47
CA LEU C 187 -36.02 17.16 0.47
C LEU C 187 -34.99 18.26 0.71
N TYR C 188 -34.71 18.54 1.97
CA TYR C 188 -33.71 19.55 2.31
C TYR C 188 -32.34 19.14 1.77
N ARG C 189 -31.88 17.95 2.13
CA ARG C 189 -30.57 17.51 1.69
C ARG C 189 -30.48 17.44 0.16
N LEU C 190 -31.60 17.09 -0.47
CA LEU C 190 -31.65 17.00 -1.92
C LEU C 190 -31.30 18.37 -2.51
N ALA C 191 -31.84 19.43 -1.92
CA ALA C 191 -31.58 20.78 -2.38
C ALA C 191 -30.13 21.21 -2.22
N VAL C 192 -29.53 20.89 -1.08
CA VAL C 192 -28.13 21.26 -0.87
C VAL C 192 -27.18 20.30 -1.59
N LYS C 193 -27.63 19.08 -1.86
CA LYS C 193 -26.80 18.10 -2.56
C LYS C 193 -26.61 18.48 -4.03
N TRP C 194 -27.71 18.88 -4.69
CA TRP C 194 -27.63 19.27 -6.09
C TRP C 194 -27.52 20.77 -6.27
N GLY C 195 -27.74 21.51 -5.19
CA GLY C 195 -27.62 22.96 -5.19
C GLY C 195 -28.43 23.71 -6.22
N TRP C 196 -29.65 23.25 -6.48
CA TRP C 196 -30.50 23.91 -7.47
C TRP C 196 -30.76 25.38 -7.14
N PHE C 197 -30.81 25.72 -5.86
CA PHE C 197 -31.11 27.08 -5.45
C PHE C 197 -29.97 27.87 -4.81
N ASP C 198 -28.73 27.39 -4.93
CA ASP C 198 -27.60 28.08 -4.33
C ASP C 198 -27.50 29.57 -4.67
N GLY C 199 -27.50 29.89 -5.96
CA GLY C 199 -27.42 31.29 -6.35
C GLY C 199 -26.09 31.95 -6.01
N GLU C 200 -26.16 33.22 -5.59
CA GLU C 200 -24.97 33.98 -5.24
C GLU C 200 -24.59 33.94 -3.77
N THR C 201 -25.54 33.65 -2.90
CA THR C 201 -25.28 33.57 -1.47
C THR C 201 -25.67 32.20 -0.91
N PRO C 202 -24.93 31.14 -1.31
CA PRO C 202 -25.15 29.76 -0.90
C PRO C 202 -25.45 29.55 0.59
N ASP C 203 -24.68 30.18 1.46
CA ASP C 203 -24.88 30.04 2.89
C ASP C 203 -26.25 30.55 3.33
N LYS C 204 -26.72 31.62 2.70
CA LYS C 204 -28.02 32.20 3.04
C LYS C 204 -29.12 31.26 2.55
N THR C 205 -28.95 30.71 1.36
CA THR C 205 -29.93 29.79 0.79
C THR C 205 -30.07 28.57 1.68
N ARG C 206 -28.94 28.06 2.17
CA ARG C 206 -28.96 26.88 3.03
C ARG C 206 -29.62 27.20 4.37
N ALA C 207 -29.32 28.39 4.90
CA ALA C 207 -29.90 28.81 6.16
C ALA C 207 -31.43 28.86 6.05
N ASN C 208 -31.93 29.35 4.92
CA ASN C 208 -33.37 29.43 4.70
C ASN C 208 -33.98 28.06 4.47
N LEU C 209 -33.28 27.22 3.73
CA LEU C 209 -33.76 25.87 3.45
C LEU C 209 -33.91 25.09 4.74
N LYS C 210 -33.01 25.33 5.70
CA LYS C 210 -33.05 24.65 6.98
C LYS C 210 -34.27 25.09 7.77
N LYS C 211 -34.55 26.39 7.72
CA LYS C 211 -35.71 26.94 8.42
C LYS C 211 -36.98 26.40 7.79
N LEU C 212 -37.02 26.41 6.46
CA LEU C 212 -38.17 25.91 5.73
C LEU C 212 -38.42 24.46 6.12
N LYS C 213 -37.34 23.67 6.12
CA LYS C 213 -37.41 22.26 6.48
C LYS C 213 -38.09 22.04 7.82
N THR C 214 -37.68 22.81 8.83
CA THR C 214 -38.24 22.69 10.16
C THR C 214 -39.73 23.05 10.21
N LEU C 215 -40.12 24.12 9.52
CA LEU C 215 -41.51 24.54 9.49
C LEU C 215 -42.38 23.50 8.80
N MET C 216 -41.94 23.08 7.61
CA MET C 216 -42.67 22.09 6.83
C MET C 216 -42.97 20.86 7.70
N SER C 217 -41.96 20.42 8.45
CA SER C 217 -42.10 19.27 9.33
C SER C 217 -43.12 19.55 10.42
N ALA C 218 -42.99 20.70 11.08
CA ALA C 218 -43.88 21.09 12.15
C ALA C 218 -45.33 21.10 11.67
N PHE C 219 -45.59 21.86 10.61
CA PHE C 219 -46.93 21.96 10.04
C PHE C 219 -47.53 20.61 9.71
N LEU C 220 -46.78 19.79 8.99
CA LEU C 220 -47.26 18.47 8.58
C LEU C 220 -47.47 17.49 9.75
N ILE C 221 -46.62 17.57 10.76
CA ILE C 221 -46.76 16.68 11.92
C ILE C 221 -48.05 17.01 12.66
N VAL C 222 -48.25 18.29 12.95
CA VAL C 222 -49.44 18.75 13.65
C VAL C 222 -50.69 18.41 12.84
N LEU C 223 -50.67 18.77 11.57
CA LEU C 223 -51.79 18.49 10.67
C LEU C 223 -52.03 16.99 10.65
N GLY C 224 -50.93 16.23 10.74
CA GLY C 224 -51.03 14.78 10.73
C GLY C 224 -51.66 14.26 11.99
N LEU C 225 -51.35 14.89 13.12
CA LEU C 225 -51.92 14.48 14.39
C LEU C 225 -53.39 14.84 14.43
N LEU C 226 -53.73 16.00 13.88
CA LEU C 226 -55.12 16.45 13.86
C LEU C 226 -55.93 15.46 13.03
N THR C 227 -55.45 15.17 11.83
CA THR C 227 -56.11 14.22 10.93
C THR C 227 -56.19 12.85 11.59
N PHE C 228 -55.14 12.48 12.31
CA PHE C 228 -55.06 11.20 13.00
C PHE C 228 -56.19 11.13 14.02
N GLY C 229 -56.32 12.16 14.84
CA GLY C 229 -57.36 12.21 15.85
C GLY C 229 -58.76 12.11 15.27
N ALA C 230 -58.98 12.77 14.14
CA ALA C 230 -60.28 12.75 13.48
C ALA C 230 -60.68 11.32 13.13
N TYR C 231 -59.77 10.58 12.51
CA TYR C 231 -60.05 9.20 12.12
C TYR C 231 -60.32 8.33 13.34
N VAL C 232 -59.53 8.53 14.40
CA VAL C 232 -59.69 7.75 15.62
C VAL C 232 -61.05 8.03 16.27
N LYS C 233 -61.34 9.31 16.49
CA LYS C 233 -62.60 9.72 17.11
C LYS C 233 -63.78 9.04 16.43
N LYS C 234 -63.87 9.19 15.11
CA LYS C 234 -64.96 8.59 14.34
C LYS C 234 -64.95 7.08 14.47
N GLY C 235 -63.76 6.48 14.40
CA GLY C 235 -63.65 5.04 14.52
C GLY C 235 -64.11 4.54 15.88
N LEU C 236 -63.97 5.38 16.90
CA LEU C 236 -64.36 5.02 18.24
C LEU C 236 -65.86 5.20 18.48
N GLU C 237 -66.56 5.73 17.47
CA GLU C 237 -67.99 5.95 17.57
C GLU C 237 -68.75 4.87 16.83
N GLN C 238 -68.03 4.04 16.09
CA GLN C 238 -68.64 2.95 15.33
C GLN C 238 -68.82 1.78 16.29
N THR C 239 -69.97 1.75 16.97
CA THR C 239 -70.26 0.70 17.94
C THR C 239 -71.37 -0.27 17.55
N ASP C 240 -72.18 0.10 16.56
CA ASP C 240 -73.27 -0.77 16.14
C ASP C 240 -72.73 -2.05 15.52
N PRO C 241 -73.05 -3.21 16.13
CA PRO C 241 -72.59 -4.52 15.66
C PRO C 241 -73.32 -5.02 14.41
N ASN C 242 -74.32 -4.28 13.95
CA ASN C 242 -75.08 -4.66 12.77
C ASN C 242 -74.75 -3.83 11.55
N ILE C 243 -73.74 -2.97 11.67
CA ILE C 243 -73.32 -2.11 10.56
C ILE C 243 -71.98 -2.56 9.98
N ASP C 244 -71.94 -2.67 8.66
CA ASP C 244 -70.72 -3.07 7.96
C ASP C 244 -69.96 -1.80 7.57
N TYR C 245 -69.19 -1.26 8.52
CA TYR C 245 -68.42 -0.05 8.29
C TYR C 245 -67.32 -0.19 7.26
N LYS C 246 -66.63 -1.33 7.29
CA LYS C 246 -65.54 -1.58 6.35
C LYS C 246 -65.89 -1.21 4.91
N TYR C 247 -67.03 -1.68 4.42
CA TYR C 247 -67.44 -1.37 3.05
C TYR C 247 -68.61 -0.40 2.99
N PHE C 248 -68.81 0.36 4.07
CA PHE C 248 -69.91 1.31 4.11
C PHE C 248 -69.82 2.37 3.01
N ASP C 249 -68.71 3.10 2.97
CA ASP C 249 -68.49 4.13 1.98
C ASP C 249 -68.62 3.59 0.55
N TYR C 250 -68.25 2.33 0.37
CA TYR C 250 -68.34 1.70 -0.94
C TYR C 250 -69.80 1.42 -1.28
N LYS C 251 -70.56 1.02 -0.27
CA LYS C 251 -71.98 0.72 -0.44
C LYS C 251 -72.80 2.00 -0.47
N ARG C 252 -72.51 2.85 -1.46
CA ARG C 252 -73.21 4.12 -1.63
C ARG C 252 -73.39 4.43 -3.11
N THR C 253 -72.39 4.06 -3.91
CA THR C 253 -72.43 4.31 -5.35
C THR C 253 -71.62 3.23 -6.07
N HIS C 254 -71.76 1.99 -5.63
CA HIS C 254 -71.03 0.87 -6.23
C HIS C 254 -69.56 1.23 -6.38
N GLU C 255 -68.98 1.71 -5.39
N MET D 1 19.05 7.04 -12.37
CA MET D 1 19.37 5.60 -12.19
C MET D 1 18.70 5.04 -10.95
N LYS D 2 18.23 3.80 -11.06
CA LYS D 2 17.57 3.12 -9.95
C LYS D 2 18.56 2.17 -9.29
N VAL D 3 18.77 2.36 -8.00
CA VAL D 3 19.69 1.51 -7.24
C VAL D 3 19.07 1.06 -5.93
N GLN D 4 19.23 -0.22 -5.62
N GLN D 4 19.24 -0.22 -5.63
CA GLN D 4 18.72 -0.79 -4.37
CA GLN D 4 18.73 -0.81 -4.40
C GLN D 4 19.89 -1.44 -3.66
C GLN D 4 19.91 -1.44 -3.67
N TYR D 5 20.07 -1.11 -2.39
CA TYR D 5 21.15 -1.65 -1.60
C TYR D 5 20.64 -2.56 -0.51
N CYS D 6 21.41 -3.60 -0.23
CA CYS D 6 21.14 -4.53 0.86
C CYS D 6 22.52 -5.06 1.20
N ASP D 7 22.68 -5.61 2.39
CA ASP D 7 23.97 -6.16 2.78
C ASP D 7 24.22 -7.48 2.09
N SER D 8 23.16 -8.28 1.96
CA SER D 8 23.25 -9.59 1.36
C SER D 8 22.21 -9.79 0.28
N LEU D 9 22.68 -9.95 -0.96
CA LEU D 9 21.81 -10.14 -2.09
C LEU D 9 21.75 -11.61 -2.47
N VAL D 10 20.55 -12.18 -2.49
CA VAL D 10 20.37 -13.58 -2.84
C VAL D 10 19.56 -13.66 -4.12
N ILE D 11 20.13 -14.31 -5.14
CA ILE D 11 19.46 -14.47 -6.42
C ILE D 11 18.96 -15.90 -6.48
N GLY D 12 17.64 -16.06 -6.35
CA GLY D 12 17.06 -17.39 -6.39
C GLY D 12 16.25 -17.65 -5.14
N GLY D 13 14.99 -18.05 -5.31
CA GLY D 13 14.14 -18.30 -4.16
C GLY D 13 13.75 -19.73 -3.91
N GLY D 14 14.67 -20.66 -4.16
CA GLY D 14 14.40 -22.05 -3.92
C GLY D 14 14.88 -22.38 -2.52
N LEU D 15 14.99 -23.66 -2.20
CA LEU D 15 15.44 -24.07 -0.88
C LEU D 15 16.79 -23.47 -0.49
N ALA D 16 17.73 -23.49 -1.42
CA ALA D 16 19.07 -22.98 -1.14
C ALA D 16 19.10 -21.47 -0.91
N GLY D 17 18.47 -20.72 -1.80
CA GLY D 17 18.44 -19.28 -1.67
C GLY D 17 17.74 -18.80 -0.42
N LEU D 18 16.53 -19.32 -0.18
CA LEU D 18 15.76 -18.93 0.99
C LEU D 18 16.43 -19.32 2.29
N ARG D 19 17.07 -20.48 2.34
CA ARG D 19 17.72 -20.89 3.60
C ARG D 19 18.94 -20.00 3.86
N ALA D 20 19.63 -19.62 2.80
CA ALA D 20 20.80 -18.76 2.96
C ALA D 20 20.33 -17.38 3.44
N ALA D 21 19.19 -16.93 2.93
CA ALA D 21 18.63 -15.64 3.33
C ALA D 21 18.25 -15.65 4.81
N VAL D 22 17.84 -16.81 5.32
CA VAL D 22 17.50 -16.92 6.73
C VAL D 22 18.79 -16.72 7.52
N ALA D 23 19.86 -17.36 7.05
CA ALA D 23 21.18 -17.26 7.69
C ALA D 23 21.71 -15.83 7.82
N THR D 24 21.54 -15.02 6.78
CA THR D 24 22.01 -13.64 6.80
C THR D 24 21.07 -12.70 7.56
N GLN D 25 19.77 -12.84 7.31
CA GLN D 25 18.79 -11.98 7.97
C GLN D 25 18.76 -12.17 9.48
N GLN D 26 19.00 -13.39 9.96
CA GLN D 26 18.96 -13.60 11.41
C GLN D 26 20.08 -12.87 12.15
N LYS D 27 21.18 -12.58 11.47
CA LYS D 27 22.25 -11.88 12.15
C LYS D 27 22.23 -10.37 11.92
N GLY D 28 21.08 -9.87 11.47
CA GLY D 28 20.92 -8.44 11.27
C GLY D 28 21.34 -7.83 9.95
N LEU D 29 21.73 -8.66 8.99
CA LEU D 29 22.14 -8.16 7.68
C LEU D 29 20.88 -7.98 6.85
N SER D 30 20.73 -6.81 6.24
CA SER D 30 19.56 -6.59 5.40
C SER D 30 19.74 -7.46 4.16
N THR D 31 18.76 -8.32 3.89
CA THR D 31 18.89 -9.16 2.73
C THR D 31 17.67 -9.15 1.84
N ILE D 32 17.95 -9.24 0.55
CA ILE D 32 16.93 -9.26 -0.47
C ILE D 32 17.04 -10.57 -1.23
N VAL D 33 15.89 -11.16 -1.53
CA VAL D 33 15.88 -12.39 -2.31
C VAL D 33 15.17 -12.03 -3.60
N LEU D 34 15.84 -12.23 -4.73
CA LEU D 34 15.23 -11.94 -6.04
C LEU D 34 14.80 -13.27 -6.64
N SER D 35 13.67 -13.26 -7.34
CA SER D 35 13.19 -14.50 -7.94
C SER D 35 12.35 -14.21 -9.18
N LEU D 36 12.44 -15.09 -10.17
CA LEU D 36 11.66 -14.93 -11.39
C LEU D 36 10.18 -15.07 -11.05
N ILE D 37 9.91 -15.93 -10.08
CA ILE D 37 8.54 -16.27 -9.67
C ILE D 37 8.36 -16.25 -8.16
N PRO D 38 7.10 -16.31 -7.69
CA PRO D 38 6.86 -16.32 -6.23
C PRO D 38 7.75 -17.48 -5.75
N VAL D 39 8.49 -17.27 -4.66
CA VAL D 39 9.41 -18.30 -4.21
C VAL D 39 8.85 -19.69 -3.90
N LYS D 40 7.61 -19.76 -3.43
CA LYS D 40 7.04 -21.06 -3.12
C LYS D 40 6.66 -21.89 -4.36
N ARG D 41 6.95 -21.34 -5.53
CA ARG D 41 6.65 -22.05 -6.77
C ARG D 41 7.93 -22.57 -7.44
N SER D 42 9.07 -22.39 -6.77
CA SER D 42 10.36 -22.85 -7.28
C SER D 42 10.38 -24.36 -7.52
N HIS D 43 11.27 -24.83 -8.39
CA HIS D 43 11.31 -26.25 -8.70
C HIS D 43 11.45 -27.16 -7.49
N SER D 44 12.07 -26.65 -6.41
CA SER D 44 12.24 -27.43 -5.19
C SER D 44 10.91 -28.02 -4.72
N ALA D 45 9.82 -27.33 -5.03
CA ALA D 45 8.49 -27.78 -4.60
C ALA D 45 8.05 -29.12 -5.19
N ALA D 46 8.67 -29.51 -6.30
CA ALA D 46 8.30 -30.76 -6.97
C ALA D 46 8.92 -32.04 -6.42
N ALA D 47 9.88 -31.93 -5.51
CA ALA D 47 10.52 -33.13 -4.96
C ALA D 47 9.54 -34.01 -4.18
N GLN D 48 9.39 -35.26 -4.62
CA GLN D 48 8.49 -36.19 -3.93
C GLN D 48 9.23 -37.40 -3.37
N GLY D 49 10.46 -37.61 -3.83
CA GLY D 49 11.25 -38.73 -3.33
C GLY D 49 11.54 -38.57 -1.85
N GLY D 50 12.25 -37.51 -1.50
CA GLY D 50 12.57 -37.28 -0.10
C GLY D 50 13.95 -36.69 0.07
N MET D 51 14.35 -36.54 1.34
CA MET D 51 15.64 -35.96 1.70
C MET D 51 16.51 -36.92 2.47
N GLN D 52 17.74 -37.10 1.98
CA GLN D 52 18.70 -38.00 2.60
C GLN D 52 19.41 -37.39 3.82
N ALA D 53 19.35 -38.10 4.95
CA ALA D 53 20.01 -37.65 6.18
C ALA D 53 20.16 -38.87 7.09
N SER D 54 21.34 -39.04 7.69
CA SER D 54 21.61 -40.20 8.54
C SER D 54 21.07 -40.11 9.97
N LEU D 55 19.75 -40.12 10.13
CA LEU D 55 19.13 -40.05 11.46
C LEU D 55 19.24 -41.38 12.21
N GLY D 56 19.02 -42.48 11.51
CA GLY D 56 19.11 -43.79 12.13
C GLY D 56 17.97 -44.10 13.10
N ASN D 57 16.81 -43.50 12.87
CA ASN D 57 15.64 -43.70 13.73
C ASN D 57 14.95 -45.04 13.53
N SER D 58 14.54 -45.32 12.29
CA SER D 58 13.82 -46.55 11.97
C SER D 58 14.65 -47.84 11.92
N LYS D 59 13.95 -48.96 11.93
CA LYS D 59 14.59 -50.28 11.88
C LYS D 59 15.54 -50.40 10.68
N MET D 60 15.08 -50.00 9.51
CA MET D 60 15.91 -50.10 8.31
C MET D 60 16.99 -49.02 8.24
N SER D 61 16.99 -48.13 9.24
CA SER D 61 17.97 -47.04 9.32
C SER D 61 18.92 -47.31 10.47
N ASP D 62 18.62 -48.34 11.25
CA ASP D 62 19.44 -48.70 12.41
C ASP D 62 20.92 -48.85 12.09
N GLY D 63 21.74 -48.13 12.85
CA GLY D 63 23.18 -48.21 12.65
C GLY D 63 23.74 -47.21 11.65
N ASP D 64 22.87 -46.46 10.99
CA ASP D 64 23.31 -45.49 10.02
C ASP D 64 23.99 -44.30 10.68
N ASN D 65 25.00 -43.74 10.03
CA ASN D 65 25.70 -42.58 10.56
C ASN D 65 26.37 -41.80 9.45
N GLU D 66 27.13 -40.76 9.81
CA GLU D 66 27.81 -39.92 8.84
C GLU D 66 28.74 -40.68 7.90
N ASP D 67 29.45 -41.67 8.43
CA ASP D 67 30.39 -42.43 7.61
C ASP D 67 29.74 -43.23 6.49
N LEU D 68 28.59 -43.83 6.77
CA LEU D 68 27.89 -44.61 5.76
C LEU D 68 27.29 -43.72 4.67
N HIS D 69 26.75 -42.58 5.08
CA HIS D 69 26.16 -41.64 4.13
C HIS D 69 27.31 -41.10 3.27
N PHE D 70 28.42 -40.81 3.92
CA PHE D 70 29.61 -40.30 3.25
C PHE D 70 30.06 -41.26 2.15
N MET D 71 30.24 -42.53 2.52
CA MET D 71 30.68 -43.53 1.54
C MET D 71 29.71 -43.66 0.38
N ASP D 72 28.41 -43.67 0.65
CA ASP D 72 27.45 -43.79 -0.43
C ASP D 72 27.61 -42.61 -1.38
N THR D 73 27.80 -41.43 -0.82
CA THR D 73 27.94 -40.21 -1.60
C THR D 73 29.21 -40.19 -2.48
N VAL D 74 30.35 -40.53 -1.89
CA VAL D 74 31.61 -40.53 -2.65
C VAL D 74 31.61 -41.59 -3.75
N LYS D 75 31.26 -42.82 -3.43
CA LYS D 75 31.24 -43.88 -4.43
C LYS D 75 30.21 -43.57 -5.51
N GLY D 76 29.11 -42.95 -5.09
CA GLY D 76 28.07 -42.60 -6.05
C GLY D 76 28.59 -41.57 -7.04
N SER D 77 29.42 -40.65 -6.56
CA SER D 77 29.99 -39.60 -7.39
C SER D 77 31.06 -40.09 -8.36
N ASP D 78 31.39 -41.38 -8.27
CA ASP D 78 32.42 -42.00 -9.09
C ASP D 78 33.72 -41.24 -8.88
N TRP D 79 33.92 -40.80 -7.65
CA TRP D 79 35.10 -40.07 -7.21
C TRP D 79 35.34 -38.71 -7.85
N GLY D 80 34.30 -38.09 -8.38
CA GLY D 80 34.45 -36.77 -8.97
C GLY D 80 34.17 -35.65 -7.98
N CYS D 81 33.71 -36.00 -6.77
CA CYS D 81 33.38 -35.00 -5.76
C CYS D 81 34.56 -34.56 -4.89
N ASP D 82 34.39 -33.43 -4.22
CA ASP D 82 35.39 -32.95 -3.28
C ASP D 82 34.95 -33.64 -2.00
N GLN D 83 35.74 -34.59 -1.54
CA GLN D 83 35.38 -35.36 -0.35
C GLN D 83 35.22 -34.54 0.92
N LYS D 84 36.00 -33.48 1.07
CA LYS D 84 35.89 -32.62 2.24
C LYS D 84 34.49 -32.01 2.28
N VAL D 85 34.00 -31.60 1.11
CA VAL D 85 32.67 -31.00 1.01
C VAL D 85 31.62 -32.05 1.38
N ALA D 86 31.76 -33.26 0.85
CA ALA D 86 30.82 -34.34 1.13
C ALA D 86 30.73 -34.58 2.65
N ARG D 87 31.87 -34.46 3.34
CA ARG D 87 31.90 -34.64 4.78
C ARG D 87 31.12 -33.53 5.47
N MET D 88 31.34 -32.29 5.02
CA MET D 88 30.64 -31.15 5.58
C MET D 88 29.14 -31.39 5.45
N PHE D 89 28.75 -31.90 4.29
CA PHE D 89 27.35 -32.18 4.00
C PHE D 89 26.73 -33.26 4.90
N VAL D 90 27.32 -34.46 4.89
CA VAL D 90 26.77 -35.55 5.68
C VAL D 90 26.64 -35.27 7.17
N ASN D 91 27.55 -34.48 7.71
CA ASN D 91 27.52 -34.17 9.14
C ASN D 91 26.45 -33.15 9.47
N THR D 92 26.03 -32.38 8.46
CA THR D 92 25.05 -31.32 8.68
C THR D 92 23.63 -31.70 8.27
N ALA D 93 23.49 -32.68 7.39
CA ALA D 93 22.16 -33.10 6.94
C ALA D 93 21.22 -33.47 8.09
N PRO D 94 21.72 -34.17 9.12
CA PRO D 94 20.83 -34.52 10.23
C PRO D 94 20.28 -33.27 10.93
N LYS D 95 21.13 -32.27 11.11
CA LYS D 95 20.67 -31.05 11.77
C LYS D 95 19.68 -30.28 10.88
N ALA D 96 19.84 -30.35 9.57
CA ALA D 96 18.90 -29.67 8.67
C ALA D 96 17.50 -30.27 8.87
N ILE D 97 17.42 -31.60 8.90
CA ILE D 97 16.14 -32.28 9.10
C ILE D 97 15.48 -31.86 10.41
N ARG D 98 16.25 -31.89 11.49
CA ARG D 98 15.75 -31.53 12.80
C ARG D 98 15.38 -30.06 12.93
N GLU D 99 16.08 -29.19 12.20
CA GLU D 99 15.73 -27.78 12.27
C GLU D 99 14.39 -27.58 11.56
N LEU D 100 14.23 -28.28 10.44
CA LEU D 100 13.00 -28.19 9.66
C LEU D 100 11.82 -28.77 10.43
N ALA D 101 12.08 -29.83 11.20
CA ALA D 101 11.02 -30.42 12.01
C ALA D 101 10.57 -29.39 13.06
N ALA D 102 11.53 -28.63 13.57
CA ALA D 102 11.26 -27.60 14.56
C ALA D 102 10.48 -26.45 13.93
N TRP D 103 10.68 -26.25 12.62
CA TRP D 103 9.98 -25.20 11.91
C TRP D 103 8.62 -25.68 11.41
N GLY D 104 8.20 -26.85 11.86
CA GLY D 104 6.89 -27.36 11.48
C GLY D 104 6.75 -28.29 10.29
N VAL D 105 7.84 -28.60 9.60
CA VAL D 105 7.73 -29.50 8.46
C VAL D 105 7.15 -30.81 9.00
N PRO D 106 5.99 -31.24 8.46
CA PRO D 106 5.33 -32.48 8.91
C PRO D 106 5.93 -33.79 8.43
N TRP D 107 7.14 -34.09 8.88
CA TRP D 107 7.82 -35.33 8.50
C TRP D 107 6.95 -36.51 8.91
N THR D 108 6.87 -37.52 8.06
CA THR D 108 6.08 -38.70 8.37
C THR D 108 6.80 -39.35 9.55
N ARG D 109 6.03 -39.81 10.53
CA ARG D 109 6.64 -40.42 11.72
C ARG D 109 6.46 -41.93 11.81
N ILE D 110 7.31 -42.52 12.62
CA ILE D 110 7.31 -43.96 12.85
C ILE D 110 6.26 -44.33 13.89
N HIS D 111 5.55 -45.42 13.66
CA HIS D 111 4.58 -45.89 14.64
C HIS D 111 5.03 -47.31 14.99
N LYS D 112 4.88 -47.68 16.26
CA LYS D 112 5.29 -48.99 16.73
C LYS D 112 4.49 -50.11 16.06
N GLY D 113 5.15 -51.24 15.83
CA GLY D 113 4.45 -52.37 15.23
C GLY D 113 5.04 -52.94 13.96
N ASP D 114 4.40 -53.98 13.45
CA ASP D 114 4.84 -54.63 12.23
C ASP D 114 4.40 -53.77 11.05
N ARG D 115 5.02 -53.98 9.90
N ARG D 115 5.01 -53.98 9.90
CA ARG D 115 4.69 -53.20 8.71
CA ARG D 115 4.71 -53.20 8.71
C ARG D 115 4.89 -53.99 7.43
C ARG D 115 4.90 -53.99 7.42
N MET D 116 3.90 -53.90 6.53
CA MET D 116 3.98 -54.59 5.24
C MET D 116 4.94 -53.77 4.39
N ALA D 117 6.16 -54.27 4.21
CA ALA D 117 7.15 -53.53 3.42
C ALA D 117 7.79 -54.36 2.32
N ILE D 118 8.31 -53.67 1.32
CA ILE D 118 8.98 -54.31 0.19
C ILE D 118 10.49 -54.12 0.36
N ILE D 119 11.22 -55.22 0.30
CA ILE D 119 12.68 -55.18 0.45
C ILE D 119 13.36 -55.68 -0.82
N ASN D 120 12.68 -56.56 -1.55
CA ASN D 120 13.22 -57.11 -2.78
C ASN D 120 14.52 -57.85 -2.52
N ALA D 121 14.43 -58.85 -1.64
CA ALA D 121 15.56 -59.68 -1.24
C ALA D 121 15.00 -60.57 -0.14
N GLN D 122 13.98 -60.04 0.52
CA GLN D 122 13.25 -60.68 1.61
C GLN D 122 12.09 -59.75 1.95
N LYS D 123 11.15 -59.63 1.01
CA LYS D 123 9.98 -58.78 1.18
C LYS D 123 9.11 -59.18 2.37
N THR D 124 9.78 -59.44 3.49
CA THR D 124 9.10 -59.84 4.72
C THR D 124 8.47 -58.63 5.40
N THR D 125 8.18 -58.77 6.69
CA THR D 125 7.56 -57.70 7.46
C THR D 125 8.65 -56.97 8.24
N ILE D 126 8.44 -55.68 8.47
CA ILE D 126 9.39 -54.89 9.23
C ILE D 126 8.73 -54.48 10.54
N THR D 127 9.48 -54.56 11.63
CA THR D 127 8.95 -54.18 12.94
C THR D 127 9.68 -52.99 13.50
N GLU D 128 8.93 -52.03 14.02
CA GLU D 128 9.51 -50.82 14.61
C GLU D 128 9.27 -50.90 16.11
N GLU D 129 10.35 -50.88 16.89
CA GLU D 129 10.25 -50.95 18.34
C GLU D 129 9.56 -49.73 18.94
N ASP D 130 9.13 -49.85 20.19
CA ASP D 130 8.45 -48.77 20.87
C ASP D 130 9.30 -47.51 21.07
N PHE D 131 10.60 -47.69 21.30
CA PHE D 131 11.46 -46.54 21.51
C PHE D 131 11.72 -45.74 20.23
N ARG D 132 11.20 -46.23 19.11
CA ARG D 132 11.35 -45.56 17.82
C ARG D 132 10.06 -44.82 17.46
N HIS D 133 8.98 -45.14 18.16
CA HIS D 133 7.68 -44.51 17.90
C HIS D 133 7.71 -42.99 17.99
N GLY D 134 7.13 -42.32 16.98
CA GLY D 134 7.07 -40.87 16.99
C GLY D 134 8.27 -40.12 16.43
N LEU D 135 9.33 -40.85 16.10
CA LEU D 135 10.53 -40.21 15.55
C LEU D 135 10.38 -40.10 14.03
N ILE D 136 11.27 -39.35 13.40
CA ILE D 136 11.19 -39.16 11.95
C ILE D 136 11.50 -40.46 11.18
N HIS D 137 10.59 -40.82 10.30
CA HIS D 137 10.71 -42.03 9.51
C HIS D 137 11.64 -41.87 8.31
N SER D 138 11.86 -42.97 7.60
CA SER D 138 12.72 -42.97 6.42
C SER D 138 12.28 -44.09 5.52
N ARG D 139 12.54 -43.94 4.23
N ARG D 139 12.54 -43.94 4.23
CA ARG D 139 12.18 -44.99 3.28
CA ARG D 139 12.18 -44.99 3.28
C ARG D 139 13.32 -45.33 2.34
C ARG D 139 13.32 -45.33 2.34
N ASP D 140 13.11 -46.37 1.55
CA ASP D 140 14.10 -46.85 0.61
C ASP D 140 14.07 -45.95 -0.64
N PHE D 141 15.17 -45.24 -0.85
CA PHE D 141 15.26 -44.34 -1.98
C PHE D 141 16.73 -44.03 -2.26
N GLY D 142 17.08 -43.92 -3.55
CA GLY D 142 18.46 -43.62 -3.90
C GLY D 142 19.40 -44.81 -3.94
N GLY D 143 18.85 -46.01 -3.78
CA GLY D 143 19.67 -47.22 -3.82
C GLY D 143 20.64 -47.43 -2.67
N THR D 144 20.46 -46.72 -1.55
CA THR D 144 21.35 -46.89 -0.40
C THR D 144 20.91 -48.08 0.44
N LYS D 145 21.89 -48.82 0.98
CA LYS D 145 21.60 -49.99 1.80
C LYS D 145 20.78 -49.57 3.03
N LYS D 146 21.24 -48.51 3.69
CA LYS D 146 20.55 -48.00 4.86
C LYS D 146 19.47 -47.03 4.38
N TRP D 147 18.22 -47.28 4.75
CA TRP D 147 17.10 -46.42 4.35
C TRP D 147 17.19 -45.13 5.17
N ARG D 148 17.59 -44.04 4.53
CA ARG D 148 17.72 -42.78 5.26
C ARG D 148 17.02 -41.61 4.59
N THR D 149 16.12 -41.90 3.66
CA THR D 149 15.41 -40.82 2.98
C THR D 149 14.17 -40.43 3.77
N CYS D 150 14.20 -39.21 4.30
CA CYS D 150 13.09 -38.68 5.08
C CYS D 150 12.08 -38.05 4.13
N TYR D 151 10.81 -38.02 4.55
CA TYR D 151 9.76 -37.49 3.70
C TYR D 151 8.52 -37.05 4.47
N THR D 152 7.74 -36.16 3.85
CA THR D 152 6.49 -35.69 4.41
C THR D 152 5.47 -36.26 3.44
N ALA D 153 5.09 -37.51 3.64
CA ALA D 153 4.14 -38.18 2.76
C ALA D 153 4.65 -38.06 1.32
N ASP D 154 3.81 -37.57 0.41
CA ASP D 154 4.21 -37.46 -0.98
C ASP D 154 4.51 -36.04 -1.51
N ALA D 155 4.81 -35.10 -0.62
CA ALA D 155 5.10 -33.73 -1.04
C ALA D 155 6.22 -33.13 -0.20
N THR D 156 7.35 -33.83 -0.11
CA THR D 156 8.47 -33.36 0.70
C THR D 156 9.05 -32.00 0.29
N GLY D 157 9.39 -31.85 -0.99
CA GLY D 157 9.93 -30.59 -1.46
C GLY D 157 8.97 -29.47 -1.14
N HIS D 158 7.68 -29.73 -1.35
CA HIS D 158 6.64 -28.74 -1.08
C HIS D 158 6.64 -28.22 0.35
N THR D 159 6.57 -29.13 1.33
CA THR D 159 6.52 -28.71 2.72
C THR D 159 7.82 -28.07 3.19
N MET D 160 8.95 -28.54 2.67
CA MET D 160 10.23 -27.98 3.05
C MET D 160 10.35 -26.55 2.55
N LEU D 161 10.00 -26.35 1.27
CA LEU D 161 10.08 -25.04 0.67
C LEU D 161 9.18 -24.06 1.41
N PHE D 162 7.95 -24.47 1.69
CA PHE D 162 7.02 -23.60 2.40
C PHE D 162 7.52 -23.19 3.78
N ALA D 163 8.14 -24.11 4.51
CA ALA D 163 8.64 -23.79 5.85
C ALA D 163 9.75 -22.74 5.78
N VAL D 164 10.68 -22.93 4.85
CA VAL D 164 11.79 -22.00 4.73
C VAL D 164 11.32 -20.64 4.26
N ALA D 165 10.39 -20.63 3.30
CA ALA D 165 9.85 -19.37 2.79
C ALA D 165 9.13 -18.65 3.92
N ASN D 166 8.40 -19.40 4.74
CA ASN D 166 7.68 -18.79 5.84
C ASN D 166 8.63 -18.21 6.88
N GLU D 167 9.76 -18.86 7.10
CA GLU D 167 10.75 -18.35 8.06
C GLU D 167 11.30 -17.02 7.54
N CYS D 168 11.46 -16.94 6.22
CA CYS D 168 11.94 -15.72 5.61
C CYS D 168 10.92 -14.60 5.85
N LEU D 169 9.65 -14.93 5.71
CA LEU D 169 8.61 -13.92 5.95
C LEU D 169 8.63 -13.52 7.43
N LYS D 170 8.81 -14.49 8.32
CA LYS D 170 8.86 -14.21 9.75
C LYS D 170 9.99 -13.23 10.08
N LEU D 171 11.15 -13.44 9.47
CA LEU D 171 12.32 -12.61 9.71
C LEU D 171 12.36 -11.27 9.00
N GLY D 172 11.41 -11.02 8.11
CA GLY D 172 11.40 -9.74 7.41
C GLY D 172 12.31 -9.65 6.20
N VAL D 173 12.66 -10.80 5.63
CA VAL D 173 13.49 -10.81 4.43
C VAL D 173 12.69 -10.15 3.32
N SER D 174 13.35 -9.33 2.51
CA SER D 174 12.66 -8.68 1.41
C SER D 174 12.60 -9.67 0.24
N ILE D 175 11.42 -10.21 -0.05
CA ILE D 175 11.24 -11.15 -1.14
C ILE D 175 10.67 -10.35 -2.31
N GLN D 176 11.42 -10.27 -3.39
CA GLN D 176 11.00 -9.49 -4.56
C GLN D 176 10.92 -10.41 -5.80
N ASP D 177 9.70 -10.79 -6.17
CA ASP D 177 9.53 -11.69 -7.31
C ASP D 177 9.34 -10.99 -8.65
N ARG D 178 9.22 -11.79 -9.70
CA ARG D 178 9.09 -11.28 -11.07
C ARG D 178 10.23 -10.29 -11.28
N LYS D 179 11.40 -10.70 -10.82
CA LYS D 179 12.61 -9.89 -10.93
C LYS D 179 13.68 -10.84 -11.44
N GLU D 180 14.37 -10.46 -12.51
CA GLU D 180 15.39 -11.34 -13.07
C GLU D 180 16.77 -10.72 -13.14
N ALA D 181 17.75 -11.42 -12.59
CA ALA D 181 19.14 -10.95 -12.65
C ALA D 181 19.57 -11.27 -14.07
N ILE D 182 20.05 -10.27 -14.81
CA ILE D 182 20.49 -10.48 -16.19
C ILE D 182 21.98 -10.22 -16.36
N ALA D 183 22.64 -9.74 -15.31
CA ALA D 183 24.07 -9.48 -15.36
C ALA D 183 24.60 -9.25 -13.97
N LEU D 184 25.86 -9.59 -13.74
CA LEU D 184 26.47 -9.36 -12.43
C LEU D 184 27.35 -8.12 -12.55
N ILE D 185 27.34 -7.31 -11.50
CA ILE D 185 28.16 -6.11 -11.46
C ILE D 185 29.48 -6.51 -10.80
N HIS D 186 30.58 -6.27 -11.49
CA HIS D 186 31.89 -6.62 -10.94
C HIS D 186 32.97 -5.64 -11.40
N GLN D 187 34.02 -5.53 -10.60
CA GLN D 187 35.13 -4.64 -10.89
C GLN D 187 36.30 -5.11 -10.05
N ASP D 188 37.49 -5.13 -10.65
CA ASP D 188 38.71 -5.56 -9.96
C ASP D 188 38.62 -6.97 -9.38
N GLY D 189 37.85 -7.83 -10.04
CA GLY D 189 37.72 -9.20 -9.57
C GLY D 189 36.81 -9.40 -8.38
N LYS D 190 35.95 -8.43 -8.10
CA LYS D 190 35.01 -8.53 -6.98
C LYS D 190 33.60 -8.30 -7.48
N CYS D 191 32.64 -9.00 -6.89
CA CYS D 191 31.23 -8.85 -7.27
C CYS D 191 30.54 -7.87 -6.33
N TYR D 192 29.88 -6.87 -6.90
CA TYR D 192 29.20 -5.87 -6.09
C TYR D 192 27.68 -5.94 -6.21
N GLY D 193 27.17 -6.95 -6.91
CA GLY D 193 25.74 -7.07 -7.05
C GLY D 193 25.29 -7.52 -8.42
N ALA D 194 24.08 -7.12 -8.81
CA ALA D 194 23.56 -7.53 -10.10
C ALA D 194 22.66 -6.51 -10.75
N VAL D 195 22.60 -6.56 -12.08
CA VAL D 195 21.72 -5.70 -12.83
C VAL D 195 20.46 -6.54 -12.94
N VAL D 196 19.33 -5.95 -12.59
CA VAL D 196 18.08 -6.68 -12.59
C VAL D 196 17.02 -6.07 -13.48
N ARG D 197 16.30 -6.93 -14.19
CA ARG D 197 15.21 -6.45 -15.04
C ARG D 197 13.91 -6.80 -14.34
N ASP D 198 13.05 -5.80 -14.14
CA ASP D 198 11.75 -6.02 -13.52
C ASP D 198 10.90 -6.60 -14.63
N LEU D 199 10.45 -7.84 -14.45
CA LEU D 199 9.66 -8.50 -15.49
C LEU D 199 8.32 -7.85 -15.77
N VAL D 200 7.76 -7.16 -14.77
CA VAL D 200 6.47 -6.50 -14.95
C VAL D 200 6.61 -5.14 -15.63
N THR D 201 7.48 -4.28 -15.09
CA THR D 201 7.64 -2.94 -15.63
C THR D 201 8.73 -2.77 -16.68
N GLY D 202 9.64 -3.71 -16.75
CA GLY D 202 10.72 -3.59 -17.72
C GLY D 202 11.86 -2.73 -17.20
N ASP D 203 11.71 -2.16 -16.01
CA ASP D 203 12.75 -1.33 -15.42
C ASP D 203 14.05 -2.10 -15.22
N ILE D 204 15.16 -1.44 -15.49
CA ILE D 204 16.48 -2.02 -15.29
C ILE D 204 16.97 -1.39 -14.00
N ILE D 205 17.32 -2.22 -13.03
CA ILE D 205 17.75 -1.74 -11.72
C ILE D 205 19.06 -2.36 -11.27
N ALA D 206 19.84 -1.61 -10.50
CA ALA D 206 21.10 -2.14 -9.99
C ALA D 206 20.92 -2.52 -8.52
N TYR D 207 21.14 -3.79 -8.19
CA TYR D 207 21.04 -4.22 -6.80
C TYR D 207 22.47 -4.38 -6.33
N VAL D 208 22.90 -3.49 -5.43
CA VAL D 208 24.25 -3.57 -4.92
C VAL D 208 24.24 -4.17 -3.53
N ALA D 209 25.29 -4.91 -3.21
CA ALA D 209 25.38 -5.55 -1.92
C ALA D 209 26.84 -5.87 -1.62
N LYS D 210 27.13 -6.13 -0.35
CA LYS D 210 28.49 -6.45 0.04
C LYS D 210 28.82 -7.89 -0.39
N GLY D 211 27.78 -8.67 -0.61
CA GLY D 211 27.96 -10.06 -1.05
C GLY D 211 26.76 -10.52 -1.86
N THR D 212 27.00 -11.32 -2.90
CA THR D 212 25.92 -11.82 -3.75
C THR D 212 25.96 -13.35 -3.84
N LEU D 213 24.81 -13.98 -3.67
CA LEU D 213 24.77 -15.44 -3.75
C LEU D 213 23.79 -15.88 -4.83
N ILE D 214 24.27 -16.75 -5.70
CA ILE D 214 23.42 -17.28 -6.77
C ILE D 214 22.96 -18.68 -6.41
N ALA D 215 21.65 -18.84 -6.32
CA ALA D 215 21.03 -20.13 -5.99
C ALA D 215 19.89 -20.27 -6.98
N THR D 216 20.23 -20.20 -8.25
CA THR D 216 19.27 -20.23 -9.33
C THR D 216 18.84 -21.59 -9.89
N GLY D 217 19.23 -22.69 -9.25
CA GLY D 217 18.81 -24.00 -9.72
C GLY D 217 19.57 -24.58 -10.90
N GLY D 218 18.99 -25.62 -11.51
CA GLY D 218 19.65 -26.29 -12.64
C GLY D 218 19.40 -25.69 -14.02
N TYR D 219 20.04 -26.29 -15.02
CA TYR D 219 19.92 -25.82 -16.39
C TYR D 219 19.32 -26.90 -17.29
N GLY D 220 18.41 -27.70 -16.72
CA GLY D 220 17.78 -28.77 -17.47
C GLY D 220 17.00 -28.40 -18.72
N ARG D 221 16.44 -27.19 -18.77
CA ARG D 221 15.66 -26.78 -19.93
C ARG D 221 16.46 -26.53 -21.20
N ILE D 222 17.77 -26.75 -21.19
CA ILE D 222 18.49 -26.60 -22.45
C ILE D 222 18.22 -27.89 -23.24
N TYR D 223 17.63 -28.87 -22.57
CA TYR D 223 17.26 -30.14 -23.18
C TYR D 223 15.78 -30.08 -23.57
N LYS D 224 15.41 -30.80 -24.62
CA LYS D 224 14.02 -30.84 -25.07
C LYS D 224 13.20 -31.61 -24.05
N ASN D 225 13.70 -32.77 -23.63
CA ASN D 225 13.04 -33.62 -22.65
C ASN D 225 13.70 -33.43 -21.26
N THR D 226 12.94 -32.92 -20.30
CA THR D 226 13.47 -32.72 -18.96
C THR D 226 12.34 -32.79 -17.94
N THR D 227 12.67 -33.15 -16.70
CA THR D 227 11.67 -33.22 -15.64
C THR D 227 11.51 -31.83 -15.02
N ASN D 228 12.46 -30.95 -15.33
CA ASN D 228 12.51 -29.60 -14.79
C ASN D 228 11.37 -28.65 -15.16
N ALA D 229 11.11 -27.73 -14.24
CA ALA D 229 10.09 -26.70 -14.45
C ALA D 229 10.57 -25.88 -15.64
N VAL D 230 9.66 -25.14 -16.27
CA VAL D 230 10.05 -24.35 -17.43
C VAL D 230 11.02 -23.20 -17.11
N VAL D 231 11.17 -22.87 -15.83
CA VAL D 231 12.06 -21.78 -15.45
C VAL D 231 13.49 -22.22 -15.16
N CYS D 232 13.77 -23.52 -15.25
CA CYS D 232 15.12 -24.02 -14.97
C CYS D 232 15.96 -23.92 -16.24
N GLU D 233 16.29 -22.68 -16.63
CA GLU D 233 17.04 -22.47 -17.87
C GLU D 233 18.50 -22.09 -17.73
N GLY D 234 19.00 -22.07 -16.50
CA GLY D 234 20.41 -21.75 -16.28
C GLY D 234 20.87 -20.32 -16.55
N THR D 235 19.97 -19.36 -16.52
CA THR D 235 20.38 -17.97 -16.74
C THR D 235 21.28 -17.53 -15.57
N GLY D 236 21.05 -18.10 -14.39
CA GLY D 236 21.88 -17.77 -13.24
C GLY D 236 23.31 -18.22 -13.51
N THR D 237 23.42 -19.39 -14.13
CA THR D 237 24.70 -19.96 -14.49
C THR D 237 25.36 -19.05 -15.52
N ALA D 238 24.57 -18.65 -16.51
CA ALA D 238 25.06 -17.77 -17.58
C ALA D 238 25.57 -16.42 -17.11
N ILE D 239 24.86 -15.76 -16.20
CA ILE D 239 25.34 -14.44 -15.77
C ILE D 239 26.67 -14.57 -15.03
N ALA D 240 26.88 -15.69 -14.36
CA ALA D 240 28.16 -15.89 -13.66
C ALA D 240 29.24 -16.10 -14.75
N LEU D 241 28.90 -16.92 -15.73
CA LEU D 241 29.81 -17.22 -16.83
C LEU D 241 30.16 -15.94 -17.62
N GLU D 242 29.17 -15.07 -17.83
CA GLU D 242 29.43 -13.86 -18.60
C GLU D 242 30.29 -12.81 -17.93
N THR D 243 30.72 -13.03 -16.69
CA THR D 243 31.60 -12.06 -16.03
C THR D 243 33.02 -12.30 -16.55
N GLY D 244 33.23 -13.47 -17.14
CA GLY D 244 34.54 -13.81 -17.67
C GLY D 244 35.55 -14.16 -16.59
N ILE D 245 35.09 -14.22 -15.34
CA ILE D 245 35.98 -14.54 -14.23
C ILE D 245 35.51 -15.79 -13.49
N ALA D 246 34.24 -15.82 -13.11
CA ALA D 246 33.73 -17.01 -12.42
C ALA D 246 33.79 -18.18 -13.38
N GLN D 247 34.06 -19.37 -12.85
CA GLN D 247 34.14 -20.58 -13.67
C GLN D 247 32.98 -21.53 -13.36
N LEU D 248 32.61 -22.34 -14.36
CA LEU D 248 31.56 -23.33 -14.18
C LEU D 248 32.23 -24.69 -14.07
N GLY D 249 31.73 -25.52 -13.15
CA GLY D 249 32.31 -26.83 -12.95
C GLY D 249 31.46 -27.96 -13.51
N ASN D 250 32.14 -28.96 -14.08
CA ASN D 250 31.54 -30.15 -14.66
C ASN D 250 30.17 -29.95 -15.30
N MET D 251 30.06 -28.99 -16.20
CA MET D 251 28.80 -28.73 -16.86
C MET D 251 28.32 -29.92 -17.68
N GLU D 252 29.24 -30.78 -18.09
CA GLU D 252 28.91 -31.96 -18.88
C GLU D 252 28.28 -33.05 -17.99
N ALA D 253 28.38 -32.89 -16.68
CA ALA D 253 27.81 -33.86 -15.76
C ALA D 253 26.32 -33.61 -15.50
N VAL D 254 25.48 -34.24 -16.32
CA VAL D 254 24.03 -34.11 -16.26
C VAL D 254 23.43 -35.47 -15.95
N GLN D 255 22.50 -35.53 -15.00
CA GLN D 255 21.89 -36.79 -14.62
C GLN D 255 20.49 -36.94 -15.21
N PHE D 256 20.18 -38.16 -15.65
CA PHE D 256 18.86 -38.43 -16.22
C PHE D 256 18.02 -39.29 -15.29
N HIS D 257 16.71 -39.23 -15.48
CA HIS D 257 15.80 -40.03 -14.67
C HIS D 257 15.24 -41.03 -15.66
N PRO D 258 15.21 -42.33 -15.28
CA PRO D 258 14.70 -43.38 -16.16
C PRO D 258 13.20 -43.43 -16.44
N THR D 259 12.36 -43.02 -15.49
CA THR D 259 10.93 -43.13 -15.70
C THR D 259 10.02 -41.90 -15.72
N PRO D 260 10.44 -40.82 -16.40
CA PRO D 260 9.53 -39.66 -16.42
C PRO D 260 8.43 -40.04 -17.40
N LEU D 261 7.24 -39.47 -17.23
CA LEU D 261 6.13 -39.74 -18.13
C LEU D 261 6.50 -39.15 -19.50
N PHE D 262 6.24 -39.89 -20.58
CA PHE D 262 6.54 -39.43 -21.93
C PHE D 262 5.28 -38.91 -22.61
N PRO D 263 5.36 -37.77 -23.32
CA PRO D 263 6.54 -36.94 -23.55
C PRO D 263 6.62 -35.70 -22.66
N SER D 264 5.67 -35.54 -21.75
CA SER D 264 5.61 -34.38 -20.86
C SER D 264 6.82 -34.21 -19.95
N GLY D 265 7.33 -35.33 -19.44
CA GLY D 265 8.46 -35.26 -18.54
C GLY D 265 8.02 -35.19 -17.09
N ILE D 266 6.71 -35.26 -16.87
CA ILE D 266 6.18 -35.24 -15.51
C ILE D 266 6.68 -36.49 -14.81
N LEU D 267 7.37 -36.28 -13.71
CA LEU D 267 7.98 -37.35 -12.96
C LEU D 267 7.07 -38.39 -12.32
N LEU D 268 7.45 -39.65 -12.53
CA LEU D 268 6.76 -40.80 -11.95
C LEU D 268 7.81 -41.38 -11.00
N THR D 269 7.65 -41.04 -9.73
CA THR D 269 8.57 -41.46 -8.67
C THR D 269 9.21 -42.84 -8.81
N GLU D 270 10.44 -42.93 -8.33
CA GLU D 270 11.23 -44.16 -8.34
C GLU D 270 10.49 -45.27 -7.59
N GLY D 271 9.59 -44.87 -6.69
CA GLY D 271 8.83 -45.83 -5.91
C GLY D 271 8.06 -46.83 -6.76
N CYS D 272 7.79 -46.47 -8.00
CA CYS D 272 7.08 -47.36 -8.91
C CYS D 272 7.90 -48.62 -9.13
N ARG D 273 9.16 -48.44 -9.51
CA ARG D 273 10.07 -49.56 -9.74
C ARG D 273 10.47 -50.23 -8.42
N GLY D 274 10.72 -49.40 -7.40
CA GLY D 274 11.10 -49.94 -6.10
C GLY D 274 10.04 -50.82 -5.47
N ASP D 275 8.78 -50.55 -5.79
CA ASP D 275 7.67 -51.33 -5.24
C ASP D 275 7.35 -52.58 -6.05
N GLY D 276 7.90 -52.67 -7.25
CA GLY D 276 7.66 -53.83 -8.09
C GLY D 276 7.21 -53.50 -9.50
N GLY D 277 7.31 -52.22 -9.85
CA GLY D 277 6.92 -51.79 -11.19
C GLY D 277 7.74 -52.52 -12.24
N ILE D 278 7.12 -52.80 -13.39
CA ILE D 278 7.78 -53.51 -14.47
C ILE D 278 7.91 -52.70 -15.76
N LEU D 279 9.10 -52.70 -16.34
CA LEU D 279 9.34 -52.00 -17.60
C LEU D 279 9.11 -52.97 -18.75
N ARG D 280 8.31 -52.57 -19.73
CA ARG D 280 8.01 -53.43 -20.87
C ARG D 280 8.31 -52.72 -22.19
N ASP D 281 8.52 -53.50 -23.24
CA ASP D 281 8.79 -52.93 -24.56
C ASP D 281 7.57 -52.97 -25.47
N VAL D 282 7.79 -52.70 -26.75
CA VAL D 282 6.71 -52.67 -27.74
C VAL D 282 5.83 -53.92 -27.79
N ASP D 283 6.41 -55.08 -27.47
CA ASP D 283 5.67 -56.33 -27.48
C ASP D 283 5.18 -56.73 -26.11
N GLY D 284 5.34 -55.82 -25.14
CA GLY D 284 4.90 -56.10 -23.78
C GLY D 284 5.91 -56.93 -23.02
N HIS D 285 7.07 -57.15 -23.63
CA HIS D 285 8.11 -57.95 -23.02
C HIS D 285 8.87 -57.28 -21.89
N ARG D 286 8.94 -57.97 -20.75
CA ARG D 286 9.68 -57.49 -19.59
C ARG D 286 11.13 -57.72 -19.98
N PHE D 287 11.82 -56.62 -20.32
CA PHE D 287 13.20 -56.70 -20.79
C PHE D 287 14.37 -56.53 -19.82
N MET D 288 14.18 -55.83 -18.71
CA MET D 288 15.28 -55.65 -17.78
C MET D 288 15.99 -56.94 -17.38
N PRO D 289 15.21 -58.01 -17.09
CA PRO D 289 15.85 -59.27 -16.70
C PRO D 289 16.84 -59.79 -17.75
N ASP D 290 16.59 -59.47 -19.01
CA ASP D 290 17.47 -59.90 -20.08
C ASP D 290 18.84 -59.22 -19.99
N TYR D 291 18.85 -57.98 -19.52
CA TYR D 291 20.10 -57.25 -19.39
C TYR D 291 20.69 -57.37 -17.99
N GLU D 292 19.83 -57.43 -16.99
CA GLU D 292 20.26 -57.54 -15.61
C GLU D 292 19.56 -58.73 -14.97
N PRO D 293 20.01 -59.95 -15.31
CA PRO D 293 19.41 -61.17 -14.77
C PRO D 293 19.26 -61.15 -13.24
N GLU D 294 20.21 -60.51 -12.58
CA GLU D 294 20.21 -60.44 -11.12
C GLU D 294 19.39 -59.29 -10.56
N LYS D 295 19.84 -58.06 -10.78
CA LYS D 295 19.15 -56.88 -10.27
C LYS D 295 17.83 -56.58 -10.96
N LYS D 296 17.77 -56.84 -12.27
CA LYS D 296 16.56 -56.60 -13.04
C LYS D 296 16.13 -55.14 -12.93
N GLU D 297 14.82 -54.86 -12.85
CA GLU D 297 14.35 -53.49 -12.75
C GLU D 297 14.88 -52.76 -11.52
N LEU D 298 15.30 -53.53 -10.52
CA LEU D 298 15.80 -52.95 -9.28
C LEU D 298 17.27 -52.59 -9.39
N ALA D 299 17.77 -52.54 -10.62
CA ALA D 299 19.17 -52.20 -10.86
C ALA D 299 19.38 -50.72 -10.60
N SER D 300 20.64 -50.31 -10.60
CA SER D 300 20.98 -48.91 -10.39
C SER D 300 20.23 -48.03 -11.38
N ARG D 301 19.72 -46.90 -10.90
CA ARG D 301 18.99 -45.96 -11.75
C ARG D 301 19.82 -45.67 -12.99
N ASP D 302 21.12 -45.50 -12.77
CA ASP D 302 22.07 -45.22 -13.83
C ASP D 302 22.01 -46.33 -14.88
N VAL D 303 21.97 -47.58 -14.42
CA VAL D 303 21.91 -48.74 -15.30
C VAL D 303 20.57 -48.87 -16.04
N VAL D 304 19.47 -48.60 -15.35
CA VAL D 304 18.16 -48.70 -15.97
C VAL D 304 18.02 -47.78 -17.18
N SER D 305 18.42 -46.53 -17.01
CA SER D 305 18.34 -45.56 -18.11
C SER D 305 19.12 -46.06 -19.32
N ARG D 306 20.34 -46.55 -19.08
CA ARG D 306 21.19 -47.05 -20.15
C ARG D 306 20.57 -48.24 -20.89
N ARG D 307 20.04 -49.20 -20.15
CA ARG D 307 19.42 -50.37 -20.77
C ARG D 307 18.19 -49.96 -21.59
N MET D 308 17.39 -49.06 -21.05
CA MET D 308 16.18 -48.62 -21.75
C MET D 308 16.53 -48.05 -23.11
N ILE D 309 17.58 -47.22 -23.17
CA ILE D 309 17.99 -46.63 -24.44
C ILE D 309 18.55 -47.72 -25.35
N GLU D 310 19.31 -48.64 -24.77
CA GLU D 310 19.89 -49.74 -25.54
C GLU D 310 18.79 -50.57 -26.17
N HIS D 311 17.76 -50.87 -25.38
CA HIS D 311 16.65 -51.68 -25.86
C HIS D 311 15.92 -50.95 -26.98
N ILE D 312 15.83 -49.63 -26.87
CA ILE D 312 15.16 -48.83 -27.89
C ILE D 312 15.97 -48.85 -29.19
N ARG D 313 17.29 -48.77 -29.06
CA ARG D 313 18.15 -48.78 -30.23
C ARG D 313 18.14 -50.14 -30.93
N LYS D 314 17.80 -51.18 -30.18
CA LYS D 314 17.74 -52.53 -30.75
C LYS D 314 16.44 -52.68 -31.53
N GLY D 315 15.65 -51.61 -31.56
CA GLY D 315 14.39 -51.61 -32.30
C GLY D 315 13.17 -52.11 -31.56
N LYS D 316 13.23 -52.16 -30.24
CA LYS D 316 12.10 -52.66 -29.45
C LYS D 316 11.31 -51.53 -28.79
N GLY D 317 11.58 -50.30 -29.21
CA GLY D 317 10.88 -49.15 -28.65
C GLY D 317 9.49 -48.98 -29.23
N VAL D 318 8.65 -48.21 -28.54
CA VAL D 318 7.29 -47.95 -29.01
C VAL D 318 7.29 -46.68 -29.84
N GLN D 319 6.80 -46.78 -31.07
CA GLN D 319 6.74 -45.63 -31.96
C GLN D 319 5.65 -44.66 -31.52
N SER D 320 5.96 -43.37 -31.57
CA SER D 320 5.02 -42.33 -31.17
C SER D 320 5.28 -41.05 -31.96
N PRO D 321 4.24 -40.23 -32.15
CA PRO D 321 4.37 -38.97 -32.88
C PRO D 321 5.34 -38.00 -32.22
N TYR D 322 5.71 -38.29 -30.97
CA TYR D 322 6.63 -37.44 -30.22
C TYR D 322 7.98 -38.11 -30.08
N GLY D 323 8.10 -39.30 -30.65
CA GLY D 323 9.34 -40.04 -30.57
C GLY D 323 9.11 -41.46 -30.03
N GLN D 324 10.19 -42.18 -29.77
CA GLN D 324 10.06 -43.53 -29.26
C GLN D 324 10.11 -43.55 -27.74
N HIS D 325 9.46 -44.53 -27.14
CA HIS D 325 9.45 -44.67 -25.68
C HIS D 325 9.27 -46.13 -25.28
N LEU D 326 9.07 -46.36 -23.99
CA LEU D 326 8.87 -47.70 -23.46
C LEU D 326 7.65 -47.65 -22.53
N TRP D 327 7.35 -48.77 -21.90
CA TRP D 327 6.19 -48.82 -21.00
C TRP D 327 6.55 -49.12 -19.55
N LEU D 328 5.77 -48.53 -18.66
CA LEU D 328 5.93 -48.76 -17.23
C LEU D 328 4.61 -49.40 -16.80
N ASP D 329 4.69 -50.61 -16.26
CA ASP D 329 3.50 -51.32 -15.84
C ASP D 329 3.47 -51.52 -14.33
N ILE D 330 2.55 -50.82 -13.66
CA ILE D 330 2.42 -50.95 -12.22
C ILE D 330 1.07 -51.55 -11.85
N SER D 331 0.26 -51.84 -12.87
CA SER D 331 -1.05 -52.43 -12.64
C SER D 331 -0.86 -53.78 -11.94
N ILE D 332 0.29 -54.41 -12.20
CA ILE D 332 0.62 -55.70 -11.60
C ILE D 332 0.81 -55.63 -10.09
N LEU D 333 0.93 -54.42 -9.56
CA LEU D 333 1.11 -54.23 -8.12
C LEU D 333 -0.23 -54.30 -7.42
N GLY D 334 -1.31 -54.33 -8.20
CA GLY D 334 -2.64 -54.39 -7.63
C GLY D 334 -3.28 -53.02 -7.53
N ARG D 335 -4.60 -52.96 -7.65
CA ARG D 335 -5.32 -51.71 -7.58
C ARG D 335 -5.30 -51.15 -6.16
N LYS D 336 -5.49 -52.02 -5.18
CA LYS D 336 -5.49 -51.61 -3.77
C LYS D 336 -4.17 -50.98 -3.34
N HIS D 337 -3.06 -51.55 -3.82
CA HIS D 337 -1.73 -51.04 -3.47
C HIS D 337 -1.46 -49.66 -4.07
N ILE D 338 -1.95 -49.43 -5.28
CA ILE D 338 -1.75 -48.16 -5.96
C ILE D 338 -2.57 -47.04 -5.35
N GLU D 339 -3.76 -47.37 -4.86
CA GLU D 339 -4.65 -46.37 -4.28
C GLU D 339 -4.38 -46.11 -2.79
N THR D 340 -3.24 -46.57 -2.30
CA THR D 340 -2.88 -46.37 -0.90
C THR D 340 -1.43 -45.92 -0.74
N ASN D 341 -0.55 -46.49 -1.56
CA ASN D 341 0.88 -46.16 -1.50
C ASN D 341 1.34 -45.36 -2.71
N LEU D 342 0.60 -45.46 -3.81
CA LEU D 342 0.94 -44.75 -5.03
C LEU D 342 -0.25 -43.94 -5.55
N ARG D 343 -1.06 -43.42 -4.62
CA ARG D 343 -2.23 -42.64 -5.00
C ARG D 343 -1.84 -41.40 -5.81
N ASP D 344 -0.62 -40.91 -5.57
CA ASP D 344 -0.15 -39.73 -6.27
C ASP D 344 0.15 -40.04 -7.74
N VAL D 345 0.93 -41.09 -7.97
CA VAL D 345 1.28 -41.49 -9.34
C VAL D 345 0.03 -41.81 -10.14
N GLN D 346 -1.00 -42.29 -9.45
CA GLN D 346 -2.25 -42.62 -10.11
C GLN D 346 -2.90 -41.35 -10.65
N GLU D 347 -2.92 -40.31 -9.81
CA GLU D 347 -3.50 -39.03 -10.20
C GLU D 347 -2.75 -38.40 -11.37
N ILE D 348 -1.42 -38.53 -11.35
CA ILE D 348 -0.58 -37.98 -12.40
C ILE D 348 -0.91 -38.59 -13.75
N CYS D 349 -0.93 -39.92 -13.79
CA CYS D 349 -1.23 -40.63 -15.03
C CYS D 349 -2.64 -40.30 -15.54
N GLU D 350 -3.58 -40.16 -14.61
CA GLU D 350 -4.95 -39.84 -14.99
C GLU D 350 -5.09 -38.38 -15.43
N TYR D 351 -4.56 -37.46 -14.63
CA TYR D 351 -4.63 -36.03 -14.92
C TYR D 351 -3.94 -35.62 -16.23
N PHE D 352 -2.75 -36.14 -16.48
CA PHE D 352 -2.02 -35.76 -17.68
C PHE D 352 -1.90 -36.80 -18.78
N ALA D 353 -1.72 -38.07 -18.40
CA ALA D 353 -1.60 -39.13 -19.39
C ALA D 353 -2.96 -39.68 -19.76
N GLY D 354 -3.99 -39.24 -19.04
CA GLY D 354 -5.34 -39.70 -19.30
C GLY D 354 -5.47 -41.20 -19.18
N ILE D 355 -4.83 -41.79 -18.18
CA ILE D 355 -4.88 -43.22 -17.98
C ILE D 355 -4.85 -43.61 -16.51
N ASP D 356 -5.38 -44.79 -16.21
CA ASP D 356 -5.40 -45.31 -14.86
C ASP D 356 -4.29 -46.37 -14.77
N PRO D 357 -3.20 -46.05 -14.06
CA PRO D 357 -2.06 -46.96 -13.89
C PRO D 357 -2.41 -48.32 -13.33
N ALA D 358 -3.61 -48.45 -12.77
CA ALA D 358 -4.04 -49.72 -12.21
C ALA D 358 -4.61 -50.62 -13.30
N GLU D 359 -4.77 -50.07 -14.51
CA GLU D 359 -5.32 -50.82 -15.62
C GLU D 359 -4.45 -50.75 -16.88
N LYS D 360 -3.94 -49.57 -17.20
CA LYS D 360 -3.11 -49.40 -18.38
C LYS D 360 -1.67 -49.03 -18.06
N TRP D 361 -0.78 -49.22 -19.04
CA TRP D 361 0.63 -48.92 -18.86
C TRP D 361 0.97 -47.46 -19.17
N ALA D 362 1.96 -46.94 -18.46
CA ALA D 362 2.39 -45.56 -18.64
C ALA D 362 3.58 -45.43 -19.58
N PRO D 363 3.51 -44.50 -20.54
CA PRO D 363 4.62 -44.30 -21.48
C PRO D 363 5.75 -43.59 -20.74
N VAL D 364 6.96 -44.12 -20.86
CA VAL D 364 8.10 -43.51 -20.20
C VAL D 364 9.32 -43.49 -21.11
N LEU D 365 10.28 -42.64 -20.74
CA LEU D 365 11.53 -42.49 -21.48
C LEU D 365 12.49 -41.72 -20.57
N PRO D 366 13.77 -42.12 -20.52
CA PRO D 366 14.71 -41.39 -19.66
C PRO D 366 14.81 -39.95 -20.14
N MET D 367 14.90 -39.02 -19.19
CA MET D 367 15.02 -37.60 -19.52
C MET D 367 15.94 -36.89 -18.54
N GLN D 368 16.44 -35.73 -18.94
CA GLN D 368 17.32 -34.93 -18.09
C GLN D 368 16.58 -34.64 -16.79
N HIS D 369 17.30 -34.67 -15.66
CA HIS D 369 16.67 -34.49 -14.35
C HIS D 369 17.41 -33.59 -13.37
N TYR D 370 18.71 -33.81 -13.23
CA TYR D 370 19.49 -33.02 -12.29
C TYR D 370 20.77 -32.51 -12.91
N SER D 371 21.20 -31.33 -12.47
CA SER D 371 22.41 -30.70 -12.99
C SER D 371 23.51 -30.73 -11.94
N MET D 372 24.44 -31.67 -12.04
CA MET D 372 25.55 -31.74 -11.09
C MET D 372 26.48 -30.53 -11.33
N GLY D 373 26.65 -30.18 -12.60
CA GLY D 373 27.50 -29.05 -12.93
C GLY D 373 26.90 -27.74 -12.43
N GLY D 374 27.72 -26.71 -12.33
CA GLY D 374 27.23 -25.42 -11.88
C GLY D 374 28.37 -24.45 -11.64
N ILE D 375 28.09 -23.36 -10.93
CA ILE D 375 29.11 -22.38 -10.63
C ILE D 375 30.12 -23.00 -9.66
N ARG D 376 31.40 -22.97 -10.04
CA ARG D 376 32.44 -23.56 -9.21
C ARG D 376 32.75 -22.67 -8.00
N THR D 377 32.75 -23.27 -6.81
CA THR D 377 33.03 -22.55 -5.57
C THR D 377 34.07 -23.31 -4.74
N ASP D 378 34.55 -22.69 -3.68
CA ASP D 378 35.49 -23.38 -2.79
C ASP D 378 34.57 -24.06 -1.78
N TYR D 379 35.10 -24.57 -0.68
CA TYR D 379 34.24 -25.24 0.29
C TYR D 379 33.30 -24.29 1.02
N ARG D 380 33.62 -23.01 1.00
CA ARG D 380 32.83 -21.98 1.67
C ARG D 380 31.66 -21.53 0.82
N GLY D 381 31.69 -21.91 -0.45
CA GLY D 381 30.64 -21.54 -1.37
C GLY D 381 31.01 -20.31 -2.20
N GLU D 382 32.23 -19.80 -2.04
CA GLU D 382 32.62 -18.61 -2.82
C GLU D 382 33.24 -18.97 -4.17
N ALA D 383 32.86 -18.22 -5.21
CA ALA D 383 33.37 -18.44 -6.56
C ALA D 383 34.71 -17.74 -6.75
N LYS D 384 35.29 -17.85 -7.95
CA LYS D 384 36.56 -17.21 -8.21
C LYS D 384 36.40 -15.69 -8.20
N LEU D 385 35.20 -15.24 -8.53
CA LEU D 385 34.86 -13.82 -8.50
C LEU D 385 34.57 -13.59 -7.02
N LYS D 386 35.39 -12.78 -6.36
CA LYS D 386 35.24 -12.50 -4.94
C LYS D 386 33.92 -11.83 -4.55
N GLY D 387 33.30 -12.32 -3.50
CA GLY D 387 32.04 -11.75 -3.06
C GLY D 387 30.86 -12.42 -3.74
N LEU D 388 31.14 -13.32 -4.69
CA LEU D 388 30.07 -14.05 -5.36
C LEU D 388 30.07 -15.46 -4.79
N PHE D 389 28.93 -15.87 -4.25
CA PHE D 389 28.77 -17.20 -3.68
C PHE D 389 27.71 -17.94 -4.46
N SER D 390 27.68 -19.26 -4.31
CA SER D 390 26.67 -20.06 -4.97
C SER D 390 26.32 -21.24 -4.08
N ALA D 391 25.07 -21.67 -4.15
CA ALA D 391 24.63 -22.80 -3.34
C ALA D 391 23.45 -23.46 -4.01
N GLY D 392 23.30 -24.75 -3.76
CA GLY D 392 22.19 -25.49 -4.32
C GLY D 392 22.57 -26.11 -5.64
N GLU D 393 21.57 -26.47 -6.44
CA GLU D 393 21.83 -27.10 -7.72
C GLU D 393 22.61 -26.20 -8.69
N ALA D 394 22.52 -24.88 -8.50
CA ALA D 394 23.22 -23.93 -9.37
C ALA D 394 24.73 -23.96 -9.17
N ALA D 395 25.17 -24.54 -8.06
CA ALA D 395 26.59 -24.59 -7.77
C ALA D 395 27.27 -25.92 -8.07
N CYS D 396 28.60 -25.89 -8.01
CA CYS D 396 29.42 -27.08 -8.15
C CYS D 396 30.31 -26.94 -6.94
N TRP D 397 29.69 -27.21 -5.79
CA TRP D 397 30.33 -27.15 -4.47
C TRP D 397 31.11 -28.43 -4.59
N ASP D 398 30.44 -29.30 -5.32
CA ASP D 398 30.83 -30.62 -5.68
C ASP D 398 30.95 -31.65 -4.59
N MET D 399 29.77 -32.07 -4.17
CA MET D 399 29.62 -33.11 -3.19
C MET D 399 29.03 -34.23 -4.06
N HIS D 400 28.65 -33.87 -5.29
CA HIS D 400 28.03 -34.83 -6.23
C HIS D 400 28.96 -35.46 -7.26
N GLY D 401 30.00 -34.74 -7.70
CA GLY D 401 30.88 -35.30 -8.70
C GLY D 401 30.13 -35.59 -9.99
N PHE D 402 30.27 -36.79 -10.54
CA PHE D 402 29.59 -37.14 -11.78
C PHE D 402 28.32 -37.96 -11.62
N ASN D 403 27.79 -37.98 -10.41
CA ASN D 403 26.57 -38.71 -10.14
C ASN D 403 26.08 -38.43 -8.73
N ARG D 404 24.99 -37.68 -8.65
CA ARG D 404 24.41 -37.34 -7.37
C ARG D 404 23.50 -38.45 -6.88
N LEU D 405 23.48 -38.66 -5.56
CA LEU D 405 22.62 -39.69 -4.97
C LEU D 405 21.19 -39.20 -4.93
N GLY D 406 20.24 -40.07 -5.27
CA GLY D 406 18.85 -39.68 -5.20
C GLY D 406 18.58 -39.31 -3.75
N GLY D 407 17.97 -38.16 -3.54
CA GLY D 407 17.68 -37.72 -2.18
C GLY D 407 18.75 -36.78 -1.61
N ASN D 408 19.90 -36.69 -2.27
CA ASN D 408 20.98 -35.82 -1.80
C ASN D 408 20.88 -34.37 -2.27
N SER D 409 20.12 -34.12 -3.33
CA SER D 409 20.03 -32.76 -3.85
C SER D 409 19.11 -31.80 -3.09
N VAL D 410 17.96 -32.27 -2.60
CA VAL D 410 17.13 -31.36 -1.81
C VAL D 410 17.85 -31.23 -0.48
N SER D 411 18.57 -32.27 -0.11
CA SER D 411 19.34 -32.25 1.14
C SER D 411 20.43 -31.20 1.01
N GLU D 412 21.16 -31.22 -0.10
CA GLU D 412 22.22 -30.24 -0.32
C GLU D 412 21.71 -28.81 -0.35
N ALA D 413 20.52 -28.60 -0.93
CA ALA D 413 19.98 -27.25 -1.03
C ALA D 413 19.84 -26.61 0.34
N VAL D 414 19.28 -27.34 1.30
CA VAL D 414 19.11 -26.81 2.65
C VAL D 414 20.43 -26.78 3.41
N VAL D 415 21.23 -27.84 3.27
CA VAL D 415 22.51 -27.92 3.95
C VAL D 415 23.46 -26.82 3.49
N ALA D 416 23.57 -26.63 2.18
CA ALA D 416 24.42 -25.58 1.64
C ALA D 416 23.83 -24.23 2.06
N GLY D 417 22.50 -24.13 2.09
CA GLY D 417 21.87 -22.91 2.50
C GLY D 417 22.35 -22.56 3.91
N MET D 418 22.48 -23.58 4.73
CA MET D 418 22.95 -23.40 6.11
C MET D 418 24.43 -23.07 6.20
N ILE D 419 25.26 -23.92 5.62
CA ILE D 419 26.71 -23.73 5.66
C ILE D 419 27.21 -22.55 4.84
N VAL D 420 26.90 -22.52 3.54
CA VAL D 420 27.33 -21.40 2.70
C VAL D 420 26.69 -20.15 3.28
N GLY D 421 25.49 -20.29 3.84
CA GLY D 421 24.82 -19.16 4.45
C GLY D 421 25.64 -18.51 5.55
N GLU D 422 26.26 -19.32 6.39
CA GLU D 422 27.10 -18.81 7.48
C GLU D 422 28.33 -18.09 6.92
N TYR D 423 29.03 -18.74 6.00
CA TYR D 423 30.23 -18.14 5.40
C TYR D 423 29.87 -16.88 4.62
N PHE D 424 28.71 -16.92 3.96
CA PHE D 424 28.21 -15.79 3.18
C PHE D 424 27.92 -14.64 4.16
N ALA D 425 27.30 -14.99 5.28
CA ALA D 425 26.97 -13.99 6.30
C ALA D 425 28.25 -13.35 6.83
N GLU D 426 29.25 -14.18 7.12
CA GLU D 426 30.53 -13.70 7.64
C GLU D 426 31.19 -12.75 6.64
N HIS D 427 31.17 -13.13 5.37
CA HIS D 427 31.76 -12.30 4.33
C HIS D 427 31.06 -10.93 4.25
N CYS D 428 29.72 -10.95 4.24
CA CYS D 428 28.97 -9.71 4.16
C CYS D 428 29.17 -8.77 5.36
N ALA D 429 29.37 -9.36 6.54
CA ALA D 429 29.54 -8.54 7.74
C ALA D 429 30.97 -8.03 7.91
N ASN D 430 31.93 -8.78 7.37
CA ASN D 430 33.35 -8.41 7.51
C ASN D 430 33.98 -7.65 6.36
N THR D 431 33.45 -7.79 5.16
CA THR D 431 34.03 -7.11 4.00
C THR D 431 33.56 -5.68 3.87
N GLN D 432 34.36 -4.87 3.19
CA GLN D 432 34.00 -3.49 2.95
C GLN D 432 34.09 -3.28 1.44
N VAL D 433 33.00 -2.79 0.87
CA VAL D 433 32.93 -2.57 -0.56
C VAL D 433 33.06 -1.10 -0.98
N ASP D 434 33.63 -0.91 -2.16
CA ASP D 434 33.83 0.41 -2.71
C ASP D 434 32.90 0.50 -3.93
N LEU D 435 31.71 1.06 -3.73
CA LEU D 435 30.72 1.18 -4.80
C LEU D 435 30.87 2.45 -5.65
N GLU D 436 31.50 2.30 -6.81
CA GLU D 436 31.71 3.41 -7.73
C GLU D 436 30.51 3.57 -8.66
N THR D 437 29.86 4.73 -8.60
CA THR D 437 28.70 4.98 -9.45
C THR D 437 29.06 4.87 -10.93
N LYS D 438 30.33 5.13 -11.26
CA LYS D 438 30.76 5.05 -12.66
C LYS D 438 30.56 3.62 -13.15
N THR D 439 30.88 2.65 -12.29
CA THR D 439 30.74 1.24 -12.62
C THR D 439 29.27 0.83 -12.66
N LEU D 440 28.50 1.26 -11.66
CA LEU D 440 27.09 0.94 -11.62
C LEU D 440 26.42 1.44 -12.90
N GLU D 441 26.68 2.70 -13.23
CA GLU D 441 26.09 3.30 -14.43
C GLU D 441 26.47 2.54 -15.70
N LYS D 442 27.72 2.11 -15.78
CA LYS D 442 28.18 1.37 -16.96
C LYS D 442 27.38 0.09 -17.16
N PHE D 443 27.21 -0.67 -16.08
CA PHE D 443 26.46 -1.92 -16.18
C PHE D 443 24.98 -1.70 -16.43
N VAL D 444 24.37 -0.74 -15.74
CA VAL D 444 22.95 -0.46 -15.94
C VAL D 444 22.67 0.08 -17.33
N LYS D 445 23.43 1.08 -17.76
CA LYS D 445 23.24 1.64 -19.09
C LYS D 445 23.55 0.57 -20.14
N GLY D 446 24.47 -0.32 -19.82
CA GLY D 446 24.81 -1.38 -20.76
C GLY D 446 23.65 -2.32 -21.03
N GLN D 447 22.85 -2.61 -20.01
CA GLN D 447 21.70 -3.51 -20.19
C GLN D 447 20.49 -2.80 -20.77
N GLU D 448 20.34 -1.51 -20.48
CA GLU D 448 19.24 -0.75 -21.04
C GLU D 448 19.48 -0.67 -22.55
N ALA D 449 20.73 -0.46 -22.95
CA ALA D 449 21.09 -0.38 -24.35
C ALA D 449 20.85 -1.72 -25.05
N TYR D 450 21.09 -2.80 -24.32
CA TYR D 450 20.90 -4.16 -24.83
C TYR D 450 19.42 -4.43 -25.07
N MET D 451 18.58 -4.07 -24.11
CA MET D 451 17.14 -4.30 -24.27
C MET D 451 16.66 -3.52 -25.48
N LYS D 452 17.13 -2.29 -25.61
CA LYS D 452 16.76 -1.44 -26.74
C LYS D 452 17.17 -2.07 -28.07
N SER D 453 18.39 -2.61 -28.12
CA SER D 453 18.89 -3.23 -29.34
C SER D 453 18.04 -4.44 -29.74
N LEU D 454 17.54 -5.18 -28.76
CA LEU D 454 16.72 -6.35 -29.02
C LEU D 454 15.38 -5.92 -29.58
N VAL D 455 14.81 -4.87 -29.00
CA VAL D 455 13.54 -4.36 -29.45
C VAL D 455 13.62 -3.72 -30.84
N GLU D 456 14.78 -3.15 -31.19
CA GLU D 456 14.91 -2.51 -32.49
C GLU D 456 15.55 -3.35 -33.58
N SER D 457 16.02 -4.54 -33.20
CA SER D 457 16.66 -5.44 -34.15
C SER D 457 15.80 -5.71 -35.37
N LYS D 458 16.39 -5.64 -36.54
CA LYS D 458 15.66 -5.91 -37.78
C LYS D 458 16.01 -7.32 -38.23
N GLY D 459 16.56 -8.11 -37.31
CA GLY D 459 16.92 -9.48 -37.63
C GLY D 459 15.72 -10.27 -38.08
N THR D 460 15.95 -11.38 -38.76
CA THR D 460 14.86 -12.20 -39.26
C THR D 460 14.79 -13.60 -38.64
N GLU D 461 15.69 -13.90 -37.72
CA GLU D 461 15.68 -15.21 -37.05
C GLU D 461 14.53 -15.25 -36.05
N ASP D 462 13.99 -16.44 -35.81
CA ASP D 462 12.89 -16.61 -34.87
C ASP D 462 13.47 -17.21 -33.59
N VAL D 463 13.34 -16.48 -32.49
CA VAL D 463 13.89 -16.93 -31.22
C VAL D 463 13.40 -18.31 -30.77
N PHE D 464 12.13 -18.62 -30.97
CA PHE D 464 11.61 -19.91 -30.58
C PHE D 464 12.18 -21.05 -31.43
N LYS D 465 12.31 -20.81 -32.72
CA LYS D 465 12.84 -21.83 -33.62
C LYS D 465 14.28 -22.13 -33.23
N ILE D 466 15.00 -21.10 -32.82
CA ILE D 466 16.38 -21.26 -32.40
C ILE D 466 16.41 -22.04 -31.09
N LYS D 467 15.58 -21.64 -30.13
CA LYS D 467 15.54 -22.34 -28.85
C LYS D 467 15.18 -23.80 -29.00
N ASN D 468 14.18 -24.09 -29.82
CA ASN D 468 13.75 -25.46 -30.02
C ASN D 468 14.81 -26.32 -30.70
N ARG D 469 15.58 -25.71 -31.60
CA ARG D 469 16.62 -26.47 -32.28
C ARG D 469 17.73 -26.79 -31.28
N MET D 470 17.99 -25.85 -30.37
CA MET D 470 19.01 -26.07 -29.36
C MET D 470 18.64 -27.28 -28.51
N LYS D 471 17.38 -27.34 -28.10
CA LYS D 471 16.90 -28.43 -27.25
C LYS D 471 16.97 -29.79 -27.95
N ASP D 472 16.72 -29.81 -29.26
CA ASP D 472 16.79 -31.07 -30.02
C ASP D 472 18.23 -31.55 -30.11
N VAL D 473 19.13 -30.60 -30.36
CA VAL D 473 20.54 -30.94 -30.48
C VAL D 473 21.05 -31.55 -29.18
N MET D 474 20.70 -30.93 -28.06
CA MET D 474 21.14 -31.44 -26.76
C MET D 474 20.58 -32.83 -26.51
N ASP D 475 19.30 -33.05 -26.75
CA ASP D 475 18.74 -34.37 -26.52
C ASP D 475 19.34 -35.44 -27.43
N ASP D 476 19.54 -35.10 -28.70
CA ASP D 476 20.06 -36.06 -29.67
C ASP D 476 21.55 -36.36 -29.57
N ASN D 477 22.33 -35.41 -29.08
CA ASN D 477 23.78 -35.62 -29.02
C ASN D 477 24.45 -35.57 -27.65
N VAL D 478 23.76 -35.08 -26.64
CA VAL D 478 24.39 -34.99 -25.32
C VAL D 478 23.55 -35.66 -24.25
N GLY D 479 23.01 -36.83 -24.59
CA GLY D 479 22.18 -37.56 -23.66
C GLY D 479 22.92 -38.66 -22.91
N ILE D 480 22.20 -39.75 -22.63
CA ILE D 480 22.75 -40.89 -21.89
C ILE D 480 23.99 -41.49 -22.57
N PHE D 481 23.93 -41.65 -23.88
CA PHE D 481 25.06 -42.18 -24.64
C PHE D 481 25.65 -41.09 -25.53
N ARG D 482 26.97 -40.89 -25.42
CA ARG D 482 27.64 -39.87 -26.20
C ARG D 482 28.88 -40.45 -26.90
N ASP D 483 29.30 -39.79 -27.97
CA ASP D 483 30.49 -40.19 -28.72
C ASP D 483 31.08 -38.95 -29.40
N GLY D 484 32.39 -38.98 -29.63
CA GLY D 484 33.06 -37.86 -30.25
C GLY D 484 32.44 -37.29 -31.51
N PRO D 485 32.24 -38.13 -32.54
CA PRO D 485 31.64 -37.68 -33.81
C PRO D 485 30.35 -36.88 -33.67
N HIS D 486 29.41 -37.37 -32.86
CA HIS D 486 28.15 -36.66 -32.68
C HIS D 486 28.35 -35.39 -31.85
N LEU D 487 29.23 -35.47 -30.84
CA LEU D 487 29.50 -34.32 -29.99
C LEU D 487 30.15 -33.18 -30.78
N GLU D 488 30.99 -33.53 -31.74
CA GLU D 488 31.65 -32.52 -32.56
C GLU D 488 30.58 -31.82 -33.38
N LYS D 489 29.64 -32.60 -33.89
CA LYS D 489 28.53 -32.07 -34.67
C LYS D 489 27.68 -31.14 -33.81
N ALA D 490 27.41 -31.56 -32.58
CA ALA D 490 26.59 -30.77 -31.65
C ALA D 490 27.26 -29.44 -31.35
N VAL D 491 28.54 -29.47 -31.01
CA VAL D 491 29.27 -28.24 -30.70
C VAL D 491 29.24 -27.27 -31.88
N LYS D 492 29.36 -27.80 -33.09
CA LYS D 492 29.34 -26.96 -34.28
C LYS D 492 27.99 -26.33 -34.54
N GLU D 493 26.92 -27.09 -34.37
CA GLU D 493 25.58 -26.57 -34.59
C GLU D 493 25.21 -25.57 -33.49
N LEU D 494 25.59 -25.87 -32.26
CA LEU D 494 25.30 -24.97 -31.14
C LEU D 494 25.99 -23.63 -31.34
N GLU D 495 27.23 -23.67 -31.83
CA GLU D 495 27.99 -22.45 -32.07
C GLU D 495 27.31 -21.64 -33.17
N GLU D 496 26.78 -22.35 -34.17
CA GLU D 496 26.08 -21.72 -35.28
C GLU D 496 24.77 -21.12 -34.79
N LEU D 497 24.12 -21.84 -33.86
CA LEU D 497 22.86 -21.40 -33.29
C LEU D 497 23.07 -20.13 -32.46
N TYR D 498 24.20 -20.08 -31.75
CA TYR D 498 24.54 -18.93 -30.92
C TYR D 498 24.69 -17.68 -31.78
N LYS D 499 25.44 -17.80 -32.87
CA LYS D 499 25.67 -16.68 -33.76
C LYS D 499 24.36 -16.16 -34.38
N LYS D 500 23.44 -17.07 -34.68
CA LYS D 500 22.16 -16.68 -35.27
C LYS D 500 21.23 -16.06 -34.23
N SER D 501 21.45 -16.38 -32.96
CA SER D 501 20.61 -15.83 -31.90
C SER D 501 20.75 -14.31 -31.86
N LYS D 502 21.87 -13.80 -32.35
CA LYS D 502 22.12 -12.35 -32.37
C LYS D 502 21.36 -11.64 -33.49
N ASN D 503 20.78 -12.43 -34.39
CA ASN D 503 20.02 -11.86 -35.51
C ASN D 503 18.53 -12.09 -35.32
N VAL D 504 18.14 -12.27 -34.06
CA VAL D 504 16.75 -12.49 -33.72
C VAL D 504 15.94 -11.20 -33.83
N GLY D 505 14.70 -11.33 -34.26
CA GLY D 505 13.84 -10.18 -34.38
C GLY D 505 12.55 -10.51 -33.65
N ILE D 506 12.01 -9.55 -32.90
CA ILE D 506 10.77 -9.82 -32.18
C ILE D 506 9.66 -8.90 -32.67
N LYS D 507 8.43 -9.34 -32.51
CA LYS D 507 7.28 -8.56 -32.97
C LYS D 507 6.82 -7.50 -31.98
N ASN D 508 6.69 -7.89 -30.71
CA ASN D 508 6.25 -6.98 -29.66
C ASN D 508 7.38 -6.08 -29.21
N LYS D 509 7.19 -4.78 -29.43
CA LYS D 509 8.18 -3.75 -29.13
C LYS D 509 8.20 -3.18 -27.71
N ARG D 510 7.17 -3.42 -26.92
CA ARG D 510 7.12 -2.90 -25.56
C ARG D 510 8.27 -3.41 -24.69
N LEU D 511 8.64 -2.61 -23.70
CA LEU D 511 9.73 -2.96 -22.78
C LEU D 511 9.21 -3.63 -21.53
N HIS D 512 7.90 -3.50 -21.28
CA HIS D 512 7.32 -4.10 -20.08
C HIS D 512 6.59 -5.40 -20.38
N ALA D 513 6.46 -6.24 -19.36
CA ALA D 513 5.76 -7.53 -19.43
C ALA D 513 5.75 -8.10 -20.85
N ASN D 514 6.93 -8.41 -21.35
CA ASN D 514 7.10 -8.90 -22.71
C ASN D 514 7.77 -10.27 -22.75
N PRO D 515 6.98 -11.36 -22.84
CA PRO D 515 7.62 -12.69 -22.87
C PRO D 515 8.50 -12.94 -24.09
N GLU D 516 8.26 -12.19 -25.17
CA GLU D 516 9.06 -12.37 -26.37
C GLU D 516 10.46 -11.78 -26.14
N LEU D 517 10.51 -10.59 -25.52
CA LEU D 517 11.79 -9.94 -25.22
C LEU D 517 12.57 -10.81 -24.25
N GLU D 518 11.86 -11.41 -23.30
CA GLU D 518 12.50 -12.29 -22.31
C GLU D 518 13.27 -13.41 -23.02
N GLU D 519 12.61 -14.07 -23.98
CA GLU D 519 13.26 -15.15 -24.72
C GLU D 519 14.44 -14.60 -25.52
N ALA D 520 14.30 -13.38 -26.04
CA ALA D 520 15.36 -12.75 -26.83
C ALA D 520 16.69 -12.66 -26.10
N TYR D 521 16.67 -12.40 -24.78
CA TYR D 521 17.95 -12.33 -24.08
C TYR D 521 18.30 -13.61 -23.33
N ARG D 522 17.31 -14.43 -23.00
CA ARG D 522 17.58 -15.69 -22.31
C ARG D 522 18.19 -16.77 -23.21
N VAL D 523 17.71 -16.88 -24.45
CA VAL D 523 18.20 -17.92 -25.35
C VAL D 523 19.70 -17.85 -25.60
N PRO D 524 20.24 -16.65 -25.86
CA PRO D 524 21.69 -16.56 -26.09
C PRO D 524 22.45 -17.05 -24.87
N MET D 525 21.89 -16.80 -23.68
CA MET D 525 22.53 -17.23 -22.44
C MET D 525 22.50 -18.75 -22.35
N MET D 526 21.35 -19.33 -22.67
CA MET D 526 21.19 -20.77 -22.63
C MET D 526 22.16 -21.46 -23.60
N LEU D 527 22.35 -20.85 -24.76
CA LEU D 527 23.24 -21.41 -25.78
C LEU D 527 24.68 -21.47 -25.26
N LYS D 528 25.10 -20.43 -24.55
CA LYS D 528 26.44 -20.42 -24.00
C LYS D 528 26.54 -21.53 -22.95
N VAL D 529 25.50 -21.69 -22.13
CA VAL D 529 25.51 -22.77 -21.14
C VAL D 529 25.58 -24.13 -21.86
N ALA D 530 24.78 -24.29 -22.91
CA ALA D 530 24.76 -25.53 -23.67
C ALA D 530 26.14 -25.83 -24.25
N LEU D 531 26.82 -24.78 -24.70
CA LEU D 531 28.15 -24.97 -25.26
C LEU D 531 29.12 -25.51 -24.23
N CYS D 532 28.99 -25.06 -22.99
CA CYS D 532 29.87 -25.54 -21.93
C CYS D 532 29.60 -27.03 -21.66
N VAL D 533 28.32 -27.40 -21.71
CA VAL D 533 27.94 -28.79 -21.51
C VAL D 533 28.46 -29.66 -22.66
N ALA D 534 28.11 -29.29 -23.88
CA ALA D 534 28.51 -30.04 -25.07
C ALA D 534 30.02 -30.13 -25.29
N LYS D 535 30.70 -29.00 -25.19
CA LYS D 535 32.15 -28.98 -25.37
C LYS D 535 32.82 -29.75 -24.25
N GLY D 536 32.28 -29.64 -23.04
CA GLY D 536 32.84 -30.35 -21.91
C GLY D 536 32.74 -31.84 -22.13
N ALA D 537 31.64 -32.29 -22.70
CA ALA D 537 31.41 -33.71 -22.97
C ALA D 537 32.36 -34.20 -24.07
N LEU D 538 32.54 -33.36 -25.08
CA LEU D 538 33.41 -33.70 -26.21
C LEU D 538 34.85 -33.90 -25.79
N ASP D 539 35.36 -32.98 -24.98
CA ASP D 539 36.74 -33.04 -24.53
C ASP D 539 37.02 -34.07 -23.43
N ARG D 540 36.01 -34.44 -22.65
CA ARG D 540 36.24 -35.43 -21.60
C ARG D 540 36.19 -36.83 -22.19
N THR D 541 37.35 -37.32 -22.59
CA THR D 541 37.43 -38.65 -23.21
C THR D 541 37.56 -39.78 -22.20
N GLU D 542 36.45 -40.06 -21.52
CA GLU D 542 36.37 -41.11 -20.51
C GLU D 542 34.89 -41.28 -20.20
N SER D 543 34.57 -42.29 -19.41
CA SER D 543 33.21 -42.54 -18.99
C SER D 543 33.24 -42.50 -17.47
N ARG D 544 32.52 -41.53 -16.90
CA ARG D 544 32.52 -41.37 -15.46
C ARG D 544 31.14 -40.96 -14.97
N GLY D 545 30.63 -41.67 -13.97
CA GLY D 545 29.31 -41.36 -13.45
C GLY D 545 28.30 -41.33 -14.57
N ALA D 546 27.55 -40.23 -14.65
CA ALA D 546 26.51 -40.05 -15.66
C ALA D 546 27.04 -39.75 -17.07
N HIS D 547 28.32 -39.40 -17.17
CA HIS D 547 28.91 -39.09 -18.47
C HIS D 547 29.44 -40.37 -19.11
N ASN D 548 28.73 -40.86 -20.12
CA ASN D 548 29.13 -42.09 -20.80
C ASN D 548 29.56 -41.87 -22.23
N ARG D 549 30.83 -42.16 -22.52
CA ARG D 549 31.36 -42.03 -23.86
C ARG D 549 31.51 -43.44 -24.44
N GLU D 550 30.75 -43.72 -25.49
CA GLU D 550 30.78 -45.03 -26.13
C GLU D 550 32.14 -45.32 -26.75
N ASP D 551 32.86 -44.27 -27.12
CA ASP D 551 34.18 -44.42 -27.71
C ASP D 551 35.30 -44.43 -26.66
N TYR D 552 34.92 -44.18 -25.42
CA TYR D 552 35.86 -44.20 -24.29
C TYR D 552 35.04 -44.69 -23.10
N PRO D 553 34.67 -45.98 -23.11
CA PRO D 553 33.87 -46.66 -22.08
C PRO D 553 34.46 -46.82 -20.68
N LYS D 554 35.75 -46.54 -20.51
CA LYS D 554 36.37 -46.71 -19.20
C LYS D 554 36.59 -45.42 -18.42
N ARG D 555 36.53 -45.54 -17.09
CA ARG D 555 36.79 -44.40 -16.22
C ARG D 555 38.31 -44.29 -16.20
N ASP D 556 38.82 -43.10 -16.49
CA ASP D 556 40.27 -42.88 -16.55
C ASP D 556 40.77 -42.09 -15.35
N ASP D 557 41.19 -42.79 -14.29
CA ASP D 557 41.69 -42.11 -13.10
C ASP D 557 43.10 -41.56 -13.29
N ILE D 558 43.71 -41.89 -14.42
CA ILE D 558 45.05 -41.42 -14.71
C ILE D 558 45.04 -40.04 -15.33
N ASN D 559 44.29 -39.87 -16.42
CA ASN D 559 44.23 -38.58 -17.10
C ASN D 559 42.98 -37.76 -16.84
N TRP D 560 41.99 -38.33 -16.17
CA TRP D 560 40.77 -37.58 -15.94
C TRP D 560 40.23 -37.53 -14.53
N LEU D 561 41.10 -37.72 -13.54
CA LEU D 561 40.68 -37.64 -12.16
C LEU D 561 40.74 -36.14 -11.86
N ASN D 562 39.81 -35.41 -12.45
CA ASN D 562 39.78 -33.97 -12.30
C ASN D 562 38.38 -33.40 -12.48
N ARG D 563 38.30 -32.08 -12.52
CA ARG D 563 37.03 -31.38 -12.67
C ARG D 563 37.15 -30.39 -13.81
N THR D 564 36.17 -30.38 -14.70
CA THR D 564 36.19 -29.47 -15.84
C THR D 564 35.79 -28.06 -15.40
N LEU D 565 36.64 -27.09 -15.71
CA LEU D 565 36.37 -25.70 -15.36
C LEU D 565 36.17 -24.89 -16.63
N ALA D 566 34.95 -24.37 -16.81
CA ALA D 566 34.64 -23.59 -17.99
C ALA D 566 34.56 -22.10 -17.68
N SER D 567 35.06 -21.30 -18.62
CA SER D 567 35.04 -19.85 -18.50
C SER D 567 34.83 -19.22 -19.87
N TRP D 568 34.55 -17.92 -19.89
CA TRP D 568 34.30 -17.20 -21.14
C TRP D 568 34.92 -15.81 -20.95
N PRO D 569 36.25 -15.77 -20.80
CA PRO D 569 37.03 -14.53 -20.59
C PRO D 569 36.84 -13.47 -21.67
N ASN D 570 36.88 -13.88 -22.92
CA ASN D 570 36.71 -12.93 -24.02
C ASN D 570 35.28 -12.96 -24.52
N PRO D 571 34.58 -11.81 -24.43
CA PRO D 571 33.19 -11.75 -24.89
C PRO D 571 33.05 -11.97 -26.39
N GLU D 572 34.18 -12.04 -27.09
CA GLU D 572 34.17 -12.24 -28.53
C GLU D 572 34.25 -13.71 -28.93
N GLN D 573 34.89 -14.52 -28.08
CA GLN D 573 35.02 -15.94 -28.37
C GLN D 573 33.63 -16.57 -28.47
N THR D 574 33.50 -17.58 -29.34
CA THR D 574 32.22 -18.24 -29.54
C THR D 574 32.17 -19.65 -28.96
N LEU D 575 33.27 -20.04 -28.31
CA LEU D 575 33.35 -21.34 -27.67
C LEU D 575 33.87 -21.09 -26.26
N PRO D 576 33.52 -21.96 -25.31
CA PRO D 576 34.01 -21.75 -23.94
C PRO D 576 35.45 -22.18 -23.78
N THR D 577 36.14 -21.57 -22.82
CA THR D 577 37.52 -21.91 -22.52
C THR D 577 37.45 -22.99 -21.44
N LEU D 578 38.13 -24.10 -21.67
CA LEU D 578 38.10 -25.19 -20.69
C LEU D 578 39.46 -25.45 -20.07
N GLU D 579 39.47 -25.57 -18.75
CA GLU D 579 40.68 -25.84 -17.99
C GLU D 579 40.32 -26.97 -17.05
N TYR D 580 41.31 -27.55 -16.38
CA TYR D 580 41.03 -28.64 -15.47
C TYR D 580 41.68 -28.51 -14.11
N GLU D 581 40.89 -28.81 -13.09
CA GLU D 581 41.30 -28.78 -11.70
C GLU D 581 41.51 -30.24 -11.33
N ALA D 582 42.74 -30.60 -10.97
CA ALA D 582 43.05 -31.98 -10.61
C ALA D 582 42.63 -32.34 -9.20
N LEU D 583 42.10 -33.54 -9.04
CA LEU D 583 41.70 -34.01 -7.71
C LEU D 583 42.90 -34.67 -7.04
N ASP D 584 43.32 -34.14 -5.91
CA ASP D 584 44.46 -34.67 -5.18
C ASP D 584 44.05 -35.91 -4.39
N VAL D 585 44.54 -37.08 -4.82
CA VAL D 585 44.21 -38.32 -4.14
C VAL D 585 44.66 -38.31 -2.68
N ASN D 586 45.74 -37.59 -2.40
CA ASN D 586 46.29 -37.50 -1.05
C ASN D 586 45.34 -36.85 -0.05
N GLU D 587 44.32 -36.15 -0.57
CA GLU D 587 43.37 -35.49 0.31
C GLU D 587 42.03 -36.21 0.34
N MET D 588 42.01 -37.45 -0.16
CA MET D 588 40.79 -38.24 -0.17
C MET D 588 40.74 -39.21 1.00
N GLU D 589 39.58 -39.29 1.63
CA GLU D 589 39.38 -40.18 2.76
C GLU D 589 39.16 -41.58 2.19
N ILE D 590 38.57 -41.62 1.00
CA ILE D 590 38.31 -42.88 0.30
C ILE D 590 39.01 -42.82 -1.06
N ALA D 591 40.04 -43.64 -1.23
CA ALA D 591 40.78 -43.68 -2.49
C ALA D 591 39.90 -44.22 -3.60
N PRO D 592 40.17 -43.83 -4.86
CA PRO D 592 39.39 -44.30 -6.01
C PRO D 592 39.33 -45.83 -6.09
N GLY D 593 38.16 -46.34 -6.46
CA GLY D 593 37.99 -47.78 -6.58
C GLY D 593 36.75 -48.14 -7.37
N TYR D 594 36.10 -49.23 -6.98
CA TYR D 594 34.88 -49.67 -7.65
C TYR D 594 33.71 -48.87 -7.10
N ARG D 595 32.87 -48.35 -7.98
CA ARG D 595 31.73 -47.54 -7.56
C ARG D 595 30.54 -48.34 -7.05
N GLY D 596 30.52 -49.63 -7.35
CA GLY D 596 29.42 -50.47 -6.89
C GLY D 596 28.42 -50.86 -7.95
N TYR D 597 28.11 -49.92 -8.85
CA TYR D 597 27.15 -50.17 -9.91
C TYR D 597 27.83 -50.18 -11.29
N GLY D 598 27.50 -51.17 -12.09
CA GLY D 598 28.08 -51.29 -13.42
C GLY D 598 29.14 -52.36 -13.51
N ALA D 599 29.77 -52.47 -14.68
CA ALA D 599 30.80 -53.46 -14.90
C ALA D 599 32.02 -53.22 -14.01
N LYS D 600 32.66 -54.30 -13.59
CA LYS D 600 33.84 -54.21 -12.74
C LYS D 600 35.09 -54.03 -13.59
N GLY D 601 36.15 -53.49 -12.98
CA GLY D 601 37.39 -53.28 -13.70
C GLY D 601 37.21 -52.38 -14.91
N ASN D 602 36.14 -51.62 -14.94
CA ASN D 602 35.86 -50.72 -16.05
C ASN D 602 36.49 -49.36 -15.81
N TYR D 603 37.61 -49.34 -15.10
CA TYR D 603 38.31 -48.09 -14.81
C TYR D 603 39.82 -48.26 -14.82
N ILE D 604 40.50 -47.31 -15.46
CA ILE D 604 41.95 -47.33 -15.54
C ILE D 604 42.52 -46.86 -14.21
N GLU D 605 43.00 -47.83 -13.43
CA GLU D 605 43.57 -47.57 -12.11
C GLU D 605 44.76 -46.61 -12.17
N ASN D 606 44.85 -45.75 -11.15
CA ASN D 606 45.95 -44.80 -11.06
C ASN D 606 46.87 -45.27 -9.92
N PRO D 607 48.18 -45.35 -10.21
CA PRO D 607 49.14 -45.80 -9.19
C PRO D 607 49.01 -45.06 -7.86
N LEU D 608 48.79 -43.75 -7.92
CA LEU D 608 48.65 -42.93 -6.72
C LEU D 608 47.49 -43.40 -5.84
N SER D 609 46.48 -44.01 -6.46
CA SER D 609 45.33 -44.51 -5.72
C SER D 609 45.74 -45.68 -4.83
N VAL D 610 46.60 -46.54 -5.37
CA VAL D 610 47.08 -47.71 -4.64
C VAL D 610 47.87 -47.27 -3.41
N LYS D 611 48.77 -46.29 -3.61
CA LYS D 611 49.59 -45.78 -2.54
C LYS D 611 48.71 -45.26 -1.40
N ARG D 612 47.79 -44.36 -1.74
CA ARG D 612 46.88 -43.77 -0.77
C ARG D 612 46.05 -44.82 -0.04
N GLN D 613 45.53 -45.79 -0.79
CA GLN D 613 44.71 -46.84 -0.20
C GLN D 613 45.47 -47.54 0.93
N GLU D 614 46.71 -47.93 0.65
CA GLU D 614 47.55 -48.60 1.63
C GLU D 614 47.72 -47.68 2.84
N GLU D 615 48.05 -46.42 2.56
CA GLU D 615 48.25 -45.42 3.58
C GLU D 615 47.01 -45.29 4.47
N ILE D 616 45.83 -45.46 3.87
CA ILE D 616 44.58 -45.36 4.61
C ILE D 616 44.42 -46.60 5.50
N ASP D 617 44.58 -47.78 4.90
CA ASP D 617 44.46 -49.03 5.65
C ASP D 617 45.39 -49.02 6.85
N LYS D 618 46.59 -48.48 6.66
CA LYS D 618 47.59 -48.39 7.72
C LYS D 618 47.10 -47.51 8.86
N ILE D 619 46.73 -46.28 8.52
CA ILE D 619 46.25 -45.32 9.51
C ILE D 619 45.05 -45.86 10.28
N GLN D 620 44.13 -46.49 9.57
CA GLN D 620 42.93 -47.05 10.20
C GLN D 620 43.31 -48.15 11.19
N SER D 621 44.17 -49.07 10.75
CA SER D 621 44.60 -50.17 11.59
C SER D 621 45.23 -49.69 12.90
N GLU D 622 46.26 -48.87 12.79
CA GLU D 622 46.95 -48.34 13.97
C GLU D 622 45.99 -47.66 14.94
N LEU D 623 45.24 -46.69 14.44
CA LEU D 623 44.30 -45.95 15.26
C LEU D 623 43.22 -46.85 15.87
N GLU D 624 42.66 -47.74 15.05
CA GLU D 624 41.62 -48.64 15.51
C GLU D 624 42.14 -49.61 16.55
N ALA D 625 43.45 -49.88 16.49
CA ALA D 625 44.09 -50.79 17.43
C ALA D 625 44.26 -50.11 18.78
N ALA D 626 44.53 -48.80 18.74
CA ALA D 626 44.71 -48.02 19.95
C ALA D 626 43.38 -47.65 20.59
N GLY D 627 42.31 -48.31 20.15
CA GLY D 627 41.00 -48.03 20.69
C GLY D 627 40.52 -46.61 20.41
N LYS D 628 40.70 -46.18 19.17
CA LYS D 628 40.31 -44.83 18.75
C LYS D 628 38.94 -44.90 18.07
N ASP D 629 38.08 -43.90 18.32
CA ASP D 629 36.75 -43.88 17.73
C ASP D 629 36.76 -43.46 16.26
N ARG D 630 35.64 -43.69 15.58
CA ARG D 630 35.52 -43.35 14.16
C ARG D 630 35.77 -41.86 13.89
N HIS D 631 35.51 -41.03 14.89
CA HIS D 631 35.72 -39.60 14.75
C HIS D 631 37.20 -39.23 14.64
N ALA D 632 38.01 -39.76 15.55
CA ALA D 632 39.44 -39.49 15.54
C ALA D 632 40.09 -40.07 14.29
N ILE D 633 39.58 -41.22 13.84
CA ILE D 633 40.11 -41.86 12.64
C ILE D 633 39.82 -40.99 11.43
N GLN D 634 38.60 -40.46 11.37
CA GLN D 634 38.19 -39.62 10.25
C GLN D 634 39.11 -38.40 10.19
N GLU D 635 39.37 -37.79 11.34
CA GLU D 635 40.23 -36.62 11.44
C GLU D 635 41.64 -36.87 10.92
N ALA D 636 42.16 -38.05 11.20
CA ALA D 636 43.50 -38.42 10.78
C ALA D 636 43.59 -38.72 9.28
N LEU D 637 42.47 -39.09 8.69
CA LEU D 637 42.44 -39.42 7.26
C LEU D 637 42.19 -38.19 6.39
N MET D 638 41.26 -37.34 6.80
CA MET D 638 40.95 -36.15 6.02
C MET D 638 40.20 -35.12 6.84
N PRO D 639 40.92 -34.16 7.45
CA PRO D 639 40.23 -33.15 8.25
C PRO D 639 39.49 -32.18 7.34
N TYR D 640 38.30 -31.75 7.77
CA TYR D 640 37.52 -30.81 7.00
C TYR D 640 37.02 -29.68 7.88
N GLU D 641 36.57 -28.61 7.25
CA GLU D 641 36.10 -27.43 7.95
C GLU D 641 34.57 -27.36 8.06
N LEU D 642 34.10 -26.68 9.10
CA LEU D 642 32.68 -26.48 9.34
C LEU D 642 32.47 -25.24 10.19
N PRO D 643 31.47 -24.42 9.85
CA PRO D 643 31.23 -23.22 10.64
C PRO D 643 31.04 -23.63 12.10
N ALA D 644 31.49 -22.77 13.02
CA ALA D 644 31.38 -23.07 14.44
C ALA D 644 29.98 -23.52 14.85
N LYS D 645 28.96 -22.86 14.31
CA LYS D 645 27.58 -23.18 14.64
C LYS D 645 27.14 -24.60 14.31
N TYR D 646 27.85 -25.27 13.42
CA TYR D 646 27.48 -26.64 13.03
C TYR D 646 28.55 -27.69 13.30
N LYS D 647 29.52 -27.36 14.13
CA LYS D 647 30.59 -28.31 14.41
C LYS D 647 30.23 -29.36 15.47
N ALA D 648 28.98 -29.33 15.94
CA ALA D 648 28.52 -30.28 16.95
C ALA D 648 28.16 -31.65 16.37
N ARG D 649 28.28 -32.68 17.20
CA ARG D 649 27.96 -34.04 16.76
C ARG D 649 26.45 -34.25 16.74
N ASN D 650 26.01 -35.25 15.99
CA ASN D 650 24.60 -35.54 15.89
C ASN D 650 24.19 -36.67 16.82
N GLU D 651 23.35 -36.36 17.80
CA GLU D 651 22.86 -37.36 18.73
C GLU D 651 21.96 -38.33 17.98
N ARG D 652 22.03 -39.61 18.33
CA ARG D 652 21.20 -40.60 17.68
C ARG D 652 20.55 -41.54 18.68
N LEU D 653 19.49 -42.19 18.23
CA LEU D 653 18.76 -43.15 19.06
C LEU D 653 19.66 -44.36 19.25
N GLY D 654 20.37 -44.40 20.37
CA GLY D 654 21.25 -45.53 20.63
C GLY D 654 22.62 -45.14 21.14
N ASP D 655 22.79 -43.86 21.51
CA ASP D 655 24.07 -43.41 22.02
C ASP D 655 24.10 -43.60 23.53
N LYS D 656 25.16 -43.35 24.14
N MET E 1 -7.02 -35.78 -38.43
CA MET E 1 -7.88 -34.74 -37.80
C MET E 1 -7.56 -34.63 -36.30
N GLY E 2 -8.43 -33.96 -35.57
CA GLY E 2 -8.25 -33.78 -34.15
C GLY E 2 -9.23 -32.75 -33.66
N ARG E 3 -10.16 -32.39 -34.53
CA ARG E 3 -11.20 -31.38 -34.27
C ARG E 3 -10.58 -30.03 -33.94
N MET E 4 -11.15 -28.98 -34.50
CA MET E 4 -10.66 -27.63 -34.26
C MET E 4 -11.24 -27.05 -32.97
N LEU E 5 -10.36 -26.59 -32.11
CA LEU E 5 -10.76 -26.00 -30.85
C LEU E 5 -10.77 -24.50 -31.04
N THR E 6 -11.75 -23.83 -30.42
CA THR E 6 -11.81 -22.40 -30.51
C THR E 6 -11.40 -21.88 -29.14
N ILE E 7 -10.25 -21.23 -29.07
CA ILE E 7 -9.74 -20.69 -27.81
C ILE E 7 -10.01 -19.19 -27.74
N ARG E 8 -10.80 -18.77 -26.76
CA ARG E 8 -11.11 -17.35 -26.58
C ARG E 8 -10.34 -16.89 -25.35
N VAL E 9 -9.48 -15.89 -25.53
CA VAL E 9 -8.66 -15.38 -24.44
C VAL E 9 -8.85 -13.91 -24.10
N PHE E 10 -8.92 -13.62 -22.81
CA PHE E 10 -9.04 -12.26 -22.30
C PHE E 10 -7.69 -11.58 -22.51
N LYS E 11 -7.70 -10.40 -23.11
CA LYS E 11 -6.44 -9.67 -23.32
C LYS E 11 -6.62 -8.22 -22.87
N TYR E 12 -5.66 -7.74 -22.09
CA TYR E 12 -5.68 -6.38 -21.58
C TYR E 12 -4.35 -6.07 -20.95
N ASP E 13 -3.78 -4.93 -21.32
CA ASP E 13 -2.50 -4.47 -20.77
C ASP E 13 -2.71 -3.15 -20.04
N PRO E 14 -2.95 -3.21 -18.73
CA PRO E 14 -3.15 -1.98 -17.94
C PRO E 14 -2.02 -0.98 -18.00
N GLN E 15 -0.81 -1.43 -18.33
CA GLN E 15 0.33 -0.52 -18.38
C GLN E 15 0.43 0.23 -19.70
N SER E 16 -0.38 -0.17 -20.68
CA SER E 16 -0.39 0.47 -21.99
C SER E 16 -1.61 1.39 -22.08
N ALA E 17 -1.39 2.65 -22.41
CA ALA E 17 -2.48 3.61 -22.50
C ALA E 17 -3.45 3.33 -23.65
N VAL E 18 -2.98 2.65 -24.69
CA VAL E 18 -3.82 2.35 -25.83
C VAL E 18 -4.52 0.98 -25.81
N SER E 19 -4.28 0.20 -24.76
CA SER E 19 -4.89 -1.12 -24.68
C SER E 19 -6.32 -1.03 -24.13
N LYS E 20 -7.20 -1.86 -24.67
CA LYS E 20 -8.60 -1.89 -24.24
C LYS E 20 -8.92 -3.36 -23.96
N PRO E 21 -9.72 -3.64 -22.92
CA PRO E 21 -10.03 -5.04 -22.65
C PRO E 21 -10.85 -5.67 -23.76
N HIS E 22 -10.42 -6.85 -24.20
CA HIS E 22 -11.12 -7.56 -25.26
C HIS E 22 -10.74 -9.04 -25.29
N PHE E 23 -11.49 -9.81 -26.07
CA PHE E 23 -11.24 -11.23 -26.22
C PHE E 23 -10.62 -11.45 -27.59
N GLN E 24 -9.68 -12.37 -27.66
CA GLN E 24 -9.07 -12.70 -28.93
C GLN E 24 -9.27 -14.21 -29.08
N GLU E 25 -9.60 -14.64 -30.29
CA GLU E 25 -9.84 -16.06 -30.53
C GLU E 25 -8.74 -16.68 -31.37
N TYR E 26 -8.44 -17.94 -31.06
CA TYR E 26 -7.42 -18.67 -31.79
C TYR E 26 -8.01 -20.02 -32.16
N LYS E 27 -7.59 -20.55 -33.30
CA LYS E 27 -8.07 -21.85 -33.76
C LYS E 27 -6.93 -22.84 -33.61
N ILE E 28 -7.11 -23.81 -32.73
CA ILE E 28 -6.08 -24.81 -32.47
C ILE E 28 -6.62 -26.21 -32.71
N GLU E 29 -5.84 -27.03 -33.40
CA GLU E 29 -6.25 -28.40 -33.67
C GLU E 29 -5.81 -29.27 -32.50
N GLU E 30 -6.78 -29.89 -31.85
CA GLU E 30 -6.52 -30.73 -30.69
C GLU E 30 -5.64 -31.94 -30.99
N ALA E 31 -4.84 -32.32 -29.99
CA ALA E 31 -3.95 -33.46 -30.08
C ALA E 31 -4.22 -34.34 -28.85
N PRO E 32 -3.77 -35.60 -28.87
CA PRO E 32 -3.99 -36.52 -27.74
C PRO E 32 -3.40 -36.01 -26.42
N SER E 33 -4.20 -36.07 -25.37
CA SER E 33 -3.79 -35.64 -24.03
C SER E 33 -3.31 -34.19 -24.01
N MET E 34 -3.98 -33.35 -24.79
CA MET E 34 -3.62 -31.94 -24.87
C MET E 34 -4.18 -31.15 -23.68
N THR E 35 -3.31 -30.39 -23.03
CA THR E 35 -3.66 -29.56 -21.88
C THR E 35 -3.61 -28.09 -22.27
N ILE E 36 -4.16 -27.23 -21.43
CA ILE E 36 -4.14 -25.79 -21.73
C ILE E 36 -2.69 -25.29 -21.76
N PHE E 37 -1.83 -25.99 -21.02
CA PHE E 37 -0.41 -25.63 -20.99
C PHE E 37 0.14 -25.75 -22.42
N ILE E 38 -0.16 -26.87 -23.06
CA ILE E 38 0.28 -27.12 -24.43
C ILE E 38 -0.35 -26.09 -25.39
N VAL E 39 -1.65 -25.86 -25.22
CA VAL E 39 -2.38 -24.91 -26.04
C VAL E 39 -1.80 -23.50 -25.99
N LEU E 40 -1.57 -22.99 -24.79
CA LEU E 40 -1.03 -21.64 -24.63
C LEU E 40 0.39 -21.48 -25.15
N ASN E 41 1.23 -22.50 -24.99
CA ASN E 41 2.58 -22.40 -25.51
C ASN E 41 2.58 -22.51 -27.02
N MET E 42 1.60 -23.23 -27.57
CA MET E 42 1.50 -23.34 -29.02
C MET E 42 1.17 -21.95 -29.56
N ILE E 43 0.19 -21.31 -28.94
CA ILE E 43 -0.24 -19.96 -29.34
C ILE E 43 0.93 -18.98 -29.23
N ARG E 44 1.67 -19.08 -28.13
CA ARG E 44 2.81 -18.19 -27.91
C ARG E 44 3.90 -18.31 -28.97
N GLU E 45 4.32 -19.54 -29.24
CA GLU E 45 5.38 -19.77 -30.21
C GLU E 45 5.00 -19.69 -31.68
N THR E 46 3.74 -19.91 -32.01
CA THR E 46 3.36 -19.89 -33.42
C THR E 46 2.29 -18.91 -33.88
N TYR E 47 1.48 -18.37 -32.97
CA TYR E 47 0.43 -17.45 -33.39
C TYR E 47 0.49 -16.05 -32.78
N ASP E 48 0.77 -15.96 -31.49
CA ASP E 48 0.77 -14.66 -30.83
C ASP E 48 1.69 -14.60 -29.61
N PRO E 49 2.95 -14.20 -29.82
CA PRO E 49 3.93 -14.11 -28.74
C PRO E 49 3.68 -12.97 -27.74
N ASP E 50 2.60 -12.22 -27.96
CA ASP E 50 2.24 -11.11 -27.07
C ASP E 50 1.58 -11.59 -25.76
N LEU E 51 0.76 -12.62 -25.88
CA LEU E 51 0.00 -13.19 -24.77
C LEU E 51 0.77 -13.53 -23.50
N ASN E 52 0.35 -12.93 -22.38
CA ASN E 52 0.99 -13.19 -21.09
C ASN E 52 0.26 -14.25 -20.28
N PHE E 53 1.02 -15.14 -19.68
CA PHE E 53 0.47 -16.19 -18.82
C PHE E 53 1.62 -16.77 -17.98
N ASP E 54 1.29 -17.45 -16.89
CA ASP E 54 2.32 -17.99 -16.03
C ASP E 54 2.29 -19.50 -15.78
N PHE E 55 3.35 -20.17 -16.21
CA PHE E 55 3.50 -21.60 -15.98
C PHE E 55 4.87 -21.83 -15.36
N VAL E 56 4.96 -22.83 -14.49
CA VAL E 56 6.25 -23.18 -13.91
C VAL E 56 6.48 -24.69 -13.95
N CYS E 57 5.80 -25.43 -13.07
CA CYS E 57 5.96 -26.88 -12.96
C CYS E 57 5.26 -27.72 -14.01
N ARG E 58 4.21 -27.15 -14.61
CA ARG E 58 3.36 -27.83 -15.61
C ARG E 58 2.90 -29.22 -15.15
N ALA E 59 2.94 -29.42 -13.83
CA ALA E 59 2.58 -30.70 -13.21
C ALA E 59 1.50 -30.62 -12.13
N GLY E 60 0.90 -29.45 -11.95
CA GLY E 60 -0.15 -29.29 -10.95
C GLY E 60 0.32 -29.25 -9.52
N ILE E 61 1.61 -28.99 -9.31
CA ILE E 61 2.20 -28.98 -7.98
C ILE E 61 2.61 -27.60 -7.42
N CYS E 62 2.76 -26.62 -8.30
CA CYS E 62 3.23 -25.30 -7.85
C CYS E 62 2.19 -24.20 -7.68
N GLY E 63 1.01 -24.36 -8.29
CA GLY E 63 -0.05 -23.37 -8.18
C GLY E 63 0.12 -22.10 -9.01
N SER E 64 1.01 -22.13 -9.99
CA SER E 64 1.27 -20.97 -10.83
C SER E 64 0.26 -20.62 -11.90
N CYS E 65 -0.36 -21.66 -12.48
CA CYS E 65 -1.27 -21.50 -13.62
C CYS E 65 -2.77 -21.39 -13.40
N GLY E 66 -3.19 -20.91 -12.25
CA GLY E 66 -4.61 -20.77 -12.03
C GLY E 66 -5.21 -19.71 -12.94
N MET E 67 -6.38 -20.01 -13.49
CA MET E 67 -7.09 -19.07 -14.35
C MET E 67 -8.53 -19.55 -14.48
N MET E 68 -9.40 -18.69 -14.99
CA MET E 68 -10.79 -19.07 -15.17
C MET E 68 -10.87 -19.81 -16.50
N ILE E 69 -11.37 -21.04 -16.46
CA ILE E 69 -11.48 -21.83 -17.67
C ILE E 69 -12.96 -22.16 -17.79
N ASN E 70 -13.62 -21.53 -18.76
CA ASN E 70 -15.06 -21.71 -18.96
C ASN E 70 -15.81 -21.45 -17.65
N GLY E 71 -15.43 -20.36 -16.97
CA GLY E 71 -16.08 -19.95 -15.74
C GLY E 71 -15.63 -20.53 -14.41
N ARG E 72 -14.70 -21.49 -14.43
CA ARG E 72 -14.24 -22.07 -13.18
C ARG E 72 -12.75 -21.90 -12.98
N PRO E 73 -12.33 -21.41 -11.81
CA PRO E 73 -10.90 -21.25 -11.58
C PRO E 73 -10.31 -22.66 -11.54
N SER E 74 -9.29 -22.90 -12.35
CA SER E 74 -8.66 -24.22 -12.42
C SER E 74 -7.19 -24.08 -12.77
N LEU E 75 -6.43 -25.16 -12.58
CA LEU E 75 -5.02 -25.18 -12.94
C LEU E 75 -4.94 -25.56 -14.42
N ALA E 76 -4.54 -24.60 -15.24
CA ALA E 76 -4.44 -24.82 -16.69
C ALA E 76 -3.55 -25.98 -17.12
N CYS E 77 -2.47 -26.24 -16.38
CA CYS E 77 -1.58 -27.34 -16.75
C CYS E 77 -2.21 -28.70 -16.50
N ARG E 78 -3.27 -28.71 -15.71
CA ARG E 78 -3.93 -29.97 -15.39
C ARG E 78 -5.31 -30.08 -16.04
N THR E 79 -5.63 -29.14 -16.91
CA THR E 79 -6.92 -29.13 -17.59
C THR E 79 -6.76 -29.64 -19.01
N LEU E 80 -7.55 -30.66 -19.35
CA LEU E 80 -7.52 -31.29 -20.67
C LEU E 80 -8.58 -30.73 -21.61
N THR E 81 -8.18 -30.45 -22.84
CA THR E 81 -9.10 -29.92 -23.84
C THR E 81 -10.20 -30.94 -24.15
N LYS E 82 -9.87 -32.21 -23.99
CA LYS E 82 -10.81 -33.30 -24.26
C LYS E 82 -12.09 -33.20 -23.43
N ASP E 83 -11.97 -32.69 -22.21
CA ASP E 83 -13.13 -32.59 -21.33
C ASP E 83 -14.12 -31.50 -21.69
N PHE E 84 -13.87 -30.77 -22.76
CA PHE E 84 -14.79 -29.73 -23.18
C PHE E 84 -15.55 -30.12 -24.43
N GLU E 85 -16.64 -30.88 -24.25
CA GLU E 85 -17.45 -31.31 -25.37
C GLU E 85 -18.18 -30.09 -25.93
N ASP E 86 -17.55 -29.47 -26.93
CA ASP E 86 -18.10 -28.28 -27.58
C ASP E 86 -16.95 -27.70 -28.40
N GLY E 87 -15.74 -27.86 -27.87
CA GLY E 87 -14.57 -27.37 -28.56
C GLY E 87 -14.25 -25.90 -28.29
N VAL E 88 -15.13 -25.21 -27.57
CA VAL E 88 -14.91 -23.80 -27.27
C VAL E 88 -14.48 -23.58 -25.82
N ILE E 89 -13.26 -23.08 -25.67
CA ILE E 89 -12.69 -22.83 -24.34
C ILE E 89 -12.41 -21.34 -24.17
N THR E 90 -12.95 -20.75 -23.09
CA THR E 90 -12.74 -19.34 -22.80
C THR E 90 -11.85 -19.20 -21.57
N LEU E 91 -10.77 -18.44 -21.72
CA LEU E 91 -9.80 -18.23 -20.65
C LEU E 91 -9.79 -16.80 -20.15
N LEU E 92 -9.90 -16.66 -18.83
CA LEU E 92 -9.89 -15.36 -18.17
C LEU E 92 -8.87 -15.42 -17.04
N PRO E 93 -8.29 -14.28 -16.67
CA PRO E 93 -7.31 -14.34 -15.57
C PRO E 93 -8.13 -14.54 -14.29
N LEU E 94 -7.48 -14.97 -13.21
CA LEU E 94 -8.21 -15.15 -11.95
C LEU E 94 -8.68 -13.80 -11.42
N PRO E 95 -9.96 -13.69 -11.04
CA PRO E 95 -10.42 -12.40 -10.51
C PRO E 95 -9.91 -12.33 -9.07
N ALA E 96 -10.13 -11.20 -8.41
CA ALA E 96 -9.71 -11.04 -7.01
C ALA E 96 -8.20 -10.94 -6.75
N PHE E 97 -7.43 -10.77 -7.81
CA PHE E 97 -5.98 -10.62 -7.71
C PHE E 97 -5.64 -9.46 -8.65
N LYS E 98 -4.54 -8.77 -8.38
CA LYS E 98 -4.14 -7.67 -9.24
C LYS E 98 -3.70 -8.20 -10.60
N LEU E 99 -4.30 -7.66 -11.66
CA LEU E 99 -3.98 -8.08 -13.02
C LEU E 99 -2.65 -7.49 -13.46
N ILE E 100 -1.81 -8.32 -14.07
CA ILE E 100 -0.53 -7.84 -14.58
C ILE E 100 -0.77 -7.61 -16.08
N LYS E 101 -1.20 -8.65 -16.78
CA LYS E 101 -1.52 -8.55 -18.20
C LYS E 101 -2.14 -9.83 -18.72
N ASP E 102 -3.20 -9.68 -19.50
CA ASP E 102 -3.90 -10.83 -20.06
C ASP E 102 -4.29 -11.91 -19.04
N LEU E 103 -3.63 -13.05 -19.06
CA LEU E 103 -3.93 -14.15 -18.13
C LEU E 103 -3.01 -14.17 -16.92
N SER E 104 -2.11 -13.20 -16.83
CA SER E 104 -1.17 -13.14 -15.72
C SER E 104 -1.60 -12.18 -14.62
N VAL E 105 -1.69 -12.71 -13.39
CA VAL E 105 -2.07 -11.92 -12.23
C VAL E 105 -1.04 -12.12 -11.12
N ASP E 106 -1.11 -11.26 -10.11
CA ASP E 106 -0.17 -11.37 -9.00
C ASP E 106 -0.82 -12.11 -7.82
N THR E 107 -0.64 -13.42 -7.79
CA THR E 107 -1.16 -14.24 -6.71
C THR E 107 -0.09 -14.31 -5.63
N GLY E 108 1.17 -14.41 -6.05
CA GLY E 108 2.27 -14.54 -5.12
C GLY E 108 2.40 -13.48 -4.04
N ASN E 109 2.27 -12.22 -4.41
CA ASN E 109 2.41 -11.20 -3.39
C ASN E 109 1.20 -11.06 -2.48
N TRP E 110 0.04 -11.46 -2.97
CA TRP E 110 -1.15 -11.41 -2.14
C TRP E 110 -0.99 -12.52 -1.12
N PHE E 111 -0.47 -13.67 -1.55
CA PHE E 111 -0.29 -14.79 -0.64
C PHE E 111 0.76 -14.50 0.42
N ASN E 112 1.86 -13.85 0.03
CA ASN E 112 2.87 -13.50 1.01
C ASN E 112 2.26 -12.56 2.05
N GLY E 113 1.41 -11.65 1.59
CA GLY E 113 0.73 -10.72 2.49
C GLY E 113 -0.19 -11.47 3.43
N MET E 114 -0.87 -12.49 2.90
N MET E 114 -0.86 -12.48 2.89
CA MET E 114 -1.78 -13.29 3.71
CA MET E 114 -1.77 -13.29 3.70
C MET E 114 -1.00 -14.08 4.74
C MET E 114 -0.98 -14.07 4.74
N SER E 115 0.11 -14.69 4.31
CA SER E 115 0.96 -15.46 5.20
C SER E 115 1.48 -14.58 6.35
N GLN E 116 1.78 -13.32 6.06
CA GLN E 116 2.26 -12.43 7.12
C GLN E 116 1.10 -12.05 8.04
N ARG E 117 -0.06 -11.79 7.43
CA ARG E 117 -1.25 -11.41 8.15
C ARG E 117 -1.69 -12.45 9.20
N VAL E 118 -1.55 -13.73 8.87
CA VAL E 118 -1.92 -14.77 9.81
C VAL E 118 -0.70 -15.34 10.53
N GLU E 119 0.45 -14.69 10.39
CA GLU E 119 1.68 -15.16 11.02
C GLU E 119 1.87 -16.65 10.77
N SER E 120 1.99 -16.98 9.49
CA SER E 120 2.16 -18.34 9.00
C SER E 120 3.53 -18.97 9.26
N TRP E 121 3.83 -19.22 10.53
CA TRP E 121 5.07 -19.84 10.93
C TRP E 121 4.91 -20.35 12.34
N ILE E 122 5.77 -21.29 12.72
CA ILE E 122 5.72 -21.85 14.06
C ILE E 122 6.07 -20.85 15.14
N HIS E 123 5.18 -20.71 16.13
CA HIS E 123 5.39 -19.81 17.25
C HIS E 123 5.78 -20.66 18.45
N ALA E 124 7.01 -20.50 18.93
CA ALA E 124 7.49 -21.26 20.08
C ALA E 124 8.47 -20.40 20.87
N GLN E 125 8.41 -20.51 22.20
CA GLN E 125 9.29 -19.75 23.08
C GLN E 125 10.74 -20.21 23.05
N LYS E 126 10.96 -21.51 22.88
CA LYS E 126 12.33 -22.03 22.84
C LYS E 126 12.65 -22.80 21.57
N GLU E 127 13.91 -22.70 21.15
CA GLU E 127 14.39 -23.39 19.96
C GLU E 127 14.91 -24.77 20.36
N HIS E 128 14.37 -25.81 19.74
CA HIS E 128 14.82 -27.17 20.05
C HIS E 128 16.22 -27.32 19.49
N ASP E 129 17.11 -27.97 20.24
CA ASP E 129 18.49 -28.16 19.80
C ASP E 129 18.51 -29.04 18.56
N ILE E 130 19.07 -28.52 17.47
CA ILE E 130 19.12 -29.28 16.22
C ILE E 130 20.16 -30.39 16.17
N SER E 131 20.96 -30.52 17.22
CA SER E 131 21.97 -31.58 17.26
C SER E 131 21.45 -32.76 18.09
N LYS E 132 20.25 -32.60 18.64
CA LYS E 132 19.63 -33.65 19.47
C LYS E 132 18.43 -34.27 18.76
N LEU E 133 17.91 -35.34 19.35
CA LEU E 133 16.74 -36.01 18.79
C LEU E 133 15.59 -35.04 18.68
N GLU E 134 14.82 -35.18 17.61
CA GLU E 134 13.65 -34.32 17.39
C GLU E 134 12.60 -34.65 18.44
N GLU E 135 11.69 -33.72 18.69
CA GLU E 135 10.62 -33.98 19.64
C GLU E 135 9.68 -34.96 18.96
N ARG E 136 9.23 -35.96 19.70
CA ARG E 136 8.35 -36.97 19.14
C ARG E 136 6.96 -36.41 18.85
N ILE E 137 6.37 -36.89 17.75
CA ILE E 137 5.05 -36.45 17.33
C ILE E 137 4.27 -37.68 16.89
N GLU E 138 3.01 -37.79 17.31
CA GLU E 138 2.21 -38.96 16.91
C GLU E 138 2.05 -38.93 15.39
N PRO E 139 2.24 -40.08 14.74
CA PRO E 139 2.11 -40.16 13.28
C PRO E 139 0.80 -39.62 12.73
N GLU E 140 -0.31 -39.89 13.43
CA GLU E 140 -1.62 -39.43 12.99
C GLU E 140 -1.66 -37.91 12.97
N VAL E 141 -1.02 -37.29 13.96
CA VAL E 141 -0.99 -35.84 14.04
C VAL E 141 -0.18 -35.28 12.88
N ALA E 142 0.98 -35.87 12.62
CA ALA E 142 1.82 -35.42 11.52
C ALA E 142 1.02 -35.50 10.23
N GLN E 143 0.25 -36.57 10.08
CA GLN E 143 -0.57 -36.74 8.88
C GLN E 143 -1.64 -35.65 8.76
N GLU E 144 -2.26 -35.29 9.88
CA GLU E 144 -3.28 -34.25 9.86
C GLU E 144 -2.69 -32.90 9.45
N VAL E 145 -1.54 -32.56 10.04
CA VAL E 145 -0.89 -31.30 9.69
C VAL E 145 -0.54 -31.28 8.21
N PHE E 146 0.02 -32.39 7.70
CA PHE E 146 0.39 -32.49 6.30
C PHE E 146 -0.81 -32.25 5.38
N GLU E 147 -1.94 -32.85 5.73
CA GLU E 147 -3.15 -32.70 4.93
C GLU E 147 -3.45 -31.22 4.67
N LEU E 148 -3.32 -30.39 5.69
CA LEU E 148 -3.60 -28.96 5.54
C LEU E 148 -2.39 -28.20 4.98
N ASP E 149 -1.21 -28.75 5.18
CA ASP E 149 0.01 -28.12 4.68
C ASP E 149 0.14 -28.31 3.17
N ARG E 150 -0.73 -29.12 2.58
CA ARG E 150 -0.67 -29.38 1.14
C ARG E 150 -1.10 -28.21 0.25
N CYS E 151 -1.66 -27.16 0.83
CA CYS E 151 -2.07 -25.99 0.05
C CYS E 151 -0.90 -25.51 -0.81
N ILE E 152 -1.14 -25.30 -2.11
CA ILE E 152 -0.07 -24.84 -3.01
C ILE E 152 -0.20 -23.36 -3.39
N GLU E 153 -1.02 -22.63 -2.64
CA GLU E 153 -1.25 -21.20 -2.86
C GLU E 153 -1.51 -20.85 -4.32
N CYS E 154 -2.42 -21.61 -4.93
CA CYS E 154 -2.80 -21.43 -6.33
C CYS E 154 -3.78 -20.28 -6.54
N GLY E 155 -4.50 -19.90 -5.49
CA GLY E 155 -5.44 -18.81 -5.62
C GLY E 155 -6.82 -19.19 -6.12
N CYS E 156 -7.02 -20.45 -6.51
CA CYS E 156 -8.32 -20.85 -7.05
C CYS E 156 -9.48 -20.65 -6.09
N CYS E 157 -9.25 -20.88 -4.80
CA CYS E 157 -10.31 -20.70 -3.80
C CYS E 157 -10.54 -19.22 -3.47
N ILE E 158 -9.58 -18.39 -3.81
CA ILE E 158 -9.68 -16.96 -3.55
C ILE E 158 -10.54 -16.36 -4.67
N ALA E 159 -10.23 -16.72 -5.90
CA ALA E 159 -10.94 -16.24 -7.08
C ALA E 159 -12.34 -16.85 -7.17
N ALA E 160 -12.52 -18.02 -6.59
CA ALA E 160 -13.82 -18.70 -6.63
C ALA E 160 -14.78 -18.12 -5.62
N CYS E 161 -14.24 -17.39 -4.64
CA CYS E 161 -15.03 -16.82 -3.56
C CYS E 161 -15.75 -15.50 -3.87
N GLY E 162 -17.08 -15.56 -3.97
CA GLY E 162 -17.84 -14.35 -4.25
C GLY E 162 -17.61 -13.30 -3.17
N THR E 163 -17.44 -13.76 -1.93
CA THR E 163 -17.21 -12.84 -0.82
C THR E 163 -15.93 -12.02 -1.04
N LYS E 164 -14.86 -12.69 -1.42
CA LYS E 164 -13.59 -12.01 -1.65
C LYS E 164 -13.71 -11.06 -2.84
N ILE E 165 -14.42 -11.47 -3.88
CA ILE E 165 -14.59 -10.62 -5.04
C ILE E 165 -15.24 -9.29 -4.65
N MET E 166 -16.25 -9.34 -3.78
CA MET E 166 -16.92 -8.13 -3.33
C MET E 166 -16.15 -7.36 -2.25
N ARG E 167 -15.59 -8.09 -1.29
CA ARG E 167 -14.86 -7.47 -0.17
C ARG E 167 -13.41 -7.93 -0.17
N GLU E 168 -12.55 -7.09 -0.73
CA GLU E 168 -11.14 -7.41 -0.90
C GLU E 168 -10.29 -7.68 0.33
N ASP E 169 -10.71 -7.19 1.50
CA ASP E 169 -9.92 -7.41 2.71
C ASP E 169 -10.20 -8.76 3.35
N PHE E 170 -11.17 -9.50 2.81
CA PHE E 170 -11.49 -10.80 3.35
C PHE E 170 -10.23 -11.68 3.22
N VAL E 171 -9.87 -12.33 4.32
CA VAL E 171 -8.68 -13.16 4.37
C VAL E 171 -8.70 -14.37 3.43
N GLY E 172 -9.90 -14.80 3.03
CA GLY E 172 -10.02 -15.91 2.11
C GLY E 172 -9.92 -17.30 2.71
N ALA E 173 -10.34 -18.29 1.94
CA ALA E 173 -10.31 -19.68 2.40
C ALA E 173 -8.89 -20.14 2.70
N ALA E 174 -7.93 -19.76 1.86
CA ALA E 174 -6.55 -20.17 2.06
C ALA E 174 -6.01 -19.62 3.38
N GLY E 175 -6.48 -18.42 3.75
CA GLY E 175 -6.04 -17.81 5.00
C GLY E 175 -6.60 -18.53 6.21
N LEU E 176 -7.87 -18.92 6.12
CA LEU E 176 -8.53 -19.63 7.21
C LEU E 176 -7.94 -21.02 7.37
N ASN E 177 -7.63 -21.67 6.25
CA ASN E 177 -7.02 -22.99 6.27
C ASN E 177 -5.64 -22.93 6.93
N ARG E 178 -4.90 -21.88 6.59
CA ARG E 178 -3.56 -21.68 7.13
C ARG E 178 -3.59 -21.56 8.64
N VAL E 179 -4.60 -20.86 9.16
CA VAL E 179 -4.73 -20.70 10.60
C VAL E 179 -4.94 -22.08 11.22
N VAL E 180 -5.86 -22.85 10.67
CA VAL E 180 -6.12 -24.17 11.24
C VAL E 180 -4.88 -25.05 11.15
N ARG E 181 -4.13 -24.93 10.06
CA ARG E 181 -2.94 -25.74 9.87
C ARG E 181 -1.95 -25.56 11.04
N PHE E 182 -1.91 -24.37 11.62
CA PHE E 182 -1.00 -24.14 12.75
C PHE E 182 -1.69 -24.45 14.07
N MET E 183 -3.00 -24.24 14.10
CA MET E 183 -3.78 -24.51 15.29
C MET E 183 -3.61 -25.97 15.72
N ILE E 184 -3.67 -26.88 14.76
CA ILE E 184 -3.55 -28.32 15.05
C ILE E 184 -2.12 -28.87 15.10
N ASP E 185 -1.13 -27.99 14.93
CA ASP E 185 0.27 -28.40 14.95
C ASP E 185 0.77 -28.24 16.40
N PRO E 186 1.18 -29.34 17.05
CA PRO E 186 1.67 -29.29 18.44
C PRO E 186 2.88 -28.39 18.65
N HIS E 187 3.66 -28.15 17.60
CA HIS E 187 4.84 -27.30 17.71
C HIS E 187 4.50 -25.84 17.94
N ASP E 188 3.31 -25.43 17.52
CA ASP E 188 2.88 -24.04 17.65
C ASP E 188 2.16 -23.83 18.98
N GLU E 189 2.65 -22.88 19.77
CA GLU E 189 2.10 -22.61 21.10
C GLU E 189 0.95 -21.62 21.16
N ARG E 190 0.52 -21.09 20.02
CA ARG E 190 -0.58 -20.13 20.01
C ARG E 190 -1.87 -20.74 20.57
N THR E 191 -2.67 -19.92 21.24
CA THR E 191 -3.94 -20.36 21.80
C THR E 191 -5.07 -19.85 20.91
N ASP E 192 -6.30 -20.24 21.24
CA ASP E 192 -7.43 -19.80 20.45
C ASP E 192 -7.53 -18.27 20.49
N GLU E 193 -7.25 -17.68 21.65
CA GLU E 193 -7.31 -16.22 21.80
C GLU E 193 -6.28 -15.52 20.92
N ASP E 194 -5.12 -16.14 20.75
CA ASP E 194 -4.12 -15.53 19.88
C ASP E 194 -4.66 -15.51 18.46
N TYR E 195 -5.23 -16.64 18.03
CA TYR E 195 -5.78 -16.72 16.69
C TYR E 195 -6.92 -15.73 16.50
N TYR E 196 -7.69 -15.47 17.55
CA TYR E 196 -8.79 -14.53 17.45
C TYR E 196 -8.25 -13.13 17.10
N GLU E 197 -7.11 -12.75 17.68
CA GLU E 197 -6.55 -11.44 17.38
C GLU E 197 -6.15 -11.34 15.90
N LEU E 198 -5.96 -12.48 15.24
CA LEU E 198 -5.58 -12.46 13.83
C LEU E 198 -6.78 -12.45 12.89
N ILE E 199 -7.70 -13.41 13.07
CA ILE E 199 -8.85 -13.50 12.18
C ILE E 199 -10.23 -13.41 12.84
N GLY E 200 -10.27 -12.95 14.08
CA GLY E 200 -11.54 -12.84 14.78
C GLY E 200 -12.25 -11.51 14.51
N ASP E 201 -12.52 -11.22 13.24
CA ASP E 201 -13.20 -10.00 12.86
C ASP E 201 -13.95 -10.18 11.56
N ASP E 202 -14.58 -9.12 11.07
CA ASP E 202 -15.38 -9.21 9.86
C ASP E 202 -14.62 -9.38 8.55
N ASP E 203 -13.31 -9.20 8.58
CA ASP E 203 -12.48 -9.40 7.41
C ASP E 203 -11.90 -10.80 7.54
N GLY E 204 -12.21 -11.44 8.67
CA GLY E 204 -11.69 -12.77 8.94
C GLY E 204 -12.70 -13.90 8.83
N VAL E 205 -12.68 -14.80 9.80
CA VAL E 205 -13.60 -15.94 9.77
C VAL E 205 -15.08 -15.54 9.74
N PHE E 206 -15.44 -14.46 10.43
CA PHE E 206 -16.85 -14.05 10.46
C PHE E 206 -17.29 -13.41 9.14
N GLY E 207 -16.33 -13.15 8.25
CA GLY E 207 -16.65 -12.58 6.96
C GLY E 207 -17.05 -13.65 5.96
N CYS E 208 -16.81 -14.91 6.30
CA CYS E 208 -17.15 -16.03 5.42
C CYS E 208 -18.65 -16.22 5.35
N MET E 209 -19.19 -16.35 4.14
CA MET E 209 -20.64 -16.55 3.97
C MET E 209 -20.96 -17.99 3.60
N THR E 210 -19.98 -18.88 3.75
CA THR E 210 -20.16 -20.29 3.46
C THR E 210 -20.69 -20.56 2.04
N LEU E 211 -20.12 -19.90 1.04
CA LEU E 211 -20.53 -20.11 -0.34
C LEU E 211 -20.01 -21.49 -0.79
N LEU E 212 -18.95 -21.94 -0.13
CA LEU E 212 -18.30 -23.22 -0.38
C LEU E 212 -17.71 -23.43 -1.76
N ALA E 213 -17.61 -22.39 -2.57
CA ALA E 213 -17.03 -22.51 -3.89
C ALA E 213 -15.55 -22.89 -3.73
N CYS E 214 -14.93 -22.41 -2.64
CA CYS E 214 -13.53 -22.71 -2.34
C CYS E 214 -13.35 -24.21 -2.25
N HIS E 215 -14.22 -24.85 -1.48
CA HIS E 215 -14.15 -26.28 -1.28
C HIS E 215 -14.31 -27.03 -2.60
N ASP E 216 -15.26 -26.60 -3.41
CA ASP E 216 -15.55 -27.26 -4.66
C ASP E 216 -14.57 -27.07 -5.81
N VAL E 217 -13.64 -26.12 -5.68
CA VAL E 217 -12.67 -25.89 -6.74
C VAL E 217 -11.22 -26.21 -6.35
N CYS E 218 -10.96 -26.38 -5.07
CA CYS E 218 -9.60 -26.66 -4.62
C CYS E 218 -8.99 -27.86 -5.33
N PRO E 219 -7.98 -27.63 -6.18
CA PRO E 219 -7.35 -28.73 -6.92
C PRO E 219 -6.63 -29.77 -6.07
N LYS E 220 -6.41 -29.46 -4.79
CA LYS E 220 -5.75 -30.40 -3.89
C LYS E 220 -6.77 -31.04 -2.98
N ASN E 221 -8.03 -30.69 -3.17
CA ASN E 221 -9.12 -31.24 -2.38
C ASN E 221 -8.96 -31.13 -0.87
N LEU E 222 -8.56 -29.96 -0.39
CA LEU E 222 -8.41 -29.77 1.05
C LEU E 222 -9.81 -29.76 1.67
N PRO E 223 -9.92 -30.18 2.94
CA PRO E 223 -11.21 -30.21 3.65
C PRO E 223 -11.58 -28.82 4.16
N LEU E 224 -11.75 -27.89 3.23
CA LEU E 224 -12.06 -26.51 3.56
C LEU E 224 -13.38 -26.33 4.29
N GLN E 225 -14.43 -27.00 3.82
CA GLN E 225 -15.74 -26.89 4.43
C GLN E 225 -15.73 -27.18 5.93
N SER E 226 -15.28 -28.38 6.31
CA SER E 226 -15.28 -28.75 7.71
C SER E 226 -14.26 -27.99 8.56
N LYS E 227 -13.11 -27.66 7.95
CA LYS E 227 -12.08 -26.95 8.70
C LYS E 227 -12.45 -25.49 8.99
N ILE E 228 -13.13 -24.84 8.05
CA ILE E 228 -13.54 -23.45 8.27
C ILE E 228 -14.64 -23.44 9.35
N ALA E 229 -15.55 -24.41 9.29
CA ALA E 229 -16.62 -24.50 10.28
C ALA E 229 -16.02 -24.73 11.67
N TYR E 230 -14.98 -25.57 11.70
CA TYR E 230 -14.28 -25.88 12.94
C TYR E 230 -13.71 -24.59 13.51
N LEU E 231 -13.04 -23.81 12.67
CA LEU E 231 -12.47 -22.54 13.11
C LEU E 231 -13.56 -21.56 13.54
N ARG E 232 -14.68 -21.54 12.82
CA ARG E 232 -15.76 -20.63 13.17
C ARG E 232 -16.30 -20.93 14.56
N ARG E 233 -16.49 -22.22 14.86
CA ARG E 233 -17.00 -22.64 16.17
C ARG E 233 -16.04 -22.23 17.28
N LYS E 234 -14.75 -22.35 17.03
CA LYS E 234 -13.76 -22.00 18.04
C LYS E 234 -13.65 -20.50 18.29
N MET E 235 -13.67 -19.71 17.22
CA MET E 235 -13.55 -18.27 17.34
C MET E 235 -14.77 -17.62 17.96
N VAL E 236 -15.95 -18.16 17.69
CA VAL E 236 -17.16 -17.57 18.23
C VAL E 236 -17.31 -17.86 19.72
N SER E 237 -16.48 -18.76 20.24
CA SER E 237 -16.52 -19.14 21.64
C SER E 237 -15.46 -18.46 22.50
N VAL E 238 -14.61 -17.64 21.87
CA VAL E 238 -13.55 -16.95 22.60
C VAL E 238 -14.12 -15.91 23.56
N ASN E 239 -13.59 -15.90 24.78
CA ASN E 239 -13.99 -14.99 25.86
C ASN E 239 -15.09 -15.57 26.76
N MET E 240 -15.45 -14.89 27.75
N MET F 1 -22.61 7.59 23.61
CA MET F 1 -21.14 7.38 23.55
C MET F 1 -20.54 7.22 24.94
N THR F 2 -19.55 6.35 25.05
CA THR F 2 -18.86 6.11 26.32
C THR F 2 -17.36 6.20 26.06
N ASN F 3 -16.56 6.35 27.12
CA ASN F 3 -15.12 6.44 26.95
C ASN F 3 -14.59 5.21 26.21
N GLU F 4 -15.06 4.03 26.60
CA GLU F 4 -14.63 2.79 25.98
C GLU F 4 -14.92 2.74 24.48
N SER F 5 -16.13 3.15 24.08
CA SER F 5 -16.50 3.13 22.68
C SER F 5 -15.65 4.14 21.89
N ILE F 6 -15.30 5.25 22.52
CA ILE F 6 -14.46 6.25 21.86
C ILE F 6 -13.08 5.67 21.64
N LEU F 7 -12.53 5.05 22.68
CA LEU F 7 -11.21 4.45 22.59
C LEU F 7 -11.17 3.36 21.52
N GLU F 8 -12.22 2.55 21.44
CA GLU F 8 -12.27 1.49 20.43
C GLU F 8 -12.37 2.08 19.04
N SER F 9 -13.24 3.07 18.87
CA SER F 9 -13.41 3.70 17.57
C SER F 9 -12.12 4.32 17.06
N TYR F 10 -11.41 5.03 17.93
CA TYR F 10 -10.17 5.69 17.53
C TYR F 10 -8.92 4.82 17.49
N SER F 11 -8.88 3.77 18.31
CA SER F 11 -7.70 2.91 18.33
C SER F 11 -7.86 1.65 17.48
N GLY F 12 -9.10 1.20 17.28
CA GLY F 12 -9.32 -0.01 16.52
C GLY F 12 -9.32 -1.24 17.42
N VAL F 13 -9.08 -1.03 18.70
CA VAL F 13 -9.07 -2.12 19.68
C VAL F 13 -9.72 -1.67 20.98
N THR F 14 -10.01 -2.62 21.86
CA THR F 14 -10.62 -2.32 23.16
C THR F 14 -9.55 -1.72 24.08
N PRO F 15 -9.97 -1.18 25.24
CA PRO F 15 -9.03 -0.58 26.20
C PRO F 15 -7.94 -1.55 26.65
N GLU F 16 -8.22 -2.85 26.53
N GLU F 16 -8.22 -2.85 26.54
CA GLU F 16 -7.26 -3.87 26.92
CA GLU F 16 -7.24 -3.85 26.93
C GLU F 16 -6.35 -4.19 25.73
C GLU F 16 -6.34 -4.19 25.74
N ARG F 17 -6.55 -3.46 24.64
CA ARG F 17 -5.78 -3.65 23.42
C ARG F 17 -6.02 -5.02 22.79
N LYS F 18 -7.29 -5.38 22.67
CA LYS F 18 -7.66 -6.65 22.06
C LYS F 18 -8.71 -6.32 21.00
N LYS F 19 -8.94 -7.24 20.07
CA LYS F 19 -9.96 -6.97 19.07
C LYS F 19 -11.32 -7.21 19.70
N SER F 20 -12.29 -6.39 19.32
CA SER F 20 -13.63 -6.50 19.85
C SER F 20 -14.22 -7.87 19.62
N ARG F 21 -15.04 -8.32 20.56
CA ARG F 21 -15.72 -9.61 20.49
C ARG F 21 -17.10 -9.40 19.87
N MET F 22 -17.42 -8.16 19.50
CA MET F 22 -18.73 -7.89 18.92
C MET F 22 -18.99 -8.61 17.61
N PRO F 23 -17.99 -8.66 16.71
CA PRO F 23 -18.22 -9.36 15.44
C PRO F 23 -18.63 -10.82 15.66
N ALA F 24 -18.08 -11.44 16.70
CA ALA F 24 -18.41 -12.83 17.04
C ALA F 24 -19.85 -12.92 17.54
N LYS F 25 -20.23 -11.99 18.42
CA LYS F 25 -21.59 -11.97 18.97
C LYS F 25 -22.63 -11.77 17.87
N LEU F 26 -22.36 -10.82 16.98
CA LEU F 26 -23.28 -10.52 15.87
C LEU F 26 -23.42 -11.71 14.94
N ASP F 27 -22.32 -12.41 14.71
CA ASP F 27 -22.34 -13.59 13.84
C ASP F 27 -23.22 -14.65 14.50
N TRP F 28 -23.07 -14.81 15.82
CA TRP F 28 -23.83 -15.79 16.56
C TRP F 28 -25.32 -15.45 16.48
N TRP F 29 -25.67 -14.22 16.84
CA TRP F 29 -27.06 -13.79 16.80
C TRP F 29 -27.69 -13.84 15.42
N GLN F 30 -26.91 -13.58 14.38
CA GLN F 30 -27.48 -13.64 13.04
C GLN F 30 -27.94 -15.07 12.77
N SER F 31 -27.08 -16.03 13.08
CA SER F 31 -27.40 -17.44 12.88
C SER F 31 -28.51 -17.92 13.81
N ALA F 32 -28.50 -17.44 15.06
CA ALA F 32 -29.50 -17.84 16.03
C ALA F 32 -30.89 -17.37 15.59
N THR F 33 -30.97 -16.12 15.16
CA THR F 33 -32.25 -15.58 14.71
C THR F 33 -32.69 -16.31 13.46
N GLY F 34 -31.72 -16.67 12.63
CA GLY F 34 -32.03 -17.39 11.40
C GLY F 34 -32.57 -18.77 11.72
N LEU F 35 -31.94 -19.46 12.65
CA LEU F 35 -32.36 -20.80 13.03
C LEU F 35 -33.79 -20.77 13.58
N PHE F 36 -34.05 -19.79 14.44
CA PHE F 36 -35.38 -19.66 15.04
C PHE F 36 -36.47 -19.51 13.99
N LEU F 37 -36.28 -18.57 13.07
CA LEU F 37 -37.26 -18.32 12.02
C LEU F 37 -37.44 -19.53 11.11
N GLY F 38 -36.35 -20.21 10.80
CA GLY F 38 -36.40 -21.37 9.94
C GLY F 38 -37.24 -22.47 10.55
N LEU F 39 -37.00 -22.77 11.81
CA LEU F 39 -37.75 -23.81 12.51
C LEU F 39 -39.18 -23.35 12.74
N PHE F 40 -39.35 -22.08 13.08
CA PHE F 40 -40.69 -21.53 13.32
C PHE F 40 -41.57 -21.76 12.08
N MET F 41 -41.01 -21.48 10.91
CA MET F 41 -41.75 -21.63 9.66
C MET F 41 -42.17 -23.05 9.35
N ILE F 42 -41.36 -24.03 9.72
CA ILE F 42 -41.71 -25.42 9.47
C ILE F 42 -42.98 -25.75 10.28
N GLY F 43 -42.97 -25.36 11.55
CA GLY F 43 -44.13 -25.62 12.40
C GLY F 43 -45.33 -24.83 11.90
N HIS F 44 -45.04 -23.63 11.40
CA HIS F 44 -46.07 -22.75 10.88
C HIS F 44 -46.80 -23.38 9.70
N MET F 45 -46.06 -24.03 8.81
CA MET F 45 -46.66 -24.66 7.64
C MET F 45 -47.56 -25.84 8.02
N PHE F 46 -47.24 -26.51 9.12
CA PHE F 46 -48.05 -27.65 9.54
C PHE F 46 -49.35 -27.19 10.19
N PHE F 47 -49.25 -26.22 11.11
CA PHE F 47 -50.44 -25.71 11.79
C PHE F 47 -51.40 -25.01 10.84
N VAL F 48 -50.87 -24.32 9.84
CA VAL F 48 -51.70 -23.60 8.89
C VAL F 48 -52.29 -24.55 7.84
N SER F 49 -51.68 -25.73 7.69
CA SER F 49 -52.16 -26.71 6.73
C SER F 49 -53.28 -27.59 7.28
N THR F 50 -53.59 -27.43 8.56
CA THR F 50 -54.65 -28.22 9.18
C THR F 50 -56.00 -27.98 8.52
N ILE F 51 -56.07 -26.93 7.70
CA ILE F 51 -57.31 -26.60 6.99
C ILE F 51 -57.65 -27.75 6.05
N LEU F 52 -56.63 -28.53 5.69
CA LEU F 52 -56.78 -29.67 4.81
C LEU F 52 -57.48 -30.83 5.53
N LEU F 53 -57.39 -30.82 6.85
CA LEU F 53 -58.01 -31.88 7.66
C LEU F 53 -59.46 -31.56 7.99
N GLY F 54 -59.87 -30.32 7.76
CA GLY F 54 -61.25 -29.95 8.05
C GLY F 54 -61.33 -28.71 8.92
N ASP F 55 -62.37 -27.90 8.69
CA ASP F 55 -62.57 -26.67 9.45
C ASP F 55 -62.52 -26.91 10.95
N ASN F 56 -63.17 -27.97 11.41
CA ASN F 56 -63.20 -28.29 12.82
C ASN F 56 -61.80 -28.61 13.35
N VAL F 57 -60.96 -29.15 12.48
CA VAL F 57 -59.60 -29.50 12.86
C VAL F 57 -58.74 -28.28 13.19
N MET F 58 -58.53 -27.41 12.21
CA MET F 58 -57.71 -26.23 12.45
C MET F 58 -58.35 -25.32 13.49
N LEU F 59 -59.68 -25.30 13.51
CA LEU F 59 -60.41 -24.47 14.47
C LEU F 59 -60.01 -24.92 15.88
N TRP F 60 -59.83 -26.22 16.03
CA TRP F 60 -59.44 -26.79 17.33
C TRP F 60 -58.03 -26.37 17.70
N VAL F 61 -57.13 -26.38 16.72
CA VAL F 61 -55.74 -26.00 16.95
C VAL F 61 -55.64 -24.51 17.23
N THR F 62 -56.37 -23.72 16.45
CA THR F 62 -56.37 -22.27 16.61
C THR F 62 -56.73 -21.87 18.04
N LYS F 63 -57.68 -22.61 18.62
CA LYS F 63 -58.11 -22.33 19.99
C LYS F 63 -57.07 -22.73 21.03
N LYS F 64 -56.27 -23.74 20.71
CA LYS F 64 -55.23 -24.20 21.62
C LYS F 64 -54.15 -23.14 21.75
N PHE F 65 -53.74 -22.57 20.62
CA PHE F 65 -52.72 -21.52 20.61
C PHE F 65 -53.20 -20.29 21.35
N GLU F 66 -54.51 -20.23 21.61
CA GLU F 66 -55.10 -19.10 22.32
C GLU F 66 -55.33 -19.49 23.78
N LEU F 67 -54.68 -20.58 24.20
CA LEU F 67 -54.80 -21.07 25.57
C LEU F 67 -56.24 -21.38 25.94
N ASP F 68 -56.78 -22.44 25.34
CA ASP F 68 -58.14 -22.87 25.59
C ASP F 68 -58.22 -23.52 26.98
N PHE F 69 -57.22 -24.35 27.29
CA PHE F 69 -57.16 -25.04 28.57
C PHE F 69 -56.81 -24.13 29.74
N ILE F 70 -56.86 -22.82 29.52
CA ILE F 70 -56.56 -21.86 30.56
C ILE F 70 -57.61 -20.75 30.57
N PHE F 71 -58.15 -20.46 29.40
CA PHE F 71 -59.17 -19.42 29.27
C PHE F 71 -60.44 -19.97 28.62
N GLU F 72 -61.56 -19.30 28.87
CA GLU F 72 -62.85 -19.70 28.33
C GLU F 72 -62.78 -20.15 26.87
N GLY F 73 -63.05 -19.24 25.95
CA GLY F 73 -62.99 -19.56 24.54
C GLY F 73 -61.63 -19.29 23.96
N GLY F 74 -60.66 -19.04 24.84
CA GLY F 74 -59.31 -18.76 24.40
C GLY F 74 -59.17 -17.30 23.99
N LYS F 75 -58.16 -16.62 24.52
CA LYS F 75 -57.94 -15.22 24.21
C LYS F 75 -56.98 -15.05 23.03
N PRO F 76 -57.49 -14.58 21.89
CA PRO F 76 -56.70 -14.36 20.67
C PRO F 76 -55.50 -13.44 20.90
N ILE F 77 -55.55 -12.68 21.99
CA ILE F 77 -54.46 -11.76 22.32
C ILE F 77 -53.15 -12.52 22.52
N VAL F 78 -53.27 -13.83 22.78
CA VAL F 78 -52.09 -14.66 22.97
C VAL F 78 -51.33 -14.72 21.65
N VAL F 79 -52.09 -14.81 20.56
CA VAL F 79 -51.50 -14.87 19.22
C VAL F 79 -50.84 -13.54 18.90
N SER F 80 -51.35 -12.46 19.47
CA SER F 80 -50.79 -11.13 19.24
C SER F 80 -49.37 -11.06 19.80
N PHE F 81 -49.19 -11.54 21.03
CA PHE F 81 -47.87 -11.52 21.64
C PHE F 81 -46.90 -12.42 20.89
N LEU F 82 -47.39 -13.56 20.44
CA LEU F 82 -46.56 -14.51 19.69
C LEU F 82 -46.14 -13.84 18.39
N ALA F 83 -47.07 -13.11 17.77
CA ALA F 83 -46.81 -12.43 16.51
C ALA F 83 -45.79 -11.31 16.72
N ALA F 84 -45.95 -10.55 17.79
CA ALA F 84 -45.05 -9.46 18.10
C ALA F 84 -43.64 -10.00 18.33
N PHE F 85 -43.56 -11.15 18.99
CA PHE F 85 -42.27 -11.77 19.27
C PHE F 85 -41.56 -12.18 17.98
N VAL F 86 -42.28 -12.89 17.12
CA VAL F 86 -41.71 -13.33 15.85
C VAL F 86 -41.36 -12.11 14.99
N PHE F 87 -42.17 -11.08 15.07
CA PHE F 87 -41.93 -9.86 14.31
C PHE F 87 -40.59 -9.27 14.74
N ALA F 88 -40.35 -9.26 16.05
CA ALA F 88 -39.11 -8.72 16.59
C ALA F 88 -37.90 -9.51 16.12
N VAL F 89 -38.00 -10.84 16.11
CA VAL F 89 -36.90 -11.68 15.66
C VAL F 89 -36.71 -11.47 14.16
N PHE F 90 -37.82 -11.32 13.45
CA PHE F 90 -37.82 -11.09 12.01
C PHE F 90 -36.99 -9.82 11.72
N ILE F 91 -37.29 -8.76 12.46
CA ILE F 91 -36.60 -7.49 12.30
C ILE F 91 -35.12 -7.58 12.68
N ALA F 92 -34.84 -8.21 13.81
CA ALA F 92 -33.46 -8.36 14.25
C ALA F 92 -32.65 -9.14 13.21
N HIS F 93 -33.23 -10.25 12.73
CA HIS F 93 -32.55 -11.06 11.73
C HIS F 93 -32.23 -10.26 10.46
N ALA F 94 -33.23 -9.54 9.94
CA ALA F 94 -33.04 -8.74 8.73
C ALA F 94 -31.93 -7.71 8.94
N PHE F 95 -31.94 -7.10 10.12
CA PHE F 95 -30.96 -6.10 10.50
C PHE F 95 -29.54 -6.69 10.42
N LEU F 96 -29.36 -7.85 11.02
CA LEU F 96 -28.04 -8.50 11.02
C LEU F 96 -27.62 -9.08 9.68
N ALA F 97 -28.54 -9.77 9.01
CA ALA F 97 -28.25 -10.40 7.73
C ALA F 97 -28.03 -9.42 6.59
N MET F 98 -28.68 -8.27 6.70
CA MET F 98 -28.59 -7.21 5.69
C MET F 98 -27.13 -6.80 5.47
N ARG F 99 -26.30 -7.02 6.49
CA ARG F 99 -24.87 -6.71 6.43
C ARG F 99 -24.16 -7.48 5.31
N LYS F 100 -24.75 -8.61 4.91
CA LYS F 100 -24.14 -9.47 3.89
C LYS F 100 -24.48 -9.18 2.43
N PHE F 101 -25.47 -8.31 2.18
CA PHE F 101 -25.85 -7.96 0.81
C PHE F 101 -24.75 -7.25 0.05
N PRO F 102 -24.73 -7.38 -1.30
CA PRO F 102 -23.69 -6.67 -2.05
C PRO F 102 -24.19 -5.25 -1.80
N ILE F 103 -23.31 -4.30 -1.55
CA ILE F 103 -23.81 -2.97 -1.21
C ILE F 103 -23.54 -1.79 -2.14
N ASN F 104 -22.86 -2.04 -3.25
CA ASN F 104 -22.62 -0.98 -4.21
C ASN F 104 -22.60 -1.57 -5.62
N TYR F 105 -22.60 -0.69 -6.62
CA TYR F 105 -22.60 -1.10 -8.01
C TYR F 105 -21.49 -2.11 -8.30
N ARG F 106 -20.27 -1.79 -7.92
CA ARG F 106 -19.13 -2.68 -8.13
C ARG F 106 -19.38 -4.08 -7.55
N GLN F 107 -19.78 -4.15 -6.29
CA GLN F 107 -20.02 -5.44 -5.66
C GLN F 107 -21.13 -6.22 -6.38
N TYR F 108 -22.21 -5.52 -6.72
CA TYR F 108 -23.34 -6.13 -7.40
C TYR F 108 -22.94 -6.64 -8.78
N LEU F 109 -22.26 -5.80 -9.55
CA LEU F 109 -21.83 -6.20 -10.89
C LEU F 109 -20.89 -7.39 -10.87
N THR F 110 -19.83 -7.28 -10.08
CA THR F 110 -18.85 -8.37 -10.02
C THR F 110 -19.37 -9.67 -9.45
N PHE F 111 -20.28 -9.61 -8.47
CA PHE F 111 -20.80 -10.84 -7.90
C PHE F 111 -21.79 -11.50 -8.87
N LYS F 112 -22.66 -10.70 -9.47
CA LYS F 112 -23.65 -11.23 -10.40
C LYS F 112 -22.93 -11.87 -11.59
N THR F 113 -21.89 -11.21 -12.09
CA THR F 113 -21.11 -11.74 -13.20
C THR F 113 -20.45 -13.05 -12.79
N HIS F 114 -19.87 -13.03 -11.60
CA HIS F 114 -19.20 -14.22 -11.06
C HIS F 114 -20.17 -15.39 -10.96
N LYS F 115 -21.36 -15.12 -10.41
CA LYS F 115 -22.38 -16.14 -10.26
C LYS F 115 -22.73 -16.78 -11.61
N ASP F 116 -22.88 -15.95 -12.64
CA ASP F 116 -23.23 -16.44 -13.96
C ASP F 116 -22.11 -17.21 -14.65
N LEU F 117 -20.87 -16.85 -14.37
CA LEU F 117 -19.73 -17.55 -14.97
C LEU F 117 -19.51 -18.89 -14.28
N MET F 118 -19.58 -18.87 -12.95
CA MET F 118 -19.35 -20.07 -12.15
C MET F 118 -20.37 -21.19 -12.29
N ARG F 119 -21.65 -20.85 -12.31
CA ARG F 119 -22.70 -21.86 -12.40
C ARG F 119 -22.46 -22.85 -11.26
N HIS F 120 -22.15 -22.27 -10.10
CA HIS F 120 -21.88 -23.05 -8.89
C HIS F 120 -23.15 -23.05 -8.05
N GLY F 121 -23.69 -24.23 -7.80
CA GLY F 121 -24.91 -24.36 -7.03
C GLY F 121 -25.03 -23.58 -5.74
N ASP F 122 -24.15 -23.85 -4.79
CA ASP F 122 -24.20 -23.17 -3.51
C ASP F 122 -23.98 -21.66 -3.58
N THR F 123 -23.29 -21.19 -4.61
CA THR F 123 -23.08 -19.75 -4.76
C THR F 123 -24.38 -19.13 -5.26
N THR F 124 -25.00 -19.79 -6.24
CA THR F 124 -26.25 -19.31 -6.80
C THR F 124 -27.35 -19.31 -5.74
N LEU F 125 -27.37 -20.34 -4.90
CA LEU F 125 -28.37 -20.43 -3.84
C LEU F 125 -28.25 -19.28 -2.85
N TRP F 126 -27.04 -18.74 -2.67
CA TRP F 126 -26.88 -17.63 -1.74
C TRP F 126 -27.55 -16.39 -2.34
N TRP F 127 -27.37 -16.20 -3.65
CA TRP F 127 -27.98 -15.07 -4.35
C TRP F 127 -29.50 -15.15 -4.13
N ILE F 128 -30.04 -16.37 -4.19
CA ILE F 128 -31.46 -16.58 -3.97
C ILE F 128 -31.81 -16.17 -2.53
N GLN F 129 -30.95 -16.57 -1.59
CA GLN F 129 -31.14 -16.21 -0.19
C GLN F 129 -31.27 -14.69 -0.06
N ALA F 130 -30.33 -13.98 -0.67
CA ALA F 130 -30.32 -12.52 -0.62
C ALA F 130 -31.57 -11.91 -1.28
N MET F 131 -31.88 -12.39 -2.49
CA MET F 131 -33.04 -11.87 -3.21
C MET F 131 -34.33 -12.09 -2.41
N THR F 132 -34.56 -13.32 -1.97
CA THR F 132 -35.77 -13.64 -1.21
C THR F 132 -35.80 -12.86 0.11
N GLY F 133 -34.64 -12.64 0.69
CA GLY F 133 -34.59 -11.89 1.93
C GLY F 133 -35.05 -10.46 1.71
N PHE F 134 -34.52 -9.83 0.67
CA PHE F 134 -34.88 -8.45 0.36
C PHE F 134 -36.38 -8.33 0.10
N ALA F 135 -36.93 -9.28 -0.65
CA ALA F 135 -38.35 -9.29 -0.98
C ALA F 135 -39.23 -9.39 0.26
N MET F 136 -38.79 -10.18 1.24
CA MET F 136 -39.58 -10.38 2.45
C MET F 136 -39.66 -9.16 3.35
N PHE F 137 -38.85 -8.14 3.06
CA PHE F 137 -38.89 -6.91 3.84
C PHE F 137 -40.31 -6.37 3.65
N PHE F 138 -40.76 -6.44 2.42
CA PHE F 138 -42.08 -5.94 2.04
C PHE F 138 -43.21 -6.94 2.18
N LEU F 139 -42.96 -8.20 1.81
CA LEU F 139 -43.98 -9.24 1.88
C LEU F 139 -44.27 -9.75 3.30
N GLY F 140 -43.21 -10.00 4.06
CA GLY F 140 -43.39 -10.51 5.41
C GLY F 140 -44.03 -9.54 6.40
N SER F 141 -43.64 -8.27 6.32
CA SER F 141 -44.16 -7.25 7.21
C SER F 141 -45.69 -7.11 7.18
N VAL F 142 -46.26 -7.17 5.98
CA VAL F 142 -47.70 -7.05 5.80
C VAL F 142 -48.45 -8.14 6.59
N HIS F 143 -48.02 -9.38 6.41
CA HIS F 143 -48.63 -10.52 7.07
C HIS F 143 -48.44 -10.48 8.58
N LEU F 144 -47.22 -10.22 9.02
CA LEU F 144 -46.92 -10.17 10.45
C LEU F 144 -47.74 -9.14 11.20
N TYR F 145 -47.89 -7.96 10.64
CA TYR F 145 -48.66 -6.91 11.30
C TYR F 145 -50.13 -7.30 11.45
N ILE F 146 -50.68 -7.88 10.39
CA ILE F 146 -52.08 -8.31 10.38
C ILE F 146 -52.35 -9.39 11.42
N MET F 147 -51.49 -10.41 11.47
CA MET F 147 -51.65 -11.49 12.44
C MET F 147 -51.56 -10.97 13.86
N MET F 148 -50.71 -9.98 14.06
CA MET F 148 -50.51 -9.38 15.37
C MET F 148 -51.65 -8.46 15.81
N THR F 149 -52.31 -7.84 14.85
CA THR F 149 -53.39 -6.91 15.17
C THR F 149 -54.82 -7.42 14.94
N GLN F 150 -54.97 -8.52 14.19
CA GLN F 150 -56.29 -9.09 13.93
C GLN F 150 -56.32 -10.59 14.20
N PRO F 151 -55.79 -11.03 15.35
CA PRO F 151 -55.76 -12.45 15.70
C PRO F 151 -57.12 -13.13 15.81
N GLN F 152 -58.16 -12.35 16.10
CA GLN F 152 -59.51 -12.89 16.24
C GLN F 152 -60.12 -13.22 14.88
N THR F 153 -59.36 -12.96 13.81
CA THR F 153 -59.84 -13.22 12.46
C THR F 153 -59.14 -14.43 11.84
N ILE F 154 -58.59 -15.29 12.68
CA ILE F 154 -57.91 -16.50 12.20
C ILE F 154 -58.84 -17.70 12.34
N GLY F 155 -59.03 -18.42 11.23
CA GLY F 155 -59.90 -19.59 11.26
C GLY F 155 -60.20 -20.12 9.87
N PRO F 156 -60.90 -21.27 9.79
CA PRO F 156 -61.25 -21.87 8.50
C PRO F 156 -62.09 -20.96 7.61
N VAL F 157 -62.94 -20.15 8.23
CA VAL F 157 -63.80 -19.24 7.49
C VAL F 157 -63.16 -17.86 7.34
N SER F 158 -62.77 -17.28 8.47
CA SER F 158 -62.17 -15.95 8.50
C SER F 158 -60.87 -15.83 7.69
N SER F 159 -60.00 -16.82 7.80
CA SER F 159 -58.73 -16.79 7.07
C SER F 159 -58.98 -16.89 5.57
N SER F 160 -59.99 -17.67 5.19
CA SER F 160 -60.33 -17.83 3.79
C SER F 160 -60.86 -16.51 3.25
N PHE F 161 -61.49 -15.74 4.12
CA PHE F 161 -62.05 -14.45 3.74
C PHE F 161 -60.92 -13.50 3.33
N ARG F 162 -59.98 -13.29 4.24
CA ARG F 162 -58.84 -12.42 4.00
C ARG F 162 -58.08 -12.87 2.75
N MET F 163 -57.92 -14.18 2.61
CA MET F 163 -57.22 -14.77 1.47
C MET F 163 -57.81 -14.37 0.13
N VAL F 164 -59.13 -14.33 0.05
CA VAL F 164 -59.79 -13.99 -1.21
C VAL F 164 -60.43 -12.60 -1.26
N SER F 165 -61.36 -12.33 -0.35
CA SER F 165 -62.04 -11.03 -0.33
C SER F 165 -61.11 -9.84 -0.13
N GLU F 166 -60.13 -9.99 0.74
CA GLU F 166 -59.19 -8.91 1.01
C GLU F 166 -57.94 -9.00 0.12
N TRP F 167 -58.01 -9.85 -0.90
CA TRP F 167 -56.92 -10.03 -1.85
C TRP F 167 -55.54 -10.24 -1.23
N MET F 168 -55.43 -11.22 -0.35
CA MET F 168 -54.15 -11.54 0.29
C MET F 168 -53.46 -12.72 -0.38
N TRP F 169 -54.17 -13.41 -1.27
CA TRP F 169 -53.58 -14.57 -1.95
C TRP F 169 -52.39 -14.25 -2.84
N PRO F 170 -52.41 -13.08 -3.53
CA PRO F 170 -51.24 -12.83 -4.39
C PRO F 170 -49.97 -12.70 -3.52
N LEU F 171 -50.11 -12.06 -2.37
CA LEU F 171 -48.99 -11.88 -1.45
C LEU F 171 -48.56 -13.23 -0.88
N TYR F 172 -49.53 -14.05 -0.47
CA TYR F 172 -49.22 -15.36 0.09
C TYR F 172 -48.54 -16.28 -0.91
N LEU F 173 -48.96 -16.21 -2.17
CA LEU F 173 -48.39 -17.06 -3.21
C LEU F 173 -46.89 -16.77 -3.39
N VAL F 174 -46.54 -15.49 -3.52
CA VAL F 174 -45.14 -15.10 -3.68
C VAL F 174 -44.36 -15.40 -2.41
N LEU F 175 -44.91 -14.96 -1.27
CA LEU F 175 -44.26 -15.18 0.01
C LEU F 175 -43.99 -16.65 0.30
N LEU F 176 -44.88 -17.52 -0.17
CA LEU F 176 -44.73 -18.96 0.05
C LEU F 176 -43.41 -19.45 -0.52
N PHE F 177 -43.15 -19.13 -1.79
CA PHE F 177 -41.92 -19.55 -2.44
C PHE F 177 -40.71 -18.80 -1.89
N ALA F 178 -40.92 -17.53 -1.57
CA ALA F 178 -39.85 -16.69 -1.04
C ALA F 178 -39.32 -17.20 0.30
N VAL F 179 -40.24 -17.42 1.24
CA VAL F 179 -39.84 -17.88 2.56
C VAL F 179 -39.40 -19.34 2.62
N GLU F 180 -39.95 -20.18 1.75
N GLU F 180 -39.95 -20.17 1.75
CA GLU F 180 -39.56 -21.58 1.76
CA GLU F 180 -39.59 -21.58 1.72
C GLU F 180 -38.16 -21.75 1.16
C GLU F 180 -38.19 -21.78 1.14
N LEU F 181 -37.90 -21.09 0.05
CA LEU F 181 -36.58 -21.19 -0.58
C LEU F 181 -35.54 -20.60 0.36
N HIS F 182 -35.85 -19.44 0.92
CA HIS F 182 -34.95 -18.75 1.84
C HIS F 182 -34.67 -19.59 3.07
N GLY F 183 -35.74 -20.13 3.66
CA GLY F 183 -35.61 -20.95 4.85
C GLY F 183 -34.87 -22.26 4.71
N SER F 184 -35.21 -23.03 3.67
CA SER F 184 -34.56 -24.32 3.46
C SER F 184 -33.08 -24.16 3.12
N VAL F 185 -32.77 -23.23 2.23
CA VAL F 185 -31.37 -23.00 1.87
C VAL F 185 -30.65 -22.48 3.11
N GLY F 186 -31.33 -21.63 3.87
CA GLY F 186 -30.77 -21.06 5.09
C GLY F 186 -30.42 -22.10 6.13
N LEU F 187 -31.30 -23.09 6.32
CA LEU F 187 -31.02 -24.14 7.30
C LEU F 187 -29.87 -25.01 6.81
N TYR F 188 -29.84 -25.25 5.50
CA TYR F 188 -28.77 -26.05 4.91
C TYR F 188 -27.42 -25.36 5.15
N ARG F 189 -27.31 -24.11 4.72
CA ARG F 189 -26.03 -23.41 4.88
C ARG F 189 -25.62 -23.28 6.34
N LEU F 190 -26.61 -23.16 7.21
CA LEU F 190 -26.36 -23.07 8.65
C LEU F 190 -25.61 -24.32 9.12
N ALA F 191 -26.05 -25.48 8.63
CA ALA F 191 -25.43 -26.75 8.99
C ALA F 191 -23.99 -26.87 8.50
N VAL F 192 -23.73 -26.47 7.26
CA VAL F 192 -22.38 -26.55 6.72
C VAL F 192 -21.51 -25.39 7.24
N LYS F 193 -22.13 -24.29 7.62
CA LYS F 193 -21.38 -23.15 8.15
C LYS F 193 -20.78 -23.46 9.52
N TRP F 194 -21.59 -24.05 10.41
CA TRP F 194 -21.13 -24.39 11.74
C TRP F 194 -20.67 -25.85 11.85
N GLY F 195 -20.96 -26.64 10.81
CA GLY F 195 -20.57 -28.03 10.76
C GLY F 195 -20.95 -28.92 11.92
N TRP F 196 -22.14 -28.71 12.47
CA TRP F 196 -22.60 -29.50 13.59
C TRP F 196 -22.63 -31.00 13.30
N PHE F 197 -22.91 -31.36 12.06
CA PHE F 197 -23.01 -32.77 11.69
C PHE F 197 -21.90 -33.32 10.77
N ASP F 198 -20.79 -32.59 10.64
CA ASP F 198 -19.71 -33.06 9.76
C ASP F 198 -19.25 -34.48 10.04
N GLY F 199 -18.88 -34.78 11.28
CA GLY F 199 -18.43 -36.12 11.61
C GLY F 199 -17.12 -36.52 10.96
N GLU F 200 -17.03 -37.78 10.52
CA GLU F 200 -15.81 -38.29 9.90
C GLU F 200 -15.79 -38.20 8.38
N THR F 201 -16.96 -38.13 7.76
CA THR F 201 -17.05 -38.03 6.30
C THR F 201 -17.82 -36.77 5.89
N PRO F 202 -17.24 -35.58 6.15
CA PRO F 202 -17.83 -34.27 5.82
C PRO F 202 -18.50 -34.15 4.45
N ASP F 203 -17.82 -34.64 3.41
CA ASP F 203 -18.38 -34.56 2.07
C ASP F 203 -19.67 -35.35 1.94
N LYS F 204 -19.75 -36.48 2.64
CA LYS F 204 -20.95 -37.32 2.58
C LYS F 204 -22.09 -36.61 3.32
N THR F 205 -21.78 -36.02 4.47
CA THR F 205 -22.76 -35.31 5.26
C THR F 205 -23.34 -34.14 4.46
N ARG F 206 -22.48 -33.43 3.74
CA ARG F 206 -22.92 -32.29 2.94
C ARG F 206 -23.79 -32.77 1.79
N ALA F 207 -23.40 -33.88 1.17
CA ALA F 207 -24.15 -34.44 0.05
C ALA F 207 -25.57 -34.79 0.51
N ASN F 208 -25.69 -35.35 1.70
CA ASN F 208 -26.99 -35.72 2.24
C ASN F 208 -27.80 -34.49 2.64
N LEU F 209 -27.12 -33.51 3.24
CA LEU F 209 -27.79 -32.28 3.65
C LEU F 209 -28.39 -31.56 2.43
N LYS F 210 -27.69 -31.64 1.31
CA LYS F 210 -28.15 -31.00 0.08
C LYS F 210 -29.41 -31.70 -0.42
N LYS F 211 -29.42 -33.02 -0.34
CA LYS F 211 -30.56 -33.81 -0.79
C LYS F 211 -31.74 -33.52 0.13
N LEU F 212 -31.47 -33.53 1.43
CA LEU F 212 -32.51 -33.25 2.42
C LEU F 212 -33.12 -31.88 2.13
N LYS F 213 -32.26 -30.90 1.92
CA LYS F 213 -32.70 -29.53 1.62
C LYS F 213 -33.69 -29.48 0.47
N THR F 214 -33.37 -30.18 -0.61
CA THR F 214 -34.23 -30.19 -1.79
C THR F 214 -35.59 -30.85 -1.52
N LEU F 215 -35.58 -31.96 -0.79
CA LEU F 215 -36.82 -32.65 -0.46
C LEU F 215 -37.69 -31.80 0.46
N MET F 216 -37.09 -31.28 1.52
CA MET F 216 -37.82 -30.44 2.47
C MET F 216 -38.54 -29.32 1.72
N SER F 217 -37.84 -28.69 0.79
CA SER F 217 -38.40 -27.62 -0.01
C SER F 217 -39.57 -28.11 -0.85
N ALA F 218 -39.35 -29.22 -1.55
CA ALA F 218 -40.38 -29.80 -2.41
C ALA F 218 -41.65 -30.09 -1.62
N PHE F 219 -41.50 -30.87 -0.55
CA PHE F 219 -42.63 -31.23 0.31
C PHE F 219 -43.39 -30.02 0.81
N LEU F 220 -42.68 -29.05 1.36
CA LEU F 220 -43.31 -27.85 1.90
C LEU F 220 -43.97 -26.96 0.84
N ILE F 221 -43.37 -26.89 -0.34
CA ILE F 221 -43.95 -26.07 -1.40
C ILE F 221 -45.27 -26.67 -1.85
N VAL F 222 -45.27 -27.97 -2.12
CA VAL F 222 -46.48 -28.66 -2.55
C VAL F 222 -47.55 -28.57 -1.46
N LEU F 223 -47.17 -28.89 -0.24
CA LEU F 223 -48.09 -28.83 0.90
C LEU F 223 -48.61 -27.40 1.01
N GLY F 224 -47.75 -26.45 0.70
CA GLY F 224 -48.13 -25.04 0.78
C GLY F 224 -49.12 -24.68 -0.30
N LEU F 225 -48.96 -25.26 -1.49
CA LEU F 225 -49.87 -24.99 -2.59
C LEU F 225 -51.22 -25.65 -2.31
N LEU F 226 -51.18 -26.84 -1.73
CA LEU F 226 -52.41 -27.56 -1.40
C LEU F 226 -53.19 -26.74 -0.38
N THR F 227 -52.51 -26.33 0.68
CA THR F 227 -53.12 -25.53 1.73
C THR F 227 -53.64 -24.21 1.16
N PHE F 228 -52.86 -23.65 0.22
CA PHE F 228 -53.20 -22.40 -0.43
C PHE F 228 -54.54 -22.57 -1.16
N GLY F 229 -54.63 -23.63 -1.96
CA GLY F 229 -55.84 -23.88 -2.72
C GLY F 229 -57.06 -24.06 -1.83
N ALA F 230 -56.88 -24.73 -0.69
CA ALA F 230 -57.97 -24.98 0.24
C ALA F 230 -58.57 -23.65 0.71
N TYR F 231 -57.70 -22.73 1.14
CA TYR F 231 -58.16 -21.43 1.60
C TYR F 231 -58.86 -20.65 0.51
N VAL F 232 -58.32 -20.70 -0.70
CA VAL F 232 -58.90 -20.00 -1.84
C VAL F 232 -60.29 -20.56 -2.16
N LYS F 233 -60.36 -21.87 -2.37
CA LYS F 233 -61.61 -22.54 -2.69
C LYS F 233 -62.72 -22.10 -1.73
N LYS F 234 -62.47 -22.25 -0.44
CA LYS F 234 -63.46 -21.86 0.57
C LYS F 234 -63.79 -20.38 0.48
N GLY F 235 -62.76 -19.55 0.31
CA GLY F 235 -62.98 -18.13 0.20
C GLY F 235 -63.81 -17.75 -1.01
N LEU F 236 -63.74 -18.57 -2.05
CA LEU F 236 -64.50 -18.32 -3.27
C LEU F 236 -65.95 -18.80 -3.16
N GLU F 237 -66.27 -19.45 -2.04
CA GLU F 237 -67.62 -19.95 -1.83
C GLU F 237 -68.40 -19.03 -0.90
N GLN F 238 -67.70 -18.06 -0.32
CA GLN F 238 -68.33 -17.10 0.59
C GLN F 238 -68.95 -16.01 -0.27
N THR F 239 -70.21 -16.22 -0.67
CA THR F 239 -70.91 -15.27 -1.52
C THR F 239 -72.08 -14.54 -0.88
N ASP F 240 -72.55 -15.05 0.26
CA ASP F 240 -73.67 -14.42 0.95
C ASP F 240 -73.28 -13.04 1.47
N PRO F 241 -73.95 -11.98 0.97
CA PRO F 241 -73.68 -10.60 1.38
C PRO F 241 -74.18 -10.23 2.76
N ASN F 242 -74.88 -11.16 3.41
CA ASN F 242 -75.42 -10.89 4.75
C ASN F 242 -74.65 -11.63 5.84
N ILE F 243 -73.55 -12.27 5.47
CA ILE F 243 -72.73 -13.00 6.43
C ILE F 243 -71.42 -12.28 6.71
N ASP F 244 -71.09 -12.14 7.99
CA ASP F 244 -69.85 -11.49 8.40
C ASP F 244 -68.78 -12.57 8.58
N TYR F 245 -68.16 -12.96 7.46
CA TYR F 245 -67.13 -13.99 7.47
C TYR F 245 -65.87 -13.61 8.24
N LYS F 246 -65.45 -12.35 8.10
CA LYS F 246 -64.25 -11.87 8.77
C LYS F 246 -64.18 -12.28 10.24
N TYR F 247 -65.25 -12.03 10.98
CA TYR F 247 -65.27 -12.40 12.40
C TYR F 247 -66.17 -13.59 12.69
N PHE F 248 -66.46 -14.39 11.68
CA PHE F 248 -67.33 -15.55 11.85
C PHE F 248 -66.77 -16.54 12.87
N ASP F 249 -65.55 -17.02 12.63
CA ASP F 249 -64.92 -17.98 13.52
C ASP F 249 -64.84 -17.46 14.95
N TYR F 250 -64.70 -16.14 15.09
CA TYR F 250 -64.61 -15.51 16.40
C TYR F 250 -65.98 -15.53 17.07
N LYS F 251 -67.02 -15.31 16.27
CA LYS F 251 -68.38 -15.29 16.77
C LYS F 251 -68.90 -16.72 16.95
N ARG F 252 -68.24 -17.47 17.82
CA ARG F 252 -68.60 -18.86 18.10
C ARG F 252 -68.38 -19.17 19.57
N THR F 253 -67.33 -18.59 20.15
CA THR F 253 -66.99 -18.81 21.55
C THR F 253 -66.27 -17.59 22.09
N HIS F 254 -66.75 -16.41 21.74
CA HIS F 254 -66.14 -15.15 22.17
C HIS F 254 -64.63 -15.21 21.99
N GLU F 255 -64.20 -15.59 20.88
PA FAD G . 11.41 26.94 4.11
O1A FAD G . 11.51 27.41 5.53
O2A FAD G . 10.29 27.18 3.36
O5B FAD G . 11.56 25.40 4.25
C5B FAD G . 12.63 24.74 5.00
C4B FAD G . 12.39 23.20 4.81
O4B FAD G . 13.51 22.50 5.44
C3B FAD G . 11.12 22.57 5.45
O3B FAD G . 10.34 21.81 4.60
C2B FAD G . 11.67 21.83 6.68
O2B FAD G . 10.81 20.81 7.10
C1B FAD G . 12.96 21.33 6.14
N9A FAD G . 14.02 21.03 7.09
C8A FAD G . 14.63 21.90 7.98
N7A FAD G . 15.58 21.29 8.69
C5A FAD G . 15.58 20.00 8.26
C6A FAD G . 16.38 18.83 8.67
N6A FAD G . 17.32 18.87 9.58
N1A FAD G . 16.08 17.66 7.99
C2A FAD G . 15.11 17.58 7.03
N3A FAD G . 14.33 18.59 6.60
C4A FAD G . 14.60 19.79 7.25
N1 FAD G . 9.70 36.63 2.04
C2 FAD G . 9.28 37.38 1.02
O2 FAD G . 9.96 37.60 0.07
N3 FAD G . 7.98 37.98 1.01
C4 FAD G . 7.10 37.82 2.06
O4 FAD G . 6.00 38.34 2.02
C4X FAD G . 7.55 37.03 3.18
N5 FAD G . 6.72 36.83 4.24
C5X FAD G . 7.16 36.07 5.28
C6 FAD G . 6.30 35.86 6.41
C7 FAD G . 6.70 35.08 7.50
C7M FAD G . 5.79 34.88 8.67
C8 FAD G . 8.02 34.46 7.49
C8M FAD G . 8.51 33.61 8.63
C9 FAD G . 8.86 34.65 6.40
C9A FAD G . 8.45 35.45 5.30
N10 FAD G . 9.30 35.66 4.15
C10 FAD G . 8.90 36.43 3.11
C1' FAD G . 10.57 34.93 4.24
C2' FAD G . 10.38 33.78 3.19
O2' FAD G . 9.05 33.23 3.27
C3' FAD G . 11.44 32.72 3.38
O3' FAD G . 12.77 33.22 3.34
C4' FAD G . 11.24 31.59 2.36
O4' FAD G . 9.88 31.05 2.31
C5' FAD G . 12.27 30.50 2.73
O5' FAD G . 12.08 29.25 1.77
P FAD G . 12.97 28.03 1.97
O1P FAD G . 12.58 27.12 0.80
O2P FAD G . 14.32 28.38 2.00
O3P FAD G . 12.70 27.41 3.30
OXT FUM H . 9.83 41.53 5.41
C FUM H . 8.83 40.82 5.06
O FUM H . 8.89 39.79 4.36
C4 FUM H . 7.49 41.32 5.56
C5 FUM H . 6.29 40.69 5.27
C6 FUM H . 4.99 41.23 5.79
O7 FUM H . 4.97 42.31 6.43
O8 FUM H . 3.91 40.71 5.29
NA NA I . 20.29 32.99 4.40
FE1 FES J . -1.85 25.30 13.37
FE2 FES J . -0.06 25.66 11.37
S1 FES J . -2.27 25.79 11.30
S2 FES J . 0.36 25.12 13.49
FE1 F3S K . -18.61 14.25 3.69
FE3 F3S K . -19.91 15.03 1.45
FE4 F3S K . -18.79 16.96 3.14
S1 F3S K . -20.53 13.43 2.92
S2 F3S K . -19.02 15.97 5.19
S3 F3S K . -17.67 15.46 1.92
S4 F3S K . -20.77 17.01 2.14
FE1 SF4 L . -10.66 20.58 4.07
FE2 SF4 L . -8.80 21.98 5.58
FE3 SF4 L . -8.84 22.28 2.89
FE4 SF4 L . -10.96 23.26 4.41
S1 SF4 L . -8.74 23.93 4.34
S2 SF4 L . -11.03 22.08 2.40
S3 SF4 L . -11.00 21.69 6.03
S4 SF4 L . -8.33 20.42 3.97
CHA HEM M . -32.99 9.49 1.25
CHB HEM M . -37.75 10.16 0.60
CHC HEM M . -38.57 5.60 2.05
CHD HEM M . -33.82 5.00 2.83
C1A HEM M . -34.21 10.03 0.82
C2A HEM M . -34.37 11.26 0.10
C3A HEM M . -35.70 11.54 0.10
C4A HEM M . -36.37 10.35 0.56
CMA HEM M . -36.33 12.88 -0.30
CAA HEM M . -33.24 12.04 -0.58
CBA HEM M . -32.56 11.19 -1.66
CGA HEM M . -31.24 11.76 -2.11
O1A HEM M . -30.59 12.47 -1.29
O2A HEM M . -30.83 11.50 -3.26
C1B HEM M . -38.41 9.00 1.00
C2B HEM M . -39.82 8.89 1.31
C3B HEM M . -40.06 7.60 1.63
C4B HEM M . -38.78 6.92 1.65
CMB HEM M . -40.79 10.09 1.36
CAB HEM M . -41.28 7.00 1.99
CBB HEM M . -42.53 7.25 1.32
C1C HEM M . -37.33 4.99 2.28
C2C HEM M . -37.13 3.61 2.63
C3C HEM M . -35.80 3.43 2.79
C4C HEM M . -35.17 4.73 2.62
CMC HEM M . -38.20 2.53 2.81
CAC HEM M . -35.22 2.20 3.12
CBC HEM M . -33.93 1.68 2.70
C1D HEM M . -33.20 6.21 2.58
C2D HEM M . -31.82 6.53 2.90
C3D HEM M . -31.56 7.75 2.37
C4D HEM M . -32.80 8.25 1.82
CMD HEM M . -30.85 5.65 3.70
CAD HEM M . -30.22 8.47 2.35
CBD HEM M . -29.56 8.24 1.00
CGD HEM M . -28.23 8.96 0.88
O1D HEM M . -27.72 9.07 -0.25
O2D HEM M . -27.72 9.41 1.92
NA HEM M . -35.44 9.41 0.94
NB HEM M . -37.79 7.83 1.37
NC HEM M . -36.11 5.63 2.18
ND HEM M . -33.80 7.32 2.02
FE HEM M . -35.78 7.58 1.62
CHA HEM N . -53.15 7.32 5.88
CHB HEM N . -54.00 6.31 1.22
CHC HEM N . -49.22 5.85 0.40
CHD HEM N . -48.36 7.09 5.01
C1A HEM N . -53.81 7.04 4.69
C2A HEM N . -55.25 6.95 4.52
C3A HEM N . -55.48 6.73 3.21
C4A HEM N . -54.19 6.62 2.56
CMA HEM N . -56.85 6.62 2.52
CAA HEM N . -56.32 7.07 5.60
CBA HEM N . -56.52 5.90 6.58
CGA HEM N . -56.84 4.58 5.89
O1A HEM N . -57.63 4.58 4.93
O2A HEM N . -56.29 3.54 6.30
C1B HEM N . -52.77 6.12 0.59
C2B HEM N . -52.61 5.76 -0.80
C3B HEM N . -51.29 5.55 -1.01
C4B HEM N . -50.60 5.88 0.23
CMB HEM N . -53.72 5.62 -1.83
CAB HEM N . -50.68 5.08 -2.18
CBB HEM N . -50.85 5.65 -3.50
C1C HEM N . -48.56 6.15 1.59
C2C HEM N . -47.13 6.09 1.78
C3C HEM N . -46.88 6.40 3.08
C4C HEM N . -48.16 6.72 3.67
CMC HEM N . -46.10 5.70 0.71
CAC HEM N . -45.65 6.41 3.74
CBC HEM N . -44.78 5.24 3.81
C1D HEM N . -49.59 7.29 5.63
C2D HEM N . -49.75 7.73 6.99
C3D HEM N . -51.07 7.86 7.21
C4D HEM N . -51.76 7.39 6.03
CMD HEM N . -48.66 7.99 8.02
CAD HEM N . -51.61 8.48 8.50
CBD HEM N . -52.17 9.88 8.29
CGD HEM N . -52.38 10.60 9.61
O1D HEM N . -52.86 9.97 10.58
O2D HEM N . -52.06 11.81 9.68
NA HEM N . -53.19 6.81 3.48
NB HEM N . -51.53 6.21 1.20
NC HEM N . -49.17 6.52 2.76
ND HEM N . -50.83 7.15 5.04
FE HEM N . -51.17 6.69 3.17
C1B LMT O . -24.63 -2.11 20.02
C2B LMT O . -24.49 -2.52 21.54
C3B LMT O . -25.77 -3.15 22.05
C4B LMT O . -26.95 -2.17 21.85
C5B LMT O . -27.06 -1.84 20.33
C6B LMT O . -28.14 -0.76 20.08
O1B LMT O . -24.81 -3.29 19.22
O2B LMT O . -23.41 -3.40 21.73
O3B LMT O . -25.57 -3.49 23.40
O4' LMT O . -28.16 -2.81 22.37
O5B LMT O . -25.84 -1.24 19.85
O6B LMT O . -27.93 0.51 20.69
C1' LMT O . -24.49 -3.73 14.93
C2' LMT O . -23.71 -2.66 15.57
C3' LMT O . -23.51 -2.96 17.04
C4' LMT O . -24.93 -3.03 17.77
C5' LMT O . -25.63 -4.24 17.08
C6' LMT O . -27.04 -4.37 17.64
O1' LMT O . -24.78 -3.24 13.65
O2' LMT O . -22.46 -2.45 14.94
O3' LMT O . -22.64 -1.95 17.54
O5' LMT O . -25.73 -3.96 15.64
O6' LMT O . -27.36 -5.73 17.82
C1 LMT O . -24.36 -3.91 12.48
C2 LMT O . -24.14 -2.89 11.37
C3 LMT O . -25.19 -2.97 10.27
C4 LMT O . -26.59 -2.69 10.81
C5 LMT O . -26.79 -1.21 11.11
C6 LMT O . -26.64 -0.34 9.87
C7 LMT O . -27.64 -0.70 8.79
C8 LMT O . -29.08 -0.52 9.27
C9 LMT O . -29.38 0.90 9.69
C10 LMT O . -29.54 1.02 11.20
C11 LMT O . -30.84 1.73 11.55
C12 LMT O . -30.66 2.56 12.80
PA FAD P . 15.31 -24.22 -7.23
O1A FAD P . 15.19 -24.69 -8.63
O2A FAD P . 14.45 -24.67 -6.26
O5B FAD P . 15.13 -22.70 -7.35
C5B FAD P . 15.86 -21.83 -8.29
C4B FAD P . 15.35 -20.38 -8.02
O4B FAD P . 16.13 -19.48 -8.87
C3B FAD P . 13.86 -20.04 -8.34
O3B FAD P . 13.15 -19.46 -7.31
C2B FAD P . 13.96 -19.22 -9.66
O2B FAD P . 12.84 -18.39 -9.81
C1B FAD P . 15.22 -18.46 -9.39
N9A FAD P . 15.95 -17.97 -10.54
C8A FAD P . 16.52 -18.70 -11.56
N7A FAD P . 17.13 -17.94 -12.46
C5A FAD P . 16.97 -16.66 -12.01
C6A FAD P . 17.41 -15.36 -12.54
N6A FAD P . 18.12 -15.22 -13.64
N1A FAD P . 17.04 -14.27 -11.79
C2A FAD P . 16.31 -14.36 -10.64
N3A FAD P . 15.86 -15.51 -10.08
C4A FAD P . 16.21 -16.63 -10.80
N1 FAD P . 16.12 -34.03 -5.10
C2 FAD P . 16.10 -34.84 -4.03
O2 FAD P . 17.01 -34.89 -3.27
N3 FAD P . 14.99 -35.69 -3.75
C4 FAD P . 13.88 -35.73 -4.57
O4 FAD P . 12.95 -36.45 -4.28
C4X FAD P . 13.89 -34.88 -5.73
N5 FAD P . 12.82 -34.87 -6.58
C5X FAD P . 12.86 -34.04 -7.68
C6 FAD P . 11.74 -34.03 -8.57
C7 FAD P . 11.72 -33.20 -9.69
C7M FAD P . 10.53 -33.20 -10.63
C8 FAD P . 12.85 -32.33 -9.97
C8M FAD P . 12.90 -31.42 -11.17
C9 FAD P . 13.94 -32.33 -9.10
C9A FAD P . 13.95 -33.17 -7.96
N10 FAD P . 15.05 -33.20 -7.04
C10 FAD P . 15.06 -34.02 -5.96
C1' FAD P . 16.10 -32.22 -7.40
C2' FAD P . 15.93 -31.11 -6.28
O2' FAD P . 14.54 -30.87 -6.02
C3' FAD P . 16.67 -29.86 -6.68
O3' FAD P . 18.06 -30.09 -6.95
C4' FAD P . 16.51 -28.77 -5.60
O4' FAD P . 15.13 -28.53 -5.23
C5' FAD P . 17.17 -27.51 -6.16
O5' FAD P . 16.97 -26.31 -5.15
P FAD P . 17.50 -24.93 -5.52
O1P FAD P . 17.20 -24.08 -4.29
O2P FAD P . 18.86 -24.99 -5.88
O3P FAD P . 16.82 -24.40 -6.74
OXT FUM Q . 16.46 -38.84 -8.52
C FUM Q . 15.43 -38.35 -7.94
O FUM Q . 15.44 -37.33 -7.24
C4 FUM Q . 14.15 -39.14 -8.15
C5 FUM Q . 12.95 -38.74 -7.60
C6 FUM Q . 11.70 -39.54 -7.81
O7 FUM Q . 11.75 -40.61 -8.47
O8 FUM Q . 10.68 -39.23 -7.08
NA NA R . 24.95 -28.37 -9.63
FE1 FES S . 0.24 -25.52 -13.22
FE2 FES S . 2.49 -25.48 -11.67
S1 FES S . 0.42 -26.04 -11.11
S2 FES S . 2.28 -24.91 -13.82
FE1 F3S T . -15.74 -17.87 0.30
FE3 F3S T . -16.35 -18.84 2.76
FE4 F3S T . -15.26 -20.54 0.82
S1 F3S T . -17.55 -17.42 1.50
S2 F3S T . -16.12 -19.66 -1.11
S3 F3S T . -14.23 -18.82 1.80
S4 F3S T . -16.93 -20.97 2.23
FE1 SF4 U . -7.03 -22.54 -2.05
FE2 SF4 U . -4.67 -23.79 -1.36
FE3 SF4 U . -5.31 -23.57 -3.98
FE4 SF4 U . -6.82 -25.23 -2.35
S1 SF4 U . -4.56 -25.41 -2.82
S2 SF4 U . -7.57 -23.75 -3.93
S3 SF4 U . -6.66 -24.05 -0.37
S4 SF4 U . -4.81 -21.90 -2.46
CHA HEM V . -29.84 -16.05 6.06
CHB HEM V . -34.11 -17.65 7.76
CHC HEM V . -36.14 -13.37 6.67
CHD HEM V . -31.89 -11.83 4.86
C1A HEM V . -30.80 -16.80 6.75
C2A HEM V . -30.54 -18.03 7.46
C3A HEM V . -31.76 -18.57 7.74
C4A HEM V . -32.75 -17.55 7.48
CMA HEM V . -32.00 -20.00 8.25
CAA HEM V . -29.16 -18.56 7.84
CBA HEM V . -28.46 -17.56 8.76
CGA HEM V . -26.97 -17.83 8.88
O1A HEM V . -26.39 -18.39 7.93
O2A HEM V . -26.39 -17.47 9.92
C1B HEM V . -35.06 -16.65 7.56
C2B HEM V . -36.48 -16.85 7.57
C3B HEM V . -37.05 -15.63 7.34
C4B HEM V . -35.98 -14.70 7.07
CMB HEM V . -37.18 -18.22 7.72
CAB HEM V . -38.43 -15.30 7.30
CBB HEM V . -39.41 -15.79 8.23
C1C HEM V . -35.12 -12.53 6.18
C2C HEM V . -35.29 -11.14 5.83
C3C HEM V . -34.09 -10.70 5.36
C4C HEM V . -33.19 -11.83 5.38
CMC HEM V . -36.55 -10.29 5.92
CAC HEM V . -33.87 -9.38 4.96
CBC HEM V . -32.65 -8.60 5.08
C1D HEM V . -30.99 -12.90 4.93
C2D HEM V . -29.69 -12.94 4.29
C3D HEM V . -29.08 -14.07 4.70
C4D HEM V . -30.05 -14.80 5.50
CMD HEM V . -29.15 -11.88 3.34
CAD HEM V . -27.66 -14.50 4.39
CBD HEM V . -26.78 -14.12 5.57
CGD HEM V . -25.34 -14.54 5.36
O1D HEM V . -24.56 -14.49 6.34
O2D HEM V . -24.99 -14.92 4.23
NA HEM V . -32.12 -16.44 6.92
NB HEM V . -34.78 -15.38 7.10
NC HEM V . -33.81 -12.90 5.99
ND HEM V . -31.22 -14.09 5.57
FE HEM V . -32.98 -14.66 6.41
CHA HEM W . -50.54 -18.08 6.18
CHB HEM W . -50.50 -17.16 10.94
CHC HEM W . -45.86 -15.73 10.66
CHD HEM W . -45.83 -16.87 5.96
C1A HEM W . -50.96 -17.90 7.50
C2A HEM W . -52.31 -18.10 7.98
C3A HEM W . -52.28 -17.91 9.33
C4A HEM W . -50.94 -17.53 9.67
CMA HEM W . -53.44 -18.05 10.31
CAA HEM W . -53.55 -18.45 7.18
CBA HEM W . -54.19 -17.37 6.31
CGA HEM W . -54.60 -16.14 7.09
O1A HEM W . -55.15 -16.28 8.21
O2A HEM W . -54.38 -15.01 6.60
C1B HEM W . -49.22 -16.71 11.28
C2B HEM W . -48.83 -16.31 12.61
C3B HEM W . -47.56 -15.83 12.52
C4B HEM W . -47.13 -16.04 11.16
CMB HEM W . -49.67 -16.38 13.86
CAB HEM W . -46.83 -15.23 13.54
CBB HEM W . -46.56 -15.78 14.84
C1C HEM W . -45.43 -15.92 9.36
C2C HEM W . -44.13 -15.57 8.84
C3C HEM W . -44.13 -15.85 7.52
C4C HEM W . -45.41 -16.44 7.22
CMC HEM W . -42.98 -14.98 9.66
CAC HEM W . -43.10 -15.62 6.59
CBC HEM W . -42.52 -14.30 6.37
C1D HEM W . -47.11 -17.31 5.62
C2D HEM W . -47.48 -17.80 4.32
C3D HEM W . -48.76 -18.21 4.40
C4D HEM W . -49.25 -17.86 5.72
CMD HEM W . -46.62 -17.86 3.05
CAD HEM W . -49.43 -18.95 3.26
CBD HEM W . -49.66 -20.42 3.53
CGD HEM W . -50.01 -21.20 2.29
O1D HEM W . -50.81 -20.70 1.47
O2D HEM W . -49.50 -22.32 2.12
NA HEM W . -50.14 -17.53 8.54
NB HEM W . -48.16 -16.57 10.41
NC HEM W . -46.20 -16.43 8.34
ND HEM W . -48.19 -17.40 6.48
FE HEM W . -48.16 -16.96 8.47
C1B LMT X . -28.47 -3.34 -13.77
C2B LMT X . -28.76 -2.95 -15.25
C3B LMT X . -30.21 -2.59 -15.46
C4B LMT X . -31.10 -3.79 -15.03
C5B LMT X . -30.80 -4.11 -13.52
C6B LMT X . -31.56 -5.38 -13.07
O1B LMT X . -28.70 -2.22 -12.91
O2B LMT X . -27.95 -1.87 -15.67
O3B LMT X . -30.40 -2.24 -16.81
O4' LMT X . -32.51 -3.42 -15.23
O5B LMT X . -29.42 -4.44 -13.35
O6B LMT X . -31.24 -6.60 -13.75
C1' LMT X . -27.51 -1.64 -8.80
C2' LMT X . -26.69 -2.54 -9.62
C3' LMT X . -26.89 -2.24 -11.09
C4' LMT X . -28.43 -2.47 -11.48
C5' LMT X . -29.18 -1.41 -10.60
C6' LMT X . -30.67 -1.58 -10.84
O1' LMT X . -27.39 -2.15 -7.48
O2' LMT X . -25.31 -2.48 -9.30
O3' LMT X . -25.98 -3.05 -11.81
O5' LMT X . -28.89 -1.68 -9.20
O6' LMT X . -31.30 -0.31 -10.91
C1 LMT X . -26.85 -1.39 -6.43
C2 LMT X . -26.19 -2.32 -5.43
C3 LMT X . -26.96 -2.44 -4.12
C4 LMT X . -28.35 -3.00 -4.34
C5 LMT X . -28.31 -4.51 -4.63
C6 LMT X . -27.72 -5.31 -3.48
C7 LMT X . -28.51 -5.14 -2.19
C8 LMT X . -29.95 -5.60 -2.34
C9 LMT X . -30.04 -7.07 -2.71
C10 LMT X . -30.52 -7.24 -4.15
C11 LMT X . -31.70 -8.20 -4.23
C12 LMT X . -31.64 -9.01 -5.50
#